data_5EZ3
#
_entry.id   5EZ3
#
_cell.length_a   96.920
_cell.length_b   141.250
_cell.length_c   193.220
_cell.angle_alpha   90.000
_cell.angle_beta   90.000
_cell.angle_gamma   90.000
#
_symmetry.space_group_name_H-M   'P 21 21 21'
#
loop_
_entity.id
_entity.type
_entity.pdbx_description
1 polymer 'Acyl-CoA dehydrogenase'
2 non-polymer 'FLAVIN-ADENINE DINUCLEOTIDE'
3 non-polymer (4R)-2-METHYLPENTANE-2,4-DIOL
4 non-polymer (4S)-2-METHYL-2,4-PENTANEDIOL
5 non-polymer 'CACODYLATE ION'
6 water water
#
_entity_poly.entity_id   1
_entity_poly.type   'polypeptide(L)'
_entity_poly.pdbx_seq_one_letter_code
;MAHHHHHHMGTLEAQTQGPGSMLNQAKRNEPLKTHEVTNQTPPITGTNAYLGDPLLMQIAARFPKELHTELEQAGRFVLS
AEAQDLARLANTELPKLRTHDRQGRRIDLVEYHPAYHALMRRSVAQGLHSSIWEDNPLESGRRHQARAARFYLTAQLEAG
HLCPLTMTSASLAALMASPEVYKQWSPAVLSRKYDFSQKPAFRKQGVTLGMGMTEKQGGTDVRANATRAEPAIGGAWRLT
GHKWFMSAPMSDAFLTLAQTKEGLSCFLLPRLGEKGESNGFFFQRLKDKLGNRSNASSEVEFDGALGQMIGSPGEGVKTI
MDMVTLTRLDCAVASAGLMRSGLAEAVHHSRHRHVFGKPLVEQPLMQRVLADMALDVAGATALSMRLARAFDMAASDRAE
AAFARSMTPVVKYWVCKIAPALLYEAMECLGGNGYIEDGNLARAYREAPVNAIWEGSGNVMALDVARVLSRAPALFDGVL
DWISGQLGPRGQGTIDVLRAALQLTETDQGVARLLTEQLAFAAAAAELRQLGADDIADAFIETRLGGLWRTTYGMLDARH
NAMRIIDQLYPAS
;
_entity_poly.pdbx_strand_id   A,B,C,D
#
loop_
_chem_comp.id
_chem_comp.type
_chem_comp.name
_chem_comp.formula
CAC non-polymer 'CACODYLATE ION' 'C2 H6 As O2 -1'
FAD non-polymer 'FLAVIN-ADENINE DINUCLEOTIDE' 'C27 H33 N9 O15 P2'
MPD non-polymer (4S)-2-METHYL-2,4-PENTANEDIOL 'C6 H14 O2'
MRD non-polymer (4R)-2-METHYLPENTANE-2,4-DIOL 'C6 H14 O2'
#
# COMPACT_ATOMS: atom_id res chain seq x y z
N LYS A 33 8.60 -31.50 -7.23
CA LYS A 33 9.06 -30.71 -6.08
C LYS A 33 10.59 -30.78 -5.96
N THR A 34 11.19 -29.67 -5.53
CA THR A 34 12.63 -29.58 -5.33
C THR A 34 13.08 -30.03 -3.95
N HIS A 35 12.17 -30.16 -2.99
CA HIS A 35 12.53 -30.41 -1.60
C HIS A 35 11.27 -30.78 -0.84
N GLU A 36 11.45 -31.41 0.33
CA GLU A 36 10.38 -31.63 1.28
C GLU A 36 10.47 -30.60 2.39
N VAL A 37 9.31 -30.25 2.95
CA VAL A 37 9.23 -29.34 4.09
C VAL A 37 9.07 -30.20 5.34
N THR A 38 10.07 -30.18 6.22
CA THR A 38 10.14 -31.08 7.38
C THR A 38 10.52 -30.29 8.63
N ASN A 39 10.35 -30.96 9.78
CA ASN A 39 10.78 -30.43 11.08
C ASN A 39 10.09 -29.11 11.40
N GLN A 40 8.80 -29.02 11.10
CA GLN A 40 8.05 -27.79 11.35
C GLN A 40 7.23 -27.93 12.63
N THR A 41 7.07 -26.82 13.34
CA THR A 41 6.32 -26.83 14.60
C THR A 41 4.82 -26.72 14.32
N PRO A 42 4.02 -27.64 14.85
CA PRO A 42 2.56 -27.54 14.67
C PRO A 42 2.02 -26.30 15.36
N PRO A 43 0.95 -25.71 14.81
CA PRO A 43 0.42 -24.48 15.40
C PRO A 43 -0.17 -24.68 16.78
N ILE A 44 -0.05 -23.64 17.62
CA ILE A 44 -0.63 -23.67 18.96
C ILE A 44 -2.14 -23.39 18.95
N THR A 45 -2.66 -22.87 17.84
CA THR A 45 -4.08 -22.64 17.63
C THR A 45 -4.94 -23.84 18.03
N GLY A 46 -6.14 -23.56 18.56
CA GLY A 46 -7.09 -24.61 18.86
C GLY A 46 -7.05 -25.15 20.29
N THR A 47 -6.08 -24.72 21.10
CA THR A 47 -6.03 -25.20 22.47
C THR A 47 -6.60 -24.11 23.40
N ASN A 48 -6.30 -24.19 24.69
CA ASN A 48 -6.95 -23.32 25.68
C ASN A 48 -5.90 -22.55 26.48
N ALA A 49 -5.85 -21.23 26.29
CA ALA A 49 -4.82 -20.42 26.91
C ALA A 49 -4.98 -20.34 28.42
N TYR A 50 -6.21 -20.52 28.92
CA TYR A 50 -6.44 -20.51 30.36
C TYR A 50 -6.10 -21.87 30.99
N LEU A 51 -6.58 -22.97 30.41
CA LEU A 51 -6.27 -24.27 30.98
C LEU A 51 -4.81 -24.64 30.79
N GLY A 52 -4.11 -24.03 29.85
CA GLY A 52 -2.69 -24.27 29.69
C GLY A 52 -1.79 -23.47 30.61
N ASP A 53 -2.37 -22.75 31.56
CA ASP A 53 -1.63 -21.78 32.37
C ASP A 53 -1.89 -22.07 33.84
N PRO A 54 -1.12 -22.99 34.45
CA PRO A 54 -1.40 -23.34 35.86
C PRO A 54 -1.27 -22.18 36.84
N LEU A 55 -0.31 -21.26 36.65
CA LEU A 55 -0.20 -20.13 37.58
C LEU A 55 -1.48 -19.29 37.56
N LEU A 56 -2.00 -19.02 36.37
CA LEU A 56 -3.25 -18.26 36.25
C LEU A 56 -4.41 -19.00 36.89
N MET A 57 -4.51 -20.33 36.69
CA MET A 57 -5.58 -21.08 37.32
C MET A 57 -5.45 -21.03 38.84
N GLN A 58 -4.22 -21.09 39.34
CA GLN A 58 -4.00 -20.96 40.78
C GLN A 58 -4.44 -19.58 41.29
N ILE A 59 -4.09 -18.53 40.55
CA ILE A 59 -4.54 -17.18 40.91
C ILE A 59 -6.07 -17.11 40.96
N ALA A 60 -6.76 -17.83 40.08
CA ALA A 60 -8.21 -17.78 40.00
C ALA A 60 -8.90 -18.91 40.77
N ALA A 61 -8.14 -19.68 41.55
CA ALA A 61 -8.66 -20.93 42.10
C ALA A 61 -9.92 -20.71 42.95
N ARG A 62 -10.03 -19.58 43.64
CA ARG A 62 -11.15 -19.33 44.52
C ARG A 62 -12.28 -18.52 43.89
N PHE A 63 -12.16 -18.17 42.61
CA PHE A 63 -13.27 -17.55 41.90
C PHE A 63 -14.46 -18.53 41.88
N PRO A 64 -15.69 -18.01 41.81
CA PRO A 64 -16.86 -18.91 41.71
C PRO A 64 -16.84 -19.75 40.44
N LYS A 65 -17.60 -20.85 40.47
CA LYS A 65 -17.63 -21.78 39.33
C LYS A 65 -17.99 -21.08 38.03
N GLU A 66 -18.96 -20.18 38.05
CA GLU A 66 -19.38 -19.50 36.83
C GLU A 66 -18.24 -18.71 36.21
N LEU A 67 -17.38 -18.13 37.05
CA LEU A 67 -16.22 -17.39 36.55
C LEU A 67 -15.18 -18.33 35.94
N HIS A 68 -14.99 -19.51 36.54
CA HIS A 68 -14.11 -20.51 35.94
C HIS A 68 -14.59 -20.89 34.55
N THR A 69 -15.89 -21.14 34.40
CA THR A 69 -16.46 -21.48 33.10
C THR A 69 -16.22 -20.38 32.08
N GLU A 70 -16.39 -19.12 32.50
CA GLU A 70 -16.21 -18.01 31.59
C GLU A 70 -14.75 -17.86 31.18
N LEU A 71 -13.82 -18.10 32.11
CA LEU A 71 -12.41 -17.99 31.75
C LEU A 71 -11.99 -19.12 30.82
N GLU A 72 -12.56 -20.33 31.00
CA GLU A 72 -12.26 -21.43 30.08
C GLU A 72 -12.71 -21.12 28.66
N GLN A 73 -13.89 -20.49 28.52
CA GLN A 73 -14.38 -20.10 27.19
C GLN A 73 -13.52 -19.00 26.59
N ALA A 74 -13.09 -18.04 27.40
CA ALA A 74 -12.20 -17.00 26.91
C ALA A 74 -10.84 -17.57 26.53
N GLY A 75 -10.34 -18.53 27.35
CA GLY A 75 -9.07 -19.17 27.02
C GLY A 75 -9.10 -19.89 25.69
N ARG A 76 -10.26 -20.50 25.34
CA ARG A 76 -10.39 -21.10 24.02
C ARG A 76 -10.51 -20.03 22.93
N PHE A 77 -11.29 -18.98 23.17
CA PHE A 77 -11.47 -17.96 22.14
C PHE A 77 -10.14 -17.35 21.70
N VAL A 78 -9.25 -17.03 22.65
CA VAL A 78 -8.06 -16.24 22.29
C VAL A 78 -7.04 -17.06 21.50
N LEU A 79 -7.16 -18.38 21.50
CA LEU A 79 -6.32 -19.22 20.64
C LEU A 79 -7.07 -19.78 19.45
N SER A 80 -8.33 -19.42 19.25
CA SER A 80 -9.07 -19.95 18.12
C SER A 80 -8.58 -19.33 16.81
N ALA A 81 -8.65 -20.12 15.72
CA ALA A 81 -8.17 -19.63 14.44
C ALA A 81 -8.95 -18.41 13.98
N GLU A 82 -10.25 -18.37 14.26
CA GLU A 82 -11.07 -17.24 13.86
C GLU A 82 -10.62 -15.95 14.57
N ALA A 83 -10.43 -16.03 15.89
CA ALA A 83 -10.03 -14.85 16.64
C ALA A 83 -8.67 -14.37 16.21
N GLN A 84 -7.76 -15.31 15.96
CA GLN A 84 -6.41 -14.95 15.54
C GLN A 84 -6.41 -14.24 14.19
N ASP A 85 -7.33 -14.63 13.29
CA ASP A 85 -7.46 -13.90 12.04
C ASP A 85 -7.91 -12.46 12.28
N LEU A 86 -8.87 -12.26 13.19
CA LEU A 86 -9.28 -10.89 13.51
C LEU A 86 -8.11 -10.05 14.05
N ALA A 87 -7.30 -10.64 14.93
CA ALA A 87 -6.19 -9.90 15.52
C ALA A 87 -5.17 -9.51 14.45
N ARG A 88 -4.88 -10.42 13.52
CA ARG A 88 -3.96 -10.11 12.44
C ARG A 88 -4.52 -9.00 11.54
N LEU A 89 -5.78 -9.10 11.12
CA LEU A 89 -6.37 -8.11 10.22
C LEU A 89 -6.45 -6.74 10.88
N ALA A 90 -6.82 -6.70 12.17
CA ALA A 90 -6.90 -5.43 12.88
C ALA A 90 -5.57 -4.70 12.92
N ASN A 91 -4.46 -5.43 12.89
CA ASN A 91 -3.12 -4.83 12.95
C ASN A 91 -2.44 -4.68 11.60
N THR A 92 -2.99 -5.22 10.52
CA THR A 92 -2.41 -5.02 9.21
C THR A 92 -3.28 -4.17 8.30
N GLU A 93 -4.61 -4.16 8.50
CA GLU A 93 -5.52 -3.32 7.70
C GLU A 93 -5.79 -2.08 8.55
N LEU A 94 -4.97 -1.04 8.36
CA LEU A 94 -4.83 0.00 9.36
C LEU A 94 -5.96 1.04 9.27
N PRO A 95 -6.33 1.65 10.38
CA PRO A 95 -7.33 2.73 10.34
C PRO A 95 -6.88 3.86 9.42
N LYS A 96 -7.83 4.49 8.75
CA LYS A 96 -7.55 5.61 7.84
C LYS A 96 -8.33 6.82 8.32
N LEU A 97 -7.64 7.95 8.46
CA LEU A 97 -8.30 9.21 8.76
C LEU A 97 -8.91 9.78 7.49
N ARG A 98 -10.16 10.17 7.56
CA ARG A 98 -10.83 10.84 6.45
C ARG A 98 -11.27 12.21 6.96
N THR A 99 -10.47 13.23 6.64
CA THR A 99 -10.82 14.57 7.10
C THR A 99 -12.05 15.11 6.39
N HIS A 100 -12.24 14.73 5.12
CA HIS A 100 -13.28 15.33 4.29
C HIS A 100 -14.05 14.24 3.55
N ASP A 101 -15.28 14.59 3.13
CA ASP A 101 -16.02 13.72 2.23
C ASP A 101 -15.60 14.07 0.79
N ARG A 102 -16.18 13.36 -0.18
CA ARG A 102 -15.71 13.54 -1.54
C ARG A 102 -16.19 14.83 -2.18
N GLN A 103 -17.09 15.56 -1.53
CA GLN A 103 -17.49 16.86 -2.03
C GLN A 103 -16.74 18.01 -1.34
N GLY A 104 -15.93 17.71 -0.34
CA GLY A 104 -15.13 18.72 0.31
C GLY A 104 -15.63 19.26 1.62
N ARG A 105 -16.65 18.65 2.23
CA ARG A 105 -17.02 18.99 3.61
C ARG A 105 -16.13 18.28 4.59
N ARG A 106 -15.78 18.95 5.70
CA ARG A 106 -15.10 18.24 6.78
C ARG A 106 -16.03 17.22 7.41
N ILE A 107 -15.52 16.01 7.63
CA ILE A 107 -16.25 15.00 8.36
C ILE A 107 -15.46 14.46 9.55
N ASP A 108 -14.13 14.56 9.55
CA ASP A 108 -13.31 14.11 10.68
C ASP A 108 -13.69 12.71 11.15
N LEU A 109 -13.70 11.76 10.22
CA LEU A 109 -13.99 10.37 10.54
C LEU A 109 -12.73 9.53 10.42
N VAL A 110 -12.62 8.51 11.26
CA VAL A 110 -11.57 7.49 11.14
C VAL A 110 -12.28 6.17 10.87
N GLU A 111 -11.91 5.51 9.78
CA GLU A 111 -12.50 4.23 9.36
C GLU A 111 -11.59 3.09 9.77
N TYR A 112 -12.19 2.05 10.35
CA TYR A 112 -11.49 0.84 10.75
C TYR A 112 -11.96 -0.36 9.92
N HIS A 113 -11.09 -1.37 9.86
CA HIS A 113 -11.45 -2.66 9.30
C HIS A 113 -12.50 -3.32 10.18
N PRO A 114 -13.45 -4.06 9.58
CA PRO A 114 -14.45 -4.78 10.40
C PRO A 114 -13.87 -5.65 11.52
N ALA A 115 -12.65 -6.16 11.37
CA ALA A 115 -12.10 -6.98 12.45
C ALA A 115 -11.91 -6.18 13.74
N TYR A 116 -11.57 -4.89 13.64
CA TYR A 116 -11.47 -4.05 14.83
C TYR A 116 -12.81 -3.98 15.56
N HIS A 117 -13.88 -3.71 14.82
CA HIS A 117 -15.20 -3.58 15.42
C HIS A 117 -15.67 -4.91 16.00
N ALA A 118 -15.26 -6.03 15.41
CA ALA A 118 -15.65 -7.34 15.93
C ALA A 118 -14.97 -7.62 17.28
N LEU A 119 -13.70 -7.24 17.40
CA LEU A 119 -13.02 -7.39 18.68
C LEU A 119 -13.64 -6.47 19.74
N MET A 120 -13.90 -5.22 19.36
CA MET A 120 -14.52 -4.26 20.29
C MET A 120 -15.88 -4.76 20.77
N ARG A 121 -16.70 -5.23 19.83
CA ARG A 121 -18.04 -5.73 20.15
C ARG A 121 -17.98 -6.83 21.20
N ARG A 122 -17.07 -7.80 21.01
CA ARG A 122 -17.00 -8.90 21.96
C ARG A 122 -16.46 -8.43 23.30
N SER A 123 -15.40 -7.61 23.30
CA SER A 123 -14.83 -7.13 24.55
C SER A 123 -15.81 -6.25 25.32
N VAL A 124 -16.59 -5.42 24.63
CA VAL A 124 -17.61 -4.61 25.30
C VAL A 124 -18.73 -5.50 25.82
N ALA A 125 -19.15 -6.51 25.03
CA ALA A 125 -20.17 -7.43 25.52
C ALA A 125 -19.69 -8.17 26.75
N GLN A 126 -18.38 -8.39 26.87
CA GLN A 126 -17.77 -9.00 28.04
C GLN A 126 -17.55 -8.01 29.19
N GLY A 127 -17.86 -6.73 29.00
CA GLY A 127 -17.71 -5.76 30.06
C GLY A 127 -16.29 -5.36 30.40
N LEU A 128 -15.34 -5.48 29.48
CA LEU A 128 -13.97 -5.05 29.82
C LEU A 128 -13.89 -3.55 30.08
N HIS A 129 -14.87 -2.79 29.63
CA HIS A 129 -14.91 -1.35 29.86
C HIS A 129 -15.78 -0.94 31.05
N SER A 130 -16.49 -1.89 31.68
CA SER A 130 -17.58 -1.53 32.58
C SER A 130 -17.71 -2.37 33.84
N SER A 131 -17.13 -3.57 33.91
CA SER A 131 -17.57 -4.52 34.92
C SER A 131 -17.22 -4.09 36.34
N ILE A 132 -16.15 -3.31 36.55
CA ILE A 132 -15.82 -2.91 37.93
C ILE A 132 -16.86 -1.94 38.48
N TRP A 133 -17.67 -1.32 37.62
CA TRP A 133 -18.71 -0.39 38.03
C TRP A 133 -20.09 -1.04 38.11
N GLU A 134 -20.20 -2.34 37.81
CA GLU A 134 -21.48 -3.04 37.79
C GLU A 134 -21.75 -3.71 39.13
N ASP A 135 -23.02 -4.00 39.38
CA ASP A 135 -23.43 -4.69 40.59
C ASP A 135 -23.79 -6.13 40.23
N ASN A 136 -22.73 -6.96 40.09
CA ASN A 136 -22.83 -8.38 39.77
C ASN A 136 -22.51 -9.17 41.03
N PRO A 137 -23.51 -9.74 41.72
CA PRO A 137 -23.20 -10.46 42.97
C PRO A 137 -22.18 -11.58 42.81
N LEU A 138 -22.11 -12.23 41.64
CA LEU A 138 -21.08 -13.25 41.43
C LEU A 138 -19.66 -12.68 41.52
N GLU A 139 -19.47 -11.39 41.28
CA GLU A 139 -18.14 -10.80 41.31
C GLU A 139 -17.90 -9.93 42.53
N SER A 140 -18.80 -9.95 43.50
CA SER A 140 -18.65 -9.15 44.71
C SER A 140 -17.32 -9.45 45.38
N GLY A 141 -16.62 -8.40 45.81
CA GLY A 141 -15.30 -8.53 46.37
C GLY A 141 -14.22 -8.94 45.40
N ARG A 142 -14.52 -9.08 44.11
CA ARG A 142 -13.54 -9.58 43.16
C ARG A 142 -13.58 -8.85 41.82
N ARG A 143 -14.23 -7.69 41.75
CA ARG A 143 -14.49 -7.08 40.45
C ARG A 143 -13.19 -6.80 39.69
N HIS A 144 -12.19 -6.23 40.37
CA HIS A 144 -10.94 -5.90 39.70
C HIS A 144 -10.17 -7.15 39.28
N GLN A 145 -10.18 -8.19 40.13
CA GLN A 145 -9.47 -9.43 39.81
C GLN A 145 -10.17 -10.19 38.68
N ALA A 146 -11.51 -10.27 38.72
CA ALA A 146 -12.21 -10.97 37.65
C ALA A 146 -11.96 -10.29 36.31
N ARG A 147 -12.02 -8.96 36.27
CA ARG A 147 -11.74 -8.24 35.04
C ARG A 147 -10.29 -8.42 34.62
N ALA A 148 -9.36 -8.42 35.59
CA ALA A 148 -7.95 -8.50 35.25
C ALA A 148 -7.62 -9.85 34.62
N ALA A 149 -8.23 -10.94 35.11
CA ALA A 149 -8.04 -12.24 34.47
C ALA A 149 -8.53 -12.24 33.01
N ARG A 150 -9.67 -11.60 32.74
CA ARG A 150 -10.14 -11.52 31.35
C ARG A 150 -9.21 -10.67 30.51
N PHE A 151 -8.76 -9.56 31.08
CA PHE A 151 -7.85 -8.65 30.39
C PHE A 151 -6.55 -9.35 30.02
N TYR A 152 -5.99 -10.10 30.97
CA TYR A 152 -4.76 -10.87 30.75
C TYR A 152 -4.87 -11.79 29.54
N LEU A 153 -5.97 -12.53 29.46
CA LEU A 153 -6.18 -13.43 28.33
C LEU A 153 -6.35 -12.66 27.02
N THR A 154 -7.19 -11.62 27.01
CA THR A 154 -7.45 -10.88 25.77
C THR A 154 -6.17 -10.24 25.23
N ALA A 155 -5.31 -9.74 26.14
CA ALA A 155 -4.05 -9.15 25.72
C ALA A 155 -3.16 -10.15 24.99
N GLN A 156 -3.34 -11.46 25.23
CA GLN A 156 -2.60 -12.46 24.47
C GLN A 156 -3.07 -12.56 23.03
N LEU A 157 -4.30 -12.13 22.74
CA LEU A 157 -4.87 -12.17 21.40
C LEU A 157 -4.60 -10.87 20.63
N GLU A 158 -5.05 -9.74 21.18
CA GLU A 158 -4.95 -8.46 20.47
C GLU A 158 -4.95 -7.36 21.51
N ALA A 159 -3.88 -6.59 21.58
CA ALA A 159 -3.73 -5.59 22.63
C ALA A 159 -4.20 -4.21 22.22
N GLY A 160 -4.17 -3.88 20.92
CA GLY A 160 -4.47 -2.52 20.50
C GLY A 160 -5.86 -2.06 20.85
N HIS A 161 -6.86 -2.91 20.60
CA HIS A 161 -8.24 -2.48 20.86
C HIS A 161 -8.53 -2.38 22.36
N LEU A 162 -7.64 -2.86 23.22
CA LEU A 162 -7.81 -2.68 24.66
C LEU A 162 -7.70 -1.22 25.10
N CYS A 163 -7.02 -0.37 24.31
CA CYS A 163 -6.81 1.02 24.71
C CYS A 163 -8.11 1.75 24.99
N PRO A 164 -9.09 1.80 24.07
CA PRO A 164 -10.39 2.43 24.42
C PRO A 164 -11.11 1.76 25.59
N LEU A 165 -10.95 0.45 25.80
CA LEU A 165 -11.66 -0.18 26.92
C LEU A 165 -11.05 0.22 28.24
N THR A 166 -9.71 0.27 28.29
CA THR A 166 -8.99 0.77 29.45
C THR A 166 -9.38 2.21 29.75
N MET A 167 -9.41 3.07 28.74
CA MET A 167 -9.74 4.47 28.96
C MET A 167 -11.19 4.63 29.41
N THR A 168 -12.10 3.84 28.85
CA THR A 168 -13.50 3.96 29.20
C THR A 168 -13.74 3.53 30.64
N SER A 169 -13.18 2.39 31.04
CA SER A 169 -13.36 1.93 32.42
C SER A 169 -12.78 2.93 33.41
N ALA A 170 -11.61 3.48 33.10
CA ALA A 170 -10.94 4.38 34.03
C ALA A 170 -11.59 5.76 34.09
N SER A 171 -12.19 6.21 32.99
CA SER A 171 -12.76 7.56 32.91
C SER A 171 -13.85 7.79 33.94
N LEU A 172 -14.56 6.73 34.34
CA LEU A 172 -15.65 6.89 35.29
C LEU A 172 -15.15 7.29 36.67
N ALA A 173 -13.89 6.94 37.01
CA ALA A 173 -13.39 7.42 38.30
C ALA A 173 -13.24 8.93 38.31
N ALA A 174 -12.96 9.54 37.15
CA ALA A 174 -12.92 11.00 37.07
C ALA A 174 -14.31 11.60 37.06
N LEU A 175 -15.24 11.02 36.30
CA LEU A 175 -16.60 11.54 36.25
C LEU A 175 -17.25 11.56 37.64
N MET A 176 -16.82 10.68 38.54
CA MET A 176 -17.36 10.70 39.89
C MET A 176 -17.10 12.00 40.62
N ALA A 177 -16.10 12.78 40.19
CA ALA A 177 -15.83 14.07 40.83
C ALA A 177 -16.97 15.06 40.63
N SER A 178 -17.81 14.85 39.61
CA SER A 178 -19.00 15.66 39.37
C SER A 178 -20.18 14.70 39.30
N PRO A 179 -20.78 14.36 40.45
CA PRO A 179 -21.78 13.28 40.48
C PRO A 179 -22.98 13.46 39.54
N GLU A 180 -23.39 14.68 39.21
CA GLU A 180 -24.50 14.87 38.29
C GLU A 180 -24.14 14.45 36.87
N VAL A 181 -22.89 14.71 36.45
CA VAL A 181 -22.45 14.27 35.13
C VAL A 181 -22.28 12.76 35.13
N TYR A 182 -21.83 12.19 36.24
CA TYR A 182 -21.75 10.74 36.35
C TYR A 182 -23.13 10.12 36.12
N LYS A 183 -24.16 10.63 36.80
CA LYS A 183 -25.51 10.10 36.62
C LYS A 183 -25.99 10.24 35.18
N GLN A 184 -25.59 11.32 34.52
CA GLN A 184 -26.03 11.60 33.15
C GLN A 184 -25.38 10.65 32.15
N TRP A 185 -24.10 10.33 32.34
CA TRP A 185 -23.33 9.59 31.33
C TRP A 185 -23.19 8.09 31.61
N SER A 186 -23.23 7.65 32.87
CA SER A 186 -22.84 6.26 33.17
C SER A 186 -23.74 5.19 32.54
N PRO A 187 -25.06 5.36 32.41
CA PRO A 187 -25.82 4.30 31.71
C PRO A 187 -25.30 4.07 30.31
N ALA A 188 -25.00 5.14 29.56
CA ALA A 188 -24.48 4.96 28.22
C ALA A 188 -23.08 4.37 28.22
N VAL A 189 -22.23 4.82 29.15
CA VAL A 189 -20.86 4.33 29.20
C VAL A 189 -20.85 2.85 29.58
N LEU A 190 -21.64 2.48 30.59
CA LEU A 190 -21.64 1.12 31.12
C LEU A 190 -22.40 0.14 30.24
N SER A 191 -23.14 0.61 29.24
CA SER A 191 -23.84 -0.30 28.35
C SER A 191 -22.87 -1.29 27.72
N ARG A 192 -23.29 -2.55 27.65
CA ARG A 192 -22.51 -3.59 27.00
C ARG A 192 -22.82 -3.73 25.51
N LYS A 193 -23.43 -2.72 24.90
CA LYS A 193 -23.70 -2.74 23.47
C LYS A 193 -22.72 -1.79 22.80
N TYR A 194 -21.88 -2.33 21.92
CA TYR A 194 -20.92 -1.52 21.19
C TYR A 194 -21.60 -0.86 20.00
N ASP A 195 -21.31 0.42 19.79
CA ASP A 195 -21.97 1.22 18.76
C ASP A 195 -20.93 2.16 18.17
N PHE A 196 -20.53 1.94 16.92
CA PHE A 196 -19.53 2.78 16.27
C PHE A 196 -20.15 3.75 15.26
N SER A 197 -21.48 3.92 15.29
CA SER A 197 -22.14 4.84 14.38
C SER A 197 -21.82 6.29 14.75
N GLN A 198 -22.11 7.19 13.81
CA GLN A 198 -21.83 8.62 14.01
C GLN A 198 -23.01 9.38 14.58
N LYS A 199 -23.80 8.77 15.47
CA LYS A 199 -24.89 9.48 16.14
C LYS A 199 -24.38 10.28 17.34
N PRO A 200 -25.12 11.31 17.75
CA PRO A 200 -24.83 11.96 19.05
C PRO A 200 -24.84 10.95 20.19
N ALA A 201 -24.04 11.24 21.22
CA ALA A 201 -23.78 10.28 22.29
C ALA A 201 -25.05 9.72 22.93
N PHE A 202 -26.03 10.56 23.20
CA PHE A 202 -27.21 10.06 23.89
C PHE A 202 -28.24 9.43 22.95
N ARG A 203 -27.93 9.30 21.66
CA ARG A 203 -28.73 8.48 20.75
C ARG A 203 -28.09 7.13 20.42
N LYS A 204 -26.94 6.82 21.00
CA LYS A 204 -26.24 5.57 20.72
C LYS A 204 -26.62 4.48 21.72
N GLN A 205 -26.37 3.23 21.30
CA GLN A 205 -26.64 2.08 22.16
C GLN A 205 -25.64 1.96 23.31
N GLY A 206 -24.46 2.55 23.16
CA GLY A 206 -23.46 2.63 24.21
C GLY A 206 -22.35 3.53 23.73
N VAL A 207 -21.57 4.06 24.67
CA VAL A 207 -20.52 4.99 24.31
C VAL A 207 -19.18 4.57 24.93
N THR A 208 -18.09 5.06 24.32
CA THR A 208 -16.74 4.91 24.83
C THR A 208 -16.12 6.28 25.05
N LEU A 209 -15.11 6.33 25.95
CA LEU A 209 -14.47 7.59 26.34
C LEU A 209 -12.96 7.49 26.20
N GLY A 210 -12.34 8.58 25.72
CA GLY A 210 -10.89 8.68 25.56
C GLY A 210 -10.28 9.76 26.44
N MET A 211 -9.02 10.12 26.16
CA MET A 211 -8.28 11.06 27.02
C MET A 211 -7.50 12.05 26.16
N GLY A 212 -7.72 13.33 26.37
CA GLY A 212 -6.96 14.38 25.69
C GLY A 212 -6.08 15.14 26.66
N MET A 213 -4.84 14.66 26.84
CA MET A 213 -3.97 15.25 27.84
CA MET A 213 -3.94 15.18 27.87
C MET A 213 -2.68 15.79 27.27
N THR A 214 -1.93 14.98 26.52
CA THR A 214 -0.62 15.35 26.00
C THR A 214 -0.69 16.48 24.98
N GLU A 215 0.21 17.45 25.12
CA GLU A 215 0.39 18.46 24.07
C GLU A 215 1.81 18.39 23.54
N LYS A 216 2.06 19.10 22.42
CA LYS A 216 3.36 19.02 21.75
C LYS A 216 4.51 19.39 22.69
N GLN A 217 4.28 20.36 23.59
CA GLN A 217 5.34 20.81 24.49
C GLN A 217 5.52 19.92 25.71
N GLY A 218 4.64 18.92 25.90
CA GLY A 218 4.80 17.98 26.98
C GLY A 218 3.56 17.20 27.35
N GLY A 219 3.75 15.90 27.62
CA GLY A 219 2.72 15.04 28.18
C GLY A 219 2.90 14.78 29.66
N THR A 220 4.15 14.84 30.16
CA THR A 220 4.38 14.66 31.58
C THR A 220 3.96 15.90 32.36
N ASP A 221 4.40 17.07 31.91
CA ASP A 221 4.16 18.36 32.57
C ASP A 221 2.84 18.92 32.04
N VAL A 222 1.72 18.35 32.52
CA VAL A 222 0.41 18.77 32.04
C VAL A 222 0.09 20.21 32.48
N ARG A 223 0.71 20.70 33.55
CA ARG A 223 0.48 22.09 33.90
C ARG A 223 1.05 23.06 32.87
N ALA A 224 1.88 22.57 31.94
CA ALA A 224 2.31 23.36 30.80
C ALA A 224 1.34 23.27 29.62
N ASN A 225 0.20 22.57 29.77
CA ASN A 225 -0.84 22.61 28.75
C ASN A 225 -1.16 24.05 28.34
N ALA A 226 -1.44 24.24 27.04
CA ALA A 226 -1.84 25.56 26.54
C ALA A 226 -3.27 25.60 26.03
N THR A 227 -3.93 24.44 25.86
CA THR A 227 -5.36 24.45 25.58
C THR A 227 -6.07 25.25 26.67
N ARG A 228 -6.99 26.12 26.28
CA ARG A 228 -7.65 27.01 27.22
C ARG A 228 -9.17 26.77 27.17
N ALA A 229 -9.82 26.97 28.32
CA ALA A 229 -11.26 26.79 28.43
C ALA A 229 -11.86 28.09 28.93
N GLU A 230 -12.93 28.53 28.27
CA GLU A 230 -13.61 29.77 28.56
C GLU A 230 -15.09 29.52 28.81
N PRO A 231 -15.69 30.23 29.75
CA PRO A 231 -17.12 30.02 30.04
C PRO A 231 -17.97 30.26 28.81
N ALA A 232 -19.00 29.42 28.64
CA ALA A 232 -19.96 29.55 27.56
C ALA A 232 -21.37 29.59 28.15
N ILE A 233 -22.34 29.90 27.30
CA ILE A 233 -23.73 30.01 27.74
C ILE A 233 -24.21 28.67 28.29
N GLY A 234 -24.94 28.73 29.40
CA GLY A 234 -25.52 27.53 29.97
C GLY A 234 -24.63 26.76 30.90
N GLY A 235 -23.54 27.36 31.39
CA GLY A 235 -22.64 26.68 32.28
C GLY A 235 -21.66 25.74 31.62
N ALA A 236 -21.65 25.65 30.29
CA ALA A 236 -20.65 24.86 29.59
C ALA A 236 -19.36 25.68 29.42
N TRP A 237 -18.37 25.05 28.79
CA TRP A 237 -17.07 25.65 28.54
C TRP A 237 -16.66 25.42 27.10
N ARG A 238 -15.95 26.39 26.51
CA ARG A 238 -15.41 26.28 25.16
C ARG A 238 -13.88 26.14 25.21
N LEU A 239 -13.37 25.12 24.53
CA LEU A 239 -11.96 24.79 24.55
C LEU A 239 -11.32 25.08 23.20
N THR A 240 -10.15 25.71 23.23
CA THR A 240 -9.37 26.01 22.04
C THR A 240 -7.94 25.59 22.35
N GLY A 241 -7.36 24.79 21.46
CA GLY A 241 -6.00 24.30 21.64
C GLY A 241 -5.73 23.09 20.78
N HIS A 242 -5.01 22.12 21.33
CA HIS A 242 -4.61 20.94 20.58
C HIS A 242 -4.27 19.83 21.57
N LYS A 243 -4.36 18.58 21.11
CA LYS A 243 -3.83 17.44 21.84
C LYS A 243 -3.00 16.65 20.86
N TRP A 244 -1.77 16.31 21.27
CA TRP A 244 -0.75 15.79 20.35
C TRP A 244 -0.88 14.28 20.12
N PHE A 245 -1.47 13.55 21.05
CA PHE A 245 -1.67 12.10 20.97
C PHE A 245 -3.07 11.85 21.54
N MET A 246 -4.06 11.60 20.69
CA MET A 246 -5.38 11.24 21.21
C MET A 246 -5.79 9.92 20.56
N SER A 247 -5.66 8.84 21.32
CA SER A 247 -5.98 7.51 20.85
C SER A 247 -7.49 7.31 20.83
N ALA A 248 -7.92 6.28 20.10
CA ALA A 248 -9.31 5.97 19.88
C ALA A 248 -10.13 7.22 19.52
N PRO A 249 -9.77 7.91 18.41
CA PRO A 249 -10.43 9.19 18.10
C PRO A 249 -11.92 9.11 17.83
N MET A 250 -12.47 7.92 17.50
CA MET A 250 -13.91 7.78 17.31
C MET A 250 -14.63 7.50 18.62
N SER A 251 -13.93 7.61 19.75
CA SER A 251 -14.63 7.65 21.03
C SER A 251 -15.65 8.78 21.00
N ASP A 252 -16.66 8.64 21.86
CA ASP A 252 -17.76 9.60 21.83
C ASP A 252 -17.48 10.84 22.64
N ALA A 253 -16.62 10.76 23.64
CA ALA A 253 -16.20 11.95 24.38
C ALA A 253 -14.83 11.67 24.97
N PHE A 254 -14.15 12.76 25.36
CA PHE A 254 -12.78 12.67 25.83
C PHE A 254 -12.62 13.49 27.11
N LEU A 255 -11.97 12.90 28.10
CA LEU A 255 -11.60 13.65 29.30
CA LEU A 255 -11.60 13.65 29.30
C LEU A 255 -10.36 14.47 28.98
N THR A 256 -10.50 15.80 29.04
CA THR A 256 -9.50 16.72 28.50
C THR A 256 -9.05 17.72 29.56
N LEU A 257 -7.75 17.99 29.57
CA LEU A 257 -7.19 19.01 30.46
C LEU A 257 -7.08 20.33 29.70
N ALA A 258 -7.50 21.41 30.35
CA ALA A 258 -7.35 22.74 29.78
C ALA A 258 -7.21 23.77 30.90
N GLN A 259 -6.58 24.89 30.59
CA GLN A 259 -6.36 25.96 31.55
C GLN A 259 -7.61 26.81 31.73
N THR A 260 -7.92 27.17 32.97
CA THR A 260 -8.92 28.18 33.29
C THR A 260 -8.25 29.21 34.18
N LYS A 261 -9.01 30.26 34.59
CA LYS A 261 -8.41 31.28 35.44
C LYS A 261 -7.86 30.70 36.73
N GLU A 262 -8.43 29.58 37.21
CA GLU A 262 -7.98 28.97 38.46
C GLU A 262 -6.83 28.00 38.28
N GLY A 263 -6.40 27.71 37.06
CA GLY A 263 -5.38 26.70 36.85
C GLY A 263 -5.86 25.59 35.94
N LEU A 264 -5.16 24.46 35.94
CA LEU A 264 -5.52 23.36 35.05
C LEU A 264 -6.80 22.68 35.52
N SER A 265 -7.78 22.57 34.63
CA SER A 265 -9.05 21.94 34.93
C SER A 265 -9.31 20.77 33.98
N CYS A 266 -10.22 19.89 34.39
CA CYS A 266 -10.59 18.73 33.61
C CYS A 266 -11.98 18.94 33.00
N PHE A 267 -12.16 18.43 31.78
CA PHE A 267 -13.43 18.60 31.06
C PHE A 267 -13.81 17.29 30.38
N LEU A 268 -15.12 17.09 30.23
CA LEU A 268 -15.67 16.01 29.42
C LEU A 268 -16.10 16.65 28.11
N LEU A 269 -15.46 16.26 27.02
CA LEU A 269 -15.61 16.94 25.74
C LEU A 269 -16.20 15.99 24.70
N PRO A 270 -17.48 16.11 24.33
CA PRO A 270 -18.03 15.21 23.30
C PRO A 270 -17.47 15.53 21.92
N ARG A 271 -17.26 14.48 21.14
CA ARG A 271 -16.74 14.67 19.79
C ARG A 271 -17.77 15.32 18.88
N LEU A 272 -19.05 14.97 19.04
CA LEU A 272 -20.13 15.46 18.21
C LEU A 272 -21.10 16.28 19.05
N GLY A 273 -21.79 17.23 18.39
CA GLY A 273 -22.85 17.98 19.02
C GLY A 273 -24.15 17.22 19.05
N GLU A 274 -25.18 17.88 19.60
CA GLU A 274 -26.47 17.23 19.83
C GLU A 274 -27.17 16.80 18.55
N LYS A 275 -26.85 17.43 17.41
CA LYS A 275 -27.45 17.06 16.13
C LYS A 275 -26.52 16.17 15.29
N GLY A 276 -25.41 15.72 15.86
CA GLY A 276 -24.45 14.94 15.11
C GLY A 276 -23.42 15.75 14.37
N GLU A 277 -23.46 17.08 14.48
CA GLU A 277 -22.51 17.97 13.83
C GLU A 277 -21.20 17.99 14.58
N SER A 278 -20.16 18.49 13.93
CA SER A 278 -18.87 18.56 14.58
C SER A 278 -18.92 19.52 15.77
N ASN A 279 -18.23 19.17 16.84
CA ASN A 279 -18.13 19.99 18.05
C ASN A 279 -16.73 20.60 18.13
N GLY A 280 -16.20 21.06 17.00
CA GLY A 280 -14.94 21.76 17.00
C GLY A 280 -13.70 20.89 17.09
N PHE A 281 -13.81 19.61 16.74
CA PHE A 281 -12.65 18.71 16.64
C PHE A 281 -12.13 18.79 15.20
N PHE A 282 -10.82 19.01 15.05
CA PHE A 282 -10.20 18.99 13.72
C PHE A 282 -9.04 18.01 13.78
N PHE A 283 -9.27 16.78 13.32
CA PHE A 283 -8.18 15.81 13.27
C PHE A 283 -7.22 16.17 12.15
N GLN A 284 -5.93 16.16 12.46
CA GLN A 284 -4.91 16.54 11.48
C GLN A 284 -4.33 15.33 10.76
N ARG A 285 -3.89 14.33 11.51
CA ARG A 285 -3.19 13.14 11.03
C ARG A 285 -3.37 12.01 12.03
N LEU A 286 -3.14 10.79 11.57
CA LEU A 286 -2.93 9.65 12.43
C LEU A 286 -1.42 9.41 12.56
N LYS A 287 -0.99 9.02 13.75
CA LYS A 287 0.41 8.62 13.94
C LYS A 287 0.72 7.36 13.15
N ASP A 288 1.93 7.31 12.59
CA ASP A 288 2.47 6.08 12.00
C ASP A 288 3.35 5.41 13.07
N LYS A 289 2.79 4.41 13.74
CA LYS A 289 3.34 3.88 14.99
C LYS A 289 4.15 2.61 14.78
N LEU A 290 5.17 2.45 15.64
CA LEU A 290 5.96 1.23 15.69
C LEU A 290 5.07 -0.01 15.85
N GLY A 291 4.15 0.04 16.81
CA GLY A 291 3.25 -1.06 17.07
C GLY A 291 1.93 -0.48 17.55
N ASN A 292 1.08 -1.29 18.19
CA ASN A 292 -0.21 -0.80 18.66
C ASN A 292 -1.02 -0.23 17.50
N ARG A 293 -0.74 -0.74 16.30
CA ARG A 293 -1.22 -0.10 15.08
CA ARG A 293 -1.21 -0.15 15.04
C ARG A 293 -2.71 -0.34 14.80
N SER A 294 -3.32 -1.34 15.44
CA SER A 294 -4.77 -1.49 15.33
C SER A 294 -5.52 -0.36 16.00
N ASN A 295 -4.87 0.34 16.93
CA ASN A 295 -5.42 1.45 17.69
C ASN A 295 -5.00 2.75 17.01
N ALA A 296 -5.96 3.47 16.41
CA ALA A 296 -5.62 4.74 15.79
C ALA A 296 -5.25 5.76 16.87
N SER A 297 -4.15 6.48 16.67
CA SER A 297 -3.79 7.60 17.52
C SER A 297 -3.72 8.86 16.65
N SER A 298 -4.52 9.86 17.01
CA SER A 298 -4.68 11.05 16.20
C SER A 298 -3.98 12.25 16.82
N GLU A 299 -3.71 13.23 15.98
CA GLU A 299 -3.39 14.61 16.35
C GLU A 299 -4.63 15.46 16.10
N VAL A 300 -5.06 16.23 17.12
CA VAL A 300 -6.32 16.95 17.02
C VAL A 300 -6.11 18.40 17.42
N GLU A 301 -6.91 19.29 16.84
CA GLU A 301 -6.97 20.67 17.28
C GLU A 301 -8.41 21.01 17.62
N PHE A 302 -8.57 21.79 18.68
CA PHE A 302 -9.88 22.18 19.19
C PHE A 302 -10.09 23.63 18.85
N ASP A 303 -11.26 23.95 18.29
CA ASP A 303 -11.64 25.33 18.01
C ASP A 303 -13.05 25.54 18.53
N GLY A 304 -13.16 26.06 19.76
CA GLY A 304 -14.46 26.33 20.34
C GLY A 304 -15.25 25.09 20.72
N ALA A 305 -14.56 24.01 21.07
CA ALA A 305 -15.23 22.77 21.45
C ALA A 305 -15.93 22.91 22.80
N LEU A 306 -17.24 22.58 22.84
CA LEU A 306 -18.10 22.71 24.02
C LEU A 306 -18.02 21.49 24.92
N GLY A 307 -17.72 21.73 26.21
CA GLY A 307 -17.63 20.63 27.16
C GLY A 307 -18.14 20.99 28.53
N GLN A 308 -18.20 19.98 29.40
CA GLN A 308 -18.59 20.15 30.80
C GLN A 308 -17.36 20.02 31.67
N MET A 309 -17.23 20.91 32.66
CA MET A 309 -16.15 20.76 33.61
C MET A 309 -16.39 19.55 34.51
N ILE A 310 -15.32 18.81 34.77
CA ILE A 310 -15.35 17.66 35.66
C ILE A 310 -14.49 18.01 36.87
N GLY A 311 -15.09 17.94 38.06
CA GLY A 311 -14.38 18.36 39.25
C GLY A 311 -14.35 19.88 39.39
N SER A 312 -13.60 20.34 40.41
CA SER A 312 -13.56 21.76 40.73
C SER A 312 -12.62 22.49 39.78
N PRO A 313 -12.90 23.77 39.50
CA PRO A 313 -11.95 24.56 38.69
C PRO A 313 -10.56 24.55 39.29
N GLY A 314 -9.55 24.30 38.46
CA GLY A 314 -8.18 24.25 38.90
C GLY A 314 -7.74 22.94 39.54
N GLU A 315 -8.64 21.96 39.64
CA GLU A 315 -8.31 20.67 40.25
C GLU A 315 -8.23 19.54 39.20
N GLY A 316 -7.87 19.88 37.97
CA GLY A 316 -7.82 18.87 36.92
C GLY A 316 -6.89 17.72 37.25
N VAL A 317 -5.73 18.03 37.86
CA VAL A 317 -4.77 16.98 38.21
C VAL A 317 -5.36 16.03 39.24
N LYS A 318 -5.93 16.57 40.34
CA LYS A 318 -6.54 15.73 41.37
C LYS A 318 -7.69 14.90 40.81
N THR A 319 -8.49 15.50 39.92
CA THR A 319 -9.66 14.83 39.37
C THR A 319 -9.31 13.54 38.61
N ILE A 320 -8.17 13.53 37.90
CA ILE A 320 -7.84 12.39 37.05
C ILE A 320 -6.88 11.43 37.73
N MET A 321 -6.61 11.62 39.03
CA MET A 321 -5.61 10.79 39.71
C MET A 321 -6.03 9.32 39.74
N ASP A 322 -7.28 9.06 40.12
CA ASP A 322 -7.77 7.69 40.20
C ASP A 322 -7.95 7.07 38.82
N MET A 323 -8.40 7.86 37.85
CA MET A 323 -8.49 7.38 36.47
C MET A 323 -7.14 6.87 35.98
N VAL A 324 -6.09 7.68 36.16
CA VAL A 324 -4.73 7.28 35.79
C VAL A 324 -4.31 6.00 36.52
N THR A 325 -4.55 5.95 37.84
CA THR A 325 -4.17 4.76 38.60
C THR A 325 -4.80 3.50 38.03
N LEU A 326 -6.07 3.57 37.64
CA LEU A 326 -6.74 2.43 37.03
C LEU A 326 -6.10 2.03 35.71
N THR A 327 -5.71 3.00 34.87
CA THR A 327 -5.09 2.64 33.60
C THR A 327 -3.75 1.94 33.83
N ARG A 328 -3.05 2.29 34.93
CA ARG A 328 -1.74 1.72 35.23
C ARG A 328 -1.79 0.24 35.58
N LEU A 329 -2.82 -0.19 36.32
CA LEU A 329 -2.99 -1.63 36.52
C LEU A 329 -3.17 -2.35 35.18
N ASP A 330 -4.01 -1.77 34.30
CA ASP A 330 -4.27 -2.39 33.00
C ASP A 330 -2.98 -2.54 32.18
N CYS A 331 -2.11 -1.52 32.22
CA CYS A 331 -0.84 -1.62 31.50
C CYS A 331 -0.03 -2.81 31.97
N ALA A 332 0.02 -3.02 33.29
CA ALA A 332 0.77 -4.15 33.84
C ALA A 332 0.13 -5.47 33.45
N VAL A 333 -1.19 -5.60 33.66
CA VAL A 333 -1.87 -6.86 33.34
C VAL A 333 -1.69 -7.22 31.87
N ALA A 334 -1.80 -6.24 30.97
CA ALA A 334 -1.63 -6.49 29.54
C ALA A 334 -0.19 -6.85 29.19
N SER A 335 0.79 -6.16 29.77
CA SER A 335 2.18 -6.49 29.49
C SER A 335 2.49 -7.91 29.95
N ALA A 336 1.97 -8.30 31.11
CA ALA A 336 2.16 -9.68 31.55
C ALA A 336 1.55 -10.66 30.56
N GLY A 337 0.36 -10.34 30.04
CA GLY A 337 -0.27 -11.20 29.05
C GLY A 337 0.53 -11.28 27.75
N LEU A 338 1.01 -10.12 27.26
CA LEU A 338 1.91 -10.13 26.10
C LEU A 338 3.08 -11.09 26.31
N MET A 339 3.77 -10.97 27.45
CA MET A 339 4.94 -11.82 27.73
C MET A 339 4.56 -13.28 27.85
N ARG A 340 3.45 -13.58 28.56
CA ARG A 340 2.98 -14.95 28.68
C ARG A 340 2.75 -15.58 27.31
N SER A 341 2.10 -14.85 26.41
CA SER A 341 1.77 -15.41 25.10
C SER A 341 3.02 -15.66 24.24
N GLY A 342 3.94 -14.69 24.21
CA GLY A 342 5.16 -14.87 23.44
C GLY A 342 6.04 -15.99 23.98
N LEU A 343 6.16 -16.09 25.32
CA LEU A 343 6.97 -17.17 25.86
C LEU A 343 6.31 -18.53 25.62
N ALA A 344 4.96 -18.59 25.70
CA ALA A 344 4.29 -19.86 25.43
C ALA A 344 4.62 -20.38 24.03
N GLU A 345 4.73 -19.47 23.05
CA GLU A 345 5.07 -19.88 21.69
C GLU A 345 6.50 -20.39 21.60
N ALA A 346 7.43 -19.72 22.28
CA ALA A 346 8.82 -20.18 22.31
C ALA A 346 8.95 -21.55 22.98
N VAL A 347 8.24 -21.77 24.08
CA VAL A 347 8.30 -23.08 24.74
C VAL A 347 7.73 -24.16 23.83
N HIS A 348 6.57 -23.87 23.23
CA HIS A 348 5.91 -24.83 22.36
C HIS A 348 6.81 -25.19 21.17
N HIS A 349 7.45 -24.19 20.57
CA HIS A 349 8.37 -24.42 19.45
C HIS A 349 9.51 -25.33 19.86
N SER A 350 10.09 -25.09 21.03
CA SER A 350 11.20 -25.90 21.52
C SER A 350 10.79 -27.35 21.71
N ARG A 351 9.54 -27.61 22.09
CA ARG A 351 9.12 -28.98 22.29
C ARG A 351 9.04 -29.75 20.98
N HIS A 352 8.83 -29.06 19.85
CA HIS A 352 8.65 -29.75 18.57
C HIS A 352 9.83 -29.62 17.62
N ARG A 353 10.51 -28.47 17.58
CA ARG A 353 11.60 -28.25 16.63
C ARG A 353 12.83 -29.07 17.05
N HIS A 354 13.34 -29.90 16.14
CA HIS A 354 14.54 -30.69 16.36
C HIS A 354 15.78 -29.97 15.82
N VAL A 355 16.87 -30.06 16.58
CA VAL A 355 18.20 -29.65 16.14
C VAL A 355 19.20 -30.67 16.68
N PHE A 356 20.06 -31.17 15.79
CA PHE A 356 21.04 -32.21 16.12
C PHE A 356 20.36 -33.47 16.69
N GLY A 357 19.20 -33.81 16.13
CA GLY A 357 18.56 -35.09 16.39
C GLY A 357 17.58 -35.15 17.56
N LYS A 358 17.42 -34.08 18.32
CA LYS A 358 16.50 -34.11 19.45
C LYS A 358 15.77 -32.79 19.57
N PRO A 359 14.67 -32.74 20.31
CA PRO A 359 13.95 -31.47 20.49
C PRO A 359 14.81 -30.42 21.17
N LEU A 360 14.61 -29.15 20.77
CA LEU A 360 15.34 -28.06 21.40
C LEU A 360 15.12 -28.03 22.91
N VAL A 361 13.93 -28.43 23.37
CA VAL A 361 13.64 -28.39 24.80
C VAL A 361 14.47 -29.39 25.58
N GLU A 362 15.13 -30.33 24.92
CA GLU A 362 16.04 -31.25 25.60
C GLU A 362 17.47 -30.72 25.67
N GLN A 363 17.75 -29.58 25.06
CA GLN A 363 19.08 -28.99 25.17
C GLN A 363 19.20 -28.21 26.47
N PRO A 364 20.21 -28.50 27.29
CA PRO A 364 20.28 -27.81 28.59
C PRO A 364 20.30 -26.29 28.48
N LEU A 365 21.01 -25.74 27.49
CA LEU A 365 21.10 -24.28 27.37
C LEU A 365 19.76 -23.67 26.99
N MET A 366 19.03 -24.27 26.05
CA MET A 366 17.71 -23.74 25.73
C MET A 366 16.79 -23.83 26.94
N GLN A 367 16.97 -24.87 27.77
CA GLN A 367 16.17 -25.02 28.98
C GLN A 367 16.41 -23.89 29.96
N ARG A 368 17.67 -23.51 30.14
CA ARG A 368 17.99 -22.41 31.05
C ARG A 368 17.39 -21.09 30.57
N VAL A 369 17.44 -20.86 29.25
CA VAL A 369 16.93 -19.61 28.68
C VAL A 369 15.42 -19.53 28.85
N LEU A 370 14.71 -20.61 28.48
CA LEU A 370 13.26 -20.65 28.60
C LEU A 370 12.82 -20.55 30.05
N ALA A 371 13.47 -21.30 30.93
CA ALA A 371 13.08 -21.26 32.33
C ALA A 371 13.36 -19.89 32.94
N ASP A 372 14.48 -19.27 32.58
CA ASP A 372 14.81 -17.96 33.14
C ASP A 372 13.76 -16.93 32.76
N MET A 373 13.30 -16.94 31.50
CA MET A 373 12.21 -16.06 31.10
C MET A 373 10.92 -16.39 31.84
N ALA A 374 10.64 -17.69 32.04
CA ALA A 374 9.42 -18.12 32.71
C ALA A 374 9.33 -17.58 34.13
N LEU A 375 10.47 -17.47 34.81
CA LEU A 375 10.48 -16.91 36.16
C LEU A 375 10.01 -15.45 36.16
N ASP A 376 10.46 -14.64 35.20
CA ASP A 376 10.00 -13.26 35.16
C ASP A 376 8.52 -13.18 34.75
N VAL A 377 8.08 -14.01 33.79
CA VAL A 377 6.66 -13.99 33.41
C VAL A 377 5.78 -14.40 34.59
N ALA A 378 6.19 -15.43 35.33
CA ALA A 378 5.42 -15.84 36.51
C ALA A 378 5.42 -14.74 37.58
N GLY A 379 6.59 -14.16 37.87
CA GLY A 379 6.64 -13.09 38.86
C GLY A 379 5.81 -11.88 38.46
N ALA A 380 5.86 -11.50 37.16
CA ALA A 380 5.11 -10.35 36.68
C ALA A 380 3.61 -10.62 36.70
N THR A 381 3.20 -11.83 36.32
CA THR A 381 1.78 -12.18 36.36
C THR A 381 1.26 -12.20 37.78
N ALA A 382 2.00 -12.83 38.69
CA ALA A 382 1.59 -12.88 40.09
C ALA A 382 1.49 -11.49 40.70
N LEU A 383 2.49 -10.64 40.44
CA LEU A 383 2.50 -9.32 41.03
C LEU A 383 1.36 -8.45 40.49
N SER A 384 1.11 -8.52 39.18
CA SER A 384 0.03 -7.72 38.58
C SER A 384 -1.32 -8.13 39.15
N MET A 385 -1.59 -9.44 39.20
CA MET A 385 -2.85 -9.89 39.78
C MET A 385 -2.91 -9.61 41.28
N ARG A 386 -1.76 -9.62 41.96
CA ARG A 386 -1.79 -9.23 43.37
C ARG A 386 -2.17 -7.77 43.52
N LEU A 387 -1.75 -6.92 42.58
CA LEU A 387 -2.21 -5.53 42.62
C LEU A 387 -3.72 -5.45 42.43
N ALA A 388 -4.27 -6.22 41.46
CA ALA A 388 -5.71 -6.27 41.30
C ALA A 388 -6.40 -6.66 42.60
N ARG A 389 -5.85 -7.65 43.31
CA ARG A 389 -6.43 -8.04 44.59
C ARG A 389 -6.38 -6.90 45.60
N ALA A 390 -5.28 -6.14 45.60
CA ALA A 390 -5.22 -4.97 46.47
C ALA A 390 -6.31 -3.95 46.14
N PHE A 391 -6.61 -3.77 44.84
CA PHE A 391 -7.69 -2.87 44.46
C PHE A 391 -9.04 -3.35 45.01
N ASP A 392 -9.32 -4.66 44.92
CA ASP A 392 -10.58 -5.19 45.45
C ASP A 392 -10.66 -5.04 46.97
N MET A 393 -9.55 -5.21 47.68
CA MET A 393 -9.61 -5.22 49.13
C MET A 393 -9.39 -3.84 49.74
N ALA A 394 -9.08 -2.82 48.94
CA ALA A 394 -8.67 -1.53 49.49
C ALA A 394 -9.76 -0.90 50.35
N ALA A 395 -11.02 -1.00 49.91
CA ALA A 395 -12.10 -0.33 50.63
C ALA A 395 -12.28 -0.89 52.03
N SER A 396 -11.88 -2.13 52.26
CA SER A 396 -12.12 -2.75 53.55
C SER A 396 -10.85 -3.11 54.33
N ASP A 397 -9.66 -2.84 53.80
CA ASP A 397 -8.43 -3.28 54.45
C ASP A 397 -7.37 -2.20 54.27
N ARG A 398 -6.95 -1.59 55.39
CA ARG A 398 -6.06 -0.43 55.33
C ARG A 398 -4.67 -0.81 54.80
N ALA A 399 -4.20 -2.01 55.14
CA ALA A 399 -2.93 -2.50 54.61
C ALA A 399 -3.01 -2.72 53.09
N GLU A 400 -4.15 -3.21 52.61
CA GLU A 400 -4.31 -3.38 51.16
C GLU A 400 -4.44 -2.05 50.46
N ALA A 401 -5.14 -1.10 51.07
CA ALA A 401 -5.19 0.24 50.48
C ALA A 401 -3.79 0.83 50.39
N ALA A 402 -2.97 0.61 51.43
CA ALA A 402 -1.60 1.10 51.40
C ALA A 402 -0.82 0.45 50.27
N PHE A 403 -1.00 -0.85 50.09
CA PHE A 403 -0.36 -1.53 48.96
C PHE A 403 -0.81 -0.91 47.64
N ALA A 404 -2.12 -0.68 47.47
CA ALA A 404 -2.61 -0.19 46.19
C ALA A 404 -2.07 1.20 45.86
N ARG A 405 -2.03 2.10 46.85
CA ARG A 405 -1.55 3.46 46.58
C ARG A 405 -0.06 3.49 46.25
N SER A 406 0.75 2.74 47.01
CA SER A 406 2.20 2.87 46.90
C SER A 406 2.82 2.00 45.81
N MET A 407 2.17 0.89 45.45
CA MET A 407 2.81 -0.10 44.59
C MET A 407 2.29 -0.08 43.16
N THR A 408 1.20 0.64 42.88
CA THR A 408 0.74 0.75 41.50
C THR A 408 1.86 1.22 40.56
N PRO A 409 2.61 2.30 40.86
CA PRO A 409 3.71 2.66 39.95
C PRO A 409 4.84 1.65 39.95
N VAL A 410 5.05 0.94 41.06
CA VAL A 410 6.06 -0.11 41.12
C VAL A 410 5.74 -1.23 40.15
N VAL A 411 4.49 -1.69 40.14
CA VAL A 411 4.07 -2.79 39.26
C VAL A 411 4.12 -2.35 37.80
N LYS A 412 3.60 -1.15 37.51
CA LYS A 412 3.64 -0.63 36.14
C LYS A 412 5.07 -0.46 35.66
N TYR A 413 5.93 0.15 36.49
CA TYR A 413 7.37 0.24 36.16
C TYR A 413 7.93 -1.11 35.75
N TRP A 414 7.87 -2.11 36.64
CA TRP A 414 8.66 -3.32 36.40
C TRP A 414 8.02 -4.22 35.35
N VAL A 415 6.70 -4.50 35.48
CA VAL A 415 6.06 -5.45 34.58
C VAL A 415 6.11 -4.93 33.14
N CYS A 416 5.81 -3.65 32.92
CA CYS A 416 5.80 -3.13 31.56
C CYS A 416 7.21 -2.98 30.98
N LYS A 417 8.20 -2.62 31.80
CA LYS A 417 9.51 -2.31 31.24
C LYS A 417 10.39 -3.53 31.00
N ILE A 418 10.09 -4.70 31.58
CA ILE A 418 10.89 -5.89 31.25
C ILE A 418 10.41 -6.57 29.98
N ALA A 419 9.22 -6.21 29.50
CA ALA A 419 8.63 -6.93 28.37
C ALA A 419 9.44 -6.81 27.08
N PRO A 420 9.99 -5.65 26.70
CA PRO A 420 10.74 -5.61 25.42
C PRO A 420 11.92 -6.56 25.36
N ALA A 421 12.75 -6.60 26.40
CA ALA A 421 13.90 -7.49 26.39
C ALA A 421 13.47 -8.96 26.43
N LEU A 422 12.39 -9.26 27.18
CA LEU A 422 12.00 -10.66 27.28
C LEU A 422 11.41 -11.15 25.97
N LEU A 423 10.56 -10.32 25.34
CA LEU A 423 9.97 -10.71 24.06
C LEU A 423 11.00 -10.79 22.93
N TYR A 424 12.05 -9.98 22.96
CA TYR A 424 13.14 -10.18 22.01
C TYR A 424 13.74 -11.58 22.15
N GLU A 425 14.06 -12.00 23.39
CA GLU A 425 14.70 -13.31 23.57
C GLU A 425 13.77 -14.44 23.16
N ALA A 426 12.49 -14.32 23.50
CA ALA A 426 11.50 -15.29 23.06
C ALA A 426 11.44 -15.35 21.53
N MET A 427 11.48 -14.19 20.87
CA MET A 427 11.53 -14.19 19.41
CA MET A 427 11.54 -14.18 19.41
C MET A 427 12.78 -14.92 18.90
N GLU A 428 13.92 -14.73 19.56
CA GLU A 428 15.14 -15.39 19.09
C GLU A 428 15.05 -16.91 19.24
N CYS A 429 14.29 -17.38 20.23
CA CYS A 429 14.10 -18.82 20.41
C CYS A 429 13.40 -19.46 19.22
N LEU A 430 12.65 -18.69 18.41
CA LEU A 430 12.02 -19.22 17.21
C LEU A 430 12.95 -19.26 16.00
N GLY A 431 14.16 -18.69 16.09
CA GLY A 431 15.02 -18.64 14.93
C GLY A 431 14.52 -17.59 13.95
N GLY A 432 14.94 -17.73 12.69
CA GLY A 432 14.67 -16.72 11.69
C GLY A 432 13.19 -16.39 11.50
N ASN A 433 12.32 -17.41 11.55
CA ASN A 433 10.88 -17.16 11.43
C ASN A 433 10.37 -16.21 12.51
N GLY A 434 11.03 -16.16 13.67
CA GLY A 434 10.59 -15.24 14.71
C GLY A 434 10.60 -13.79 14.26
N TYR A 435 11.49 -13.44 13.34
CA TYR A 435 11.68 -12.07 12.88
C TYR A 435 10.70 -11.67 11.77
N ILE A 436 9.80 -12.56 11.39
CA ILE A 436 8.95 -12.36 10.21
C ILE A 436 7.54 -12.03 10.67
N GLU A 437 6.92 -11.05 9.99
CA GLU A 437 5.66 -10.46 10.42
C GLU A 437 4.45 -11.38 10.24
N ASP A 438 4.55 -12.47 9.49
CA ASP A 438 3.44 -13.41 9.45
C ASP A 438 3.33 -14.27 10.72
N GLY A 439 4.27 -14.16 11.67
CA GLY A 439 4.12 -14.76 12.99
C GLY A 439 3.56 -13.76 13.99
N ASN A 440 3.65 -14.13 15.27
CA ASN A 440 3.12 -13.30 16.36
C ASN A 440 4.17 -12.58 17.17
N LEU A 441 5.38 -13.12 17.26
CA LEU A 441 6.37 -12.53 18.15
C LEU A 441 6.82 -11.15 17.66
N ALA A 442 6.92 -10.94 16.34
CA ALA A 442 7.35 -9.62 15.84
C ALA A 442 6.36 -8.54 16.24
N ARG A 443 5.07 -8.83 16.10
CA ARG A 443 4.03 -7.88 16.48
CA ARG A 443 4.04 -7.86 16.48
C ARG A 443 4.07 -7.58 17.98
N ALA A 444 4.24 -8.63 18.80
CA ALA A 444 4.29 -8.44 20.26
C ALA A 444 5.53 -7.67 20.68
N TYR A 445 6.67 -7.94 20.03
CA TYR A 445 7.89 -7.14 20.28
C TYR A 445 7.66 -5.67 19.94
N ARG A 446 6.97 -5.38 18.82
CA ARG A 446 6.67 -3.98 18.50
C ARG A 446 5.64 -3.40 19.46
N GLU A 447 4.76 -4.24 20.00
CA GLU A 447 3.74 -3.78 20.94
C GLU A 447 4.35 -3.43 22.30
N ALA A 448 5.33 -4.23 22.74
CA ALA A 448 5.79 -4.20 24.12
C ALA A 448 6.14 -2.81 24.69
N PRO A 449 6.81 -1.90 23.98
CA PRO A 449 7.14 -0.60 24.61
C PRO A 449 5.95 0.29 24.92
N VAL A 450 4.80 0.11 24.26
CA VAL A 450 3.74 1.10 24.35
C VAL A 450 3.15 1.15 25.76
N ASN A 451 3.06 0.00 26.44
CA ASN A 451 2.50 0.03 27.78
C ASN A 451 3.40 0.81 28.74
N ALA A 452 4.72 0.77 28.52
CA ALA A 452 5.63 1.55 29.36
C ALA A 452 5.58 3.04 29.05
N ILE A 453 5.32 3.42 27.79
CA ILE A 453 5.40 4.82 27.38
C ILE A 453 4.06 5.56 27.43
N TRP A 454 2.94 4.85 27.33
N TRP A 454 2.94 4.84 27.18
CA TRP A 454 1.67 5.51 27.51
CA TRP A 454 1.68 5.48 26.75
C TRP A 454 1.55 6.06 28.93
C TRP A 454 1.16 6.46 27.78
N GLU A 455 1.19 7.35 29.03
N GLU A 455 1.32 6.11 29.05
CA GLU A 455 0.90 8.08 30.28
CA GLU A 455 1.16 6.98 30.19
C GLU A 455 2.16 8.57 31.00
C GLU A 455 2.35 6.67 31.06
N GLY A 456 2.75 7.69 31.80
CA GLY A 456 3.99 7.84 32.55
C GLY A 456 4.99 6.72 32.44
N SER A 457 6.16 7.04 31.91
CA SER A 457 7.21 6.06 31.69
C SER A 457 7.96 5.77 33.00
N GLY A 458 9.09 5.06 32.87
CA GLY A 458 9.82 4.59 34.03
C GLY A 458 10.20 5.69 34.99
N ASN A 459 10.75 6.78 34.47
CA ASN A 459 11.20 7.85 35.35
C ASN A 459 10.03 8.44 36.13
N VAL A 460 8.85 8.53 35.50
CA VAL A 460 7.67 9.05 36.18
C VAL A 460 7.19 8.08 37.26
N MET A 461 7.20 6.77 36.97
CA MET A 461 6.85 5.79 38.00
C MET A 461 7.81 5.88 39.18
N ALA A 462 9.12 5.97 38.91
CA ALA A 462 10.10 5.98 39.99
C ALA A 462 9.98 7.24 40.84
N LEU A 463 9.69 8.38 40.20
CA LEU A 463 9.51 9.61 40.97
C LEU A 463 8.23 9.57 41.79
N ASP A 464 7.20 8.89 41.27
CA ASP A 464 6.00 8.62 42.05
C ASP A 464 6.34 7.86 43.33
N VAL A 465 7.17 6.82 43.21
CA VAL A 465 7.60 6.03 44.36
C VAL A 465 8.35 6.91 45.35
N ALA A 466 9.24 7.78 44.85
CA ALA A 466 10.01 8.64 45.72
C ALA A 466 9.13 9.67 46.41
N ARG A 467 8.09 10.15 45.72
CA ARG A 467 7.17 11.11 46.35
C ARG A 467 6.42 10.46 47.51
N VAL A 468 5.90 9.23 47.30
CA VAL A 468 5.17 8.52 48.35
C VAL A 468 6.08 8.22 49.53
N LEU A 469 7.34 7.85 49.25
CA LEU A 469 8.30 7.66 50.33
C LEU A 469 8.52 8.95 51.10
N SER A 470 8.58 10.07 50.39
CA SER A 470 8.83 11.35 51.04
C SER A 470 7.61 11.81 51.84
N ARG A 471 6.41 11.66 51.28
CA ARG A 471 5.22 12.23 51.91
C ARG A 471 4.50 11.27 52.84
N ALA A 472 4.63 9.96 52.64
CA ALA A 472 3.91 8.99 53.47
C ALA A 472 4.76 7.72 53.60
N PRO A 473 5.86 7.80 54.33
CA PRO A 473 6.74 6.63 54.48
C PRO A 473 6.03 5.40 55.03
N ALA A 474 5.02 5.58 55.89
CA ALA A 474 4.35 4.45 56.53
C ALA A 474 3.71 3.51 55.51
N LEU A 475 3.34 4.00 54.32
CA LEU A 475 2.76 3.11 53.32
C LEU A 475 3.73 1.99 52.92
N PHE A 476 5.02 2.32 52.76
CA PHE A 476 5.97 1.28 52.42
C PHE A 476 6.31 0.38 53.62
N ASP A 477 6.19 0.89 54.85
CA ASP A 477 6.27 0.00 56.00
C ASP A 477 5.22 -1.10 55.93
N GLY A 478 4.00 -0.73 55.53
CA GLY A 478 2.97 -1.73 55.36
C GLY A 478 3.31 -2.72 54.27
N VAL A 479 3.85 -2.24 53.15
CA VAL A 479 4.24 -3.12 52.06
C VAL A 479 5.33 -4.09 52.53
N LEU A 480 6.32 -3.58 53.27
CA LEU A 480 7.38 -4.46 53.74
C LEU A 480 6.84 -5.51 54.71
N ASP A 481 5.88 -5.14 55.55
CA ASP A 481 5.28 -6.12 56.45
C ASP A 481 4.56 -7.21 55.68
N TRP A 482 3.85 -6.82 54.61
CA TRP A 482 3.16 -7.82 53.81
C TRP A 482 4.16 -8.77 53.14
N ILE A 483 5.23 -8.20 52.56
CA ILE A 483 6.28 -9.00 51.95
C ILE A 483 6.92 -9.93 52.99
N SER A 484 7.24 -9.38 54.16
CA SER A 484 7.89 -10.19 55.21
C SER A 484 7.00 -11.34 55.66
N GLY A 485 5.70 -11.09 55.83
CA GLY A 485 4.79 -12.16 56.21
C GLY A 485 4.78 -13.29 55.20
N GLN A 486 4.86 -12.96 53.91
CA GLN A 486 4.82 -13.99 52.87
C GLN A 486 6.16 -14.69 52.71
N LEU A 487 7.28 -13.97 52.82
CA LEU A 487 8.58 -14.61 52.64
C LEU A 487 8.96 -15.44 53.84
N GLY A 488 8.42 -15.13 55.02
CA GLY A 488 8.81 -15.79 56.24
C GLY A 488 10.14 -15.29 56.79
N PRO A 489 10.60 -15.90 57.90
CA PRO A 489 11.87 -15.46 58.52
C PRO A 489 13.05 -15.53 57.55
N ARG A 490 13.05 -16.53 56.67
CA ARG A 490 14.06 -16.67 55.63
C ARG A 490 14.27 -15.38 54.83
N GLY A 491 13.28 -14.48 54.81
CA GLY A 491 13.31 -13.30 53.97
C GLY A 491 13.82 -12.03 54.63
N GLN A 492 14.30 -12.09 55.87
CA GLN A 492 14.76 -10.87 56.55
C GLN A 492 15.86 -10.16 55.77
N GLY A 493 16.73 -10.92 55.09
CA GLY A 493 17.76 -10.30 54.27
C GLY A 493 17.18 -9.42 53.18
N THR A 494 16.08 -9.85 52.57
CA THR A 494 15.44 -9.03 51.54
C THR A 494 14.81 -7.78 52.14
N ILE A 495 14.18 -7.90 53.32
CA ILE A 495 13.63 -6.73 54.01
C ILE A 495 14.72 -5.72 54.31
N ASP A 496 15.89 -6.18 54.76
CA ASP A 496 17.01 -5.28 55.03
C ASP A 496 17.49 -4.59 53.76
N VAL A 497 17.51 -5.32 52.64
CA VAL A 497 17.84 -4.69 51.37
C VAL A 497 16.85 -3.57 51.05
N LEU A 498 15.56 -3.84 51.26
CA LEU A 498 14.54 -2.85 50.93
C LEU A 498 14.62 -1.63 51.84
N ARG A 499 14.90 -1.84 53.14
CA ARG A 499 15.11 -0.72 54.05
C ARG A 499 16.27 0.14 53.60
N ALA A 500 17.39 -0.51 53.24
CA ALA A 500 18.54 0.25 52.76
C ALA A 500 18.21 1.04 51.50
N ALA A 501 17.43 0.44 50.59
CA ALA A 501 17.04 1.14 49.36
C ALA A 501 16.14 2.33 49.67
N LEU A 502 15.20 2.16 50.61
CA LEU A 502 14.35 3.30 51.03
C LEU A 502 15.21 4.42 51.61
N GLN A 503 16.11 4.08 52.52
CA GLN A 503 16.97 5.11 53.13
C GLN A 503 17.83 5.80 52.07
N LEU A 504 18.39 5.02 51.14
CA LEU A 504 19.24 5.62 50.12
C LEU A 504 18.45 6.56 49.20
N THR A 505 17.19 6.20 48.90
CA THR A 505 16.39 7.04 48.01
C THR A 505 16.05 8.37 48.67
N GLU A 506 15.82 8.36 49.99
CA GLU A 506 15.62 9.62 50.71
C GLU A 506 16.85 10.53 50.55
N THR A 507 18.03 9.92 50.46
CA THR A 507 19.28 10.64 50.26
C THR A 507 19.46 11.16 48.85
N ASP A 508 19.04 10.37 47.86
CA ASP A 508 19.40 10.61 46.46
C ASP A 508 18.22 10.18 45.58
N GLN A 509 17.45 11.16 45.10
CA GLN A 509 16.37 10.89 44.16
C GLN A 509 16.82 10.06 42.96
N GLY A 510 18.10 10.19 42.58
CA GLY A 510 18.61 9.49 41.41
C GLY A 510 18.59 7.97 41.50
N VAL A 511 18.49 7.38 42.71
CA VAL A 511 18.44 5.92 42.84
C VAL A 511 17.01 5.41 42.91
N ALA A 512 16.03 6.27 42.59
CA ALA A 512 14.63 5.87 42.71
C ALA A 512 14.28 4.66 41.83
N ARG A 513 14.94 4.48 40.69
CA ARG A 513 14.65 3.29 39.87
C ARG A 513 15.14 2.02 40.57
N LEU A 514 16.27 2.11 41.27
CA LEU A 514 16.76 0.98 42.05
C LEU A 514 15.75 0.56 43.11
N LEU A 515 15.25 1.54 43.89
CA LEU A 515 14.23 1.24 44.89
C LEU A 515 13.01 0.60 44.24
N THR A 516 12.56 1.18 43.12
CA THR A 516 11.35 0.71 42.46
C THR A 516 11.48 -0.74 41.99
N GLU A 517 12.61 -1.08 41.36
CA GLU A 517 12.78 -2.42 40.82
C GLU A 517 12.96 -3.45 41.94
N GLN A 518 13.67 -3.08 43.01
CA GLN A 518 13.86 -3.99 44.15
C GLN A 518 12.55 -4.28 44.86
N LEU A 519 11.67 -3.27 44.97
CA LEU A 519 10.34 -3.48 45.52
C LEU A 519 9.55 -4.46 44.66
N ALA A 520 9.66 -4.34 43.33
CA ALA A 520 8.92 -5.24 42.45
C ALA A 520 9.45 -6.67 42.56
N PHE A 521 10.78 -6.84 42.54
CA PHE A 521 11.37 -8.17 42.74
C PHE A 521 10.83 -8.81 44.01
N ALA A 522 10.87 -8.04 45.12
CA ALA A 522 10.52 -8.59 46.43
C ALA A 522 9.04 -8.91 46.53
N ALA A 523 8.19 -8.03 46.00
CA ALA A 523 6.76 -8.27 46.05
C ALA A 523 6.35 -9.40 45.12
N ALA A 524 7.01 -9.52 43.97
CA ALA A 524 6.76 -10.66 43.08
C ALA A 524 7.14 -11.96 43.75
N ALA A 525 8.32 -12.00 44.38
CA ALA A 525 8.72 -13.18 45.14
C ALA A 525 7.70 -13.52 46.21
N ALA A 526 7.27 -12.50 46.98
CA ALA A 526 6.31 -12.74 48.06
C ALA A 526 4.99 -13.30 47.52
N GLU A 527 4.51 -12.77 46.38
CA GLU A 527 3.25 -13.27 45.85
C GLU A 527 3.39 -14.69 45.33
N LEU A 528 4.56 -15.06 44.78
CA LEU A 528 4.75 -16.44 44.36
C LEU A 528 4.69 -17.40 45.56
N ARG A 529 5.23 -16.97 46.70
CA ARG A 529 5.06 -17.73 47.93
C ARG A 529 3.58 -17.80 48.30
N GLN A 530 2.86 -16.68 48.19
CA GLN A 530 1.46 -16.64 48.55
C GLN A 530 0.65 -17.62 47.72
N LEU A 531 1.03 -17.81 46.45
CA LEU A 531 0.35 -18.71 45.53
C LEU A 531 0.76 -20.17 45.69
N GLY A 532 1.75 -20.47 46.56
CA GLY A 532 2.23 -21.83 46.72
C GLY A 532 3.16 -22.30 45.63
N ALA A 533 3.62 -21.42 44.76
CA ALA A 533 4.54 -21.77 43.67
C ALA A 533 5.96 -21.76 44.22
N ASP A 534 6.23 -22.72 45.11
CA ASP A 534 7.45 -22.63 45.90
C ASP A 534 8.71 -22.95 45.10
N ASP A 535 8.63 -23.86 44.11
CA ASP A 535 9.80 -24.08 43.26
C ASP A 535 10.09 -22.84 42.42
N ILE A 536 9.06 -22.21 41.88
CA ILE A 536 9.25 -20.99 41.11
C ILE A 536 9.81 -19.89 42.01
N ALA A 537 9.24 -19.74 43.21
CA ALA A 537 9.70 -18.70 44.13
C ALA A 537 11.17 -18.92 44.53
N ASP A 538 11.52 -20.16 44.89
CA ASP A 538 12.92 -20.49 45.21
C ASP A 538 13.86 -19.97 44.12
N ALA A 539 13.59 -20.34 42.87
CA ALA A 539 14.50 -19.99 41.79
C ALA A 539 14.50 -18.48 41.54
N PHE A 540 13.32 -17.84 41.62
CA PHE A 540 13.20 -16.41 41.41
C PHE A 540 13.96 -15.62 42.49
N ILE A 541 13.82 -16.02 43.74
CA ILE A 541 14.48 -15.33 44.85
C ILE A 541 16.00 -15.43 44.72
N GLU A 542 16.50 -16.63 44.44
CA GLU A 542 17.95 -16.84 44.37
C GLU A 542 18.59 -16.02 43.25
N THR A 543 17.88 -15.75 42.16
CA THR A 543 18.43 -15.00 41.04
C THR A 543 18.15 -13.50 41.14
N ARG A 544 16.88 -13.09 41.14
CA ARG A 544 16.56 -11.67 41.12
C ARG A 544 16.94 -10.97 42.42
N LEU A 545 16.95 -11.68 43.55
CA LEU A 545 17.31 -11.09 44.83
C LEU A 545 18.70 -11.49 45.30
N GLY A 546 19.32 -12.49 44.69
CA GLY A 546 20.64 -12.91 45.14
C GLY A 546 21.70 -13.01 44.07
N GLY A 547 21.33 -12.79 42.80
CA GLY A 547 22.26 -13.01 41.70
C GLY A 547 23.07 -11.77 41.34
N LEU A 548 23.91 -11.95 40.32
CA LEU A 548 24.82 -10.92 39.85
C LEU A 548 24.19 -10.12 38.73
N TRP A 549 24.75 -8.93 38.48
CA TRP A 549 24.37 -8.12 37.33
C TRP A 549 24.31 -8.96 36.06
N ARG A 550 23.24 -8.80 35.29
CA ARG A 550 23.12 -9.55 34.05
C ARG A 550 22.39 -8.71 33.02
N THR A 551 22.60 -9.07 31.74
CA THR A 551 21.94 -8.37 30.64
C THR A 551 21.18 -9.28 29.67
N THR A 552 21.34 -10.61 29.75
CA THR A 552 20.62 -11.54 28.88
C THR A 552 20.08 -12.70 29.71
N TYR A 553 19.11 -13.41 29.13
CA TYR A 553 18.47 -14.52 29.82
C TYR A 553 19.31 -15.80 29.72
N GLY A 554 19.03 -16.73 30.63
CA GLY A 554 19.73 -17.99 30.70
C GLY A 554 20.72 -18.12 31.84
N MET A 555 20.62 -17.28 32.89
CA MET A 555 21.60 -17.26 33.97
C MET A 555 21.14 -18.13 35.15
N LEU A 556 20.90 -19.41 34.86
CA LEU A 556 20.51 -20.41 35.84
C LEU A 556 21.50 -21.57 35.84
N ASP A 557 21.84 -22.09 37.00
CA ASP A 557 22.65 -23.29 37.02
C ASP A 557 21.76 -24.50 37.28
N ALA A 558 22.37 -25.67 37.50
CA ALA A 558 21.63 -26.94 37.52
C ALA A 558 20.77 -27.12 38.75
N ARG A 559 21.03 -26.40 39.83
CA ARG A 559 20.28 -26.52 41.07
C ARG A 559 18.83 -26.07 40.91
N HIS A 560 18.54 -25.24 39.93
CA HIS A 560 17.21 -24.67 39.78
C HIS A 560 16.25 -25.54 38.98
N ASN A 561 16.75 -26.59 38.31
CA ASN A 561 15.94 -27.58 37.58
C ASN A 561 15.04 -26.91 36.54
N ALA A 562 15.66 -26.47 35.44
CA ALA A 562 14.97 -25.65 34.47
C ALA A 562 13.78 -26.38 33.85
N MET A 563 13.92 -27.67 33.55
CA MET A 563 12.86 -28.43 32.89
C MET A 563 11.58 -28.48 33.72
N ARG A 564 11.71 -28.65 35.04
CA ARG A 564 10.53 -28.64 35.92
C ARG A 564 9.86 -27.28 35.95
N ILE A 565 10.65 -26.19 35.95
CA ILE A 565 10.06 -24.86 35.88
C ILE A 565 9.21 -24.73 34.62
N ILE A 566 9.75 -25.19 33.48
CA ILE A 566 9.06 -25.07 32.20
C ILE A 566 7.80 -25.93 32.17
N ASP A 567 7.90 -27.20 32.60
CA ASP A 567 6.72 -28.06 32.65
C ASP A 567 5.70 -27.58 33.67
N GLN A 568 6.12 -26.92 34.76
CA GLN A 568 5.15 -26.46 35.73
C GLN A 568 4.33 -25.28 35.21
N LEU A 569 4.95 -24.42 34.39
CA LEU A 569 4.29 -23.21 33.96
C LEU A 569 3.76 -23.28 32.52
N TYR A 570 4.34 -24.13 31.69
CA TYR A 570 3.94 -24.27 30.28
C TYR A 570 3.75 -25.75 29.95
N PRO A 571 2.81 -26.43 30.62
CA PRO A 571 2.59 -27.85 30.33
C PRO A 571 2.23 -28.08 28.87
N ALA A 572 2.74 -29.16 28.30
CA ALA A 572 2.59 -29.43 26.87
C ALA A 572 1.13 -29.61 26.48
N LYS B 33 -4.53 30.52 14.08
CA LYS B 33 -3.89 29.31 14.61
C LYS B 33 -4.46 29.01 16.00
N THR B 34 -4.61 27.73 16.34
CA THR B 34 -5.17 27.36 17.63
C THR B 34 -4.13 27.25 18.73
N HIS B 35 -2.83 27.21 18.40
CA HIS B 35 -1.78 26.95 19.37
C HIS B 35 -0.43 27.26 18.74
N GLU B 36 0.59 27.41 19.61
CA GLU B 36 1.99 27.51 19.22
C GLU B 36 2.68 26.15 19.41
N VAL B 37 3.70 25.88 18.60
CA VAL B 37 4.54 24.69 18.75
C VAL B 37 5.81 25.10 19.47
N THR B 38 6.01 24.64 20.71
CA THR B 38 7.12 25.11 21.54
C THR B 38 7.83 23.92 22.17
N ASN B 39 9.04 24.19 22.73
CA ASN B 39 9.79 23.20 23.51
C ASN B 39 10.15 21.96 22.67
N GLN B 40 10.52 22.18 21.41
CA GLN B 40 10.90 21.10 20.50
C GLN B 40 12.42 20.96 20.43
N THR B 41 12.90 19.72 20.30
CA THR B 41 14.35 19.50 20.23
C THR B 41 14.85 19.75 18.81
N PRO B 42 15.84 20.62 18.60
CA PRO B 42 16.37 20.79 17.25
C PRO B 42 17.05 19.53 16.76
N PRO B 43 16.99 19.26 15.47
CA PRO B 43 17.56 18.01 14.95
C PRO B 43 19.06 17.94 15.13
N ILE B 44 19.55 16.70 15.30
CA ILE B 44 20.98 16.39 15.39
C ILE B 44 21.66 16.44 14.02
N THR B 45 20.88 16.47 12.95
CA THR B 45 21.37 16.63 11.58
C THR B 45 22.37 17.77 11.44
N GLY B 46 23.37 17.58 10.57
CA GLY B 46 24.30 18.64 10.21
C GLY B 46 25.58 18.70 11.00
N THR B 47 25.74 17.90 12.04
CA THR B 47 26.93 17.88 12.86
C THR B 47 27.80 16.68 12.47
N ASN B 48 28.72 16.29 13.34
CA ASN B 48 29.71 15.28 12.98
C ASN B 48 29.70 14.14 13.99
N ALA B 49 29.23 12.96 13.56
CA ALA B 49 29.12 11.78 14.40
C ALA B 49 30.48 11.25 14.83
N TYR B 50 31.56 11.52 14.07
CA TYR B 50 32.87 11.05 14.49
C TYR B 50 33.49 12.01 15.51
N LEU B 51 33.50 13.30 15.23
CA LEU B 51 34.08 14.26 16.17
C LEU B 51 33.24 14.40 17.42
N GLY B 52 31.95 14.03 17.39
CA GLY B 52 31.13 14.02 18.58
C GLY B 52 31.25 12.78 19.44
N ASP B 53 32.22 11.90 19.16
CA ASP B 53 32.35 10.58 19.81
C ASP B 53 33.79 10.42 20.27
N PRO B 54 34.15 10.96 21.44
CA PRO B 54 35.55 10.90 21.90
C PRO B 54 36.07 9.49 22.08
N LEU B 55 35.23 8.55 22.51
CA LEU B 55 35.70 7.17 22.64
C LEU B 55 36.14 6.62 21.29
N LEU B 56 35.33 6.86 20.24
CA LEU B 56 35.74 6.43 18.91
C LEU B 56 37.02 7.12 18.47
N MET B 57 37.13 8.43 18.73
CA MET B 57 38.35 9.14 18.38
C MET B 57 39.56 8.58 19.10
N GLN B 58 39.38 8.20 20.37
CA GLN B 58 40.48 7.55 21.08
C GLN B 58 40.81 6.20 20.48
N ILE B 59 39.79 5.44 20.10
CA ILE B 59 40.00 4.13 19.45
C ILE B 59 40.85 4.31 18.20
N ALA B 60 40.64 5.41 17.46
CA ALA B 60 41.36 5.67 16.22
C ALA B 60 42.58 6.57 16.41
N ALA B 61 42.98 6.84 17.66
CA ALA B 61 43.98 7.88 17.90
C ALA B 61 45.28 7.61 17.14
N ARG B 62 45.65 6.34 16.97
CA ARG B 62 46.90 6.00 16.32
C ARG B 62 46.78 5.78 14.81
N PHE B 63 45.59 5.93 14.22
CA PHE B 63 45.48 5.87 12.77
C PHE B 63 46.26 7.02 12.13
N PRO B 64 46.77 6.83 10.91
CA PRO B 64 47.42 7.94 10.20
C PRO B 64 46.45 9.09 9.95
N LYS B 65 47.02 10.28 9.71
CA LYS B 65 46.23 11.50 9.51
C LYS B 65 45.20 11.33 8.40
N GLU B 66 45.59 10.68 7.30
CA GLU B 66 44.68 10.50 6.16
C GLU B 66 43.43 9.73 6.57
N LEU B 67 43.58 8.77 7.48
CA LEU B 67 42.40 8.06 7.96
C LEU B 67 41.53 8.95 8.84
N HIS B 68 42.16 9.79 9.67
CA HIS B 68 41.40 10.73 10.49
C HIS B 68 40.55 11.65 9.61
N THR B 69 41.15 12.18 8.55
CA THR B 69 40.45 13.05 7.61
C THR B 69 39.26 12.32 6.97
N GLU B 70 39.45 11.05 6.60
CA GLU B 70 38.37 10.28 6.00
C GLU B 70 37.26 9.98 7.01
N LEU B 71 37.62 9.71 8.27
CA LEU B 71 36.60 9.46 9.27
C LEU B 71 35.79 10.71 9.62
N GLU B 72 36.44 11.89 9.60
CA GLU B 72 35.71 13.14 9.80
C GLU B 72 34.71 13.39 8.67
N GLN B 73 35.12 13.11 7.43
CA GLN B 73 34.20 13.25 6.30
C GLN B 73 33.07 12.24 6.40
N ALA B 74 33.39 11.00 6.79
CA ALA B 74 32.34 10.01 7.02
C ALA B 74 31.42 10.44 8.16
N GLY B 75 32.01 10.96 9.24
CA GLY B 75 31.22 11.44 10.37
C GLY B 75 30.27 12.55 10.00
N ARG B 76 30.67 13.42 9.06
CA ARG B 76 29.79 14.46 8.56
C ARG B 76 28.68 13.87 7.68
N PHE B 77 29.04 12.89 6.84
CA PHE B 77 28.06 12.33 5.90
C PHE B 77 26.90 11.65 6.62
N VAL B 78 27.19 10.82 7.63
CA VAL B 78 26.12 10.00 8.20
C VAL B 78 25.10 10.82 8.98
N LEU B 79 25.41 12.07 9.35
CA LEU B 79 24.42 12.96 9.94
C LEU B 79 23.92 14.03 8.98
N SER B 80 24.31 13.98 7.70
CA SER B 80 23.82 14.97 6.75
C SER B 80 22.35 14.74 6.44
N ALA B 81 21.65 15.84 6.15
CA ALA B 81 20.21 15.75 5.88
C ALA B 81 19.93 14.92 4.63
N GLU B 82 20.77 15.07 3.59
CA GLU B 82 20.59 14.27 2.37
C GLU B 82 20.80 12.79 2.62
N ALA B 83 21.81 12.42 3.41
CA ALA B 83 22.02 11.00 3.71
C ALA B 83 20.86 10.43 4.50
N GLN B 84 20.36 11.18 5.49
CA GLN B 84 19.25 10.68 6.30
C GLN B 84 17.99 10.46 5.48
N ASP B 85 17.76 11.28 4.45
CA ASP B 85 16.62 11.04 3.56
C ASP B 85 16.78 9.74 2.77
N LEU B 86 17.99 9.43 2.29
CA LEU B 86 18.23 8.17 1.61
C LEU B 86 17.94 6.98 2.54
N ALA B 87 18.36 7.08 3.80
CA ALA B 87 18.14 5.99 4.74
C ALA B 87 16.67 5.77 5.02
N ARG B 88 15.89 6.85 5.19
CA ARG B 88 14.46 6.71 5.39
C ARG B 88 13.80 6.09 4.17
N LEU B 89 14.14 6.58 2.97
CA LEU B 89 13.52 6.07 1.75
C LEU B 89 13.87 4.61 1.51
N ALA B 90 15.12 4.21 1.75
CA ALA B 90 15.49 2.80 1.54
C ALA B 90 14.69 1.86 2.45
N ASN B 91 14.28 2.34 3.63
CA ASN B 91 13.56 1.52 4.59
C ASN B 91 12.04 1.67 4.51
N THR B 92 11.53 2.63 3.75
CA THR B 92 10.08 2.76 3.59
C THR B 92 9.59 2.43 2.18
N GLU B 93 10.43 2.62 1.16
CA GLU B 93 10.08 2.27 -0.22
C GLU B 93 10.73 0.92 -0.49
N LEU B 94 9.95 -0.18 -0.22
CA LEU B 94 10.54 -1.49 -0.01
C LEU B 94 10.79 -2.24 -1.32
N PRO B 95 11.81 -3.10 -1.33
CA PRO B 95 12.09 -3.91 -2.52
C PRO B 95 10.90 -4.80 -2.90
N LYS B 96 10.74 -5.02 -4.21
CA LYS B 96 9.64 -5.80 -4.75
C LYS B 96 10.19 -6.94 -5.62
N LEU B 97 9.71 -8.17 -5.35
CA LEU B 97 10.04 -9.33 -6.18
C LEU B 97 9.15 -9.38 -7.42
N ARG B 98 9.77 -9.53 -8.58
CA ARG B 98 9.03 -9.73 -9.82
C ARG B 98 9.43 -11.10 -10.37
N THR B 99 8.58 -12.10 -10.13
CA THR B 99 8.85 -13.45 -10.62
C THR B 99 8.72 -13.53 -12.13
N HIS B 100 7.81 -12.75 -12.71
CA HIS B 100 7.49 -12.89 -14.13
C HIS B 100 7.48 -11.53 -14.83
N ASP B 101 7.63 -11.58 -16.16
CA ASP B 101 7.42 -10.41 -17.01
C ASP B 101 5.93 -10.34 -17.41
N ARG B 102 5.57 -9.29 -18.16
CA ARG B 102 4.16 -9.08 -18.45
C ARG B 102 3.59 -10.11 -19.42
N GLN B 103 4.44 -10.91 -20.08
CA GLN B 103 3.95 -11.94 -20.99
C GLN B 103 3.97 -13.34 -20.38
N GLY B 104 4.45 -13.50 -19.15
CA GLY B 104 4.41 -14.79 -18.48
C GLY B 104 5.69 -15.60 -18.48
N ARG B 105 6.83 -15.01 -18.87
CA ARG B 105 8.13 -15.63 -18.68
C ARG B 105 8.65 -15.32 -17.29
N ARG B 106 9.41 -16.24 -16.73
CA ARG B 106 10.10 -15.97 -15.49
C ARG B 106 11.24 -14.99 -15.74
N ILE B 107 11.39 -14.03 -14.84
CA ILE B 107 12.54 -13.13 -14.86
C ILE B 107 13.29 -13.11 -13.53
N ASP B 108 12.63 -13.45 -12.42
CA ASP B 108 13.27 -13.57 -11.11
C ASP B 108 14.11 -12.32 -10.75
N LEU B 109 13.47 -11.16 -10.80
CA LEU B 109 14.08 -9.87 -10.51
C LEU B 109 13.56 -9.30 -9.20
N VAL B 110 14.44 -8.61 -8.48
CA VAL B 110 14.03 -7.83 -7.33
C VAL B 110 14.38 -6.38 -7.63
N GLU B 111 13.38 -5.51 -7.55
CA GLU B 111 13.54 -4.09 -7.84
C GLU B 111 13.66 -3.30 -6.54
N TYR B 112 14.64 -2.42 -6.47
CA TYR B 112 14.88 -1.56 -5.32
C TYR B 112 14.63 -0.09 -5.66
N HIS B 113 14.34 0.69 -4.62
CA HIS B 113 14.28 2.15 -4.73
C HIS B 113 15.68 2.71 -5.03
N PRO B 114 15.78 3.80 -5.80
CA PRO B 114 17.10 4.39 -6.08
C PRO B 114 17.91 4.72 -4.83
N ALA B 115 17.25 5.00 -3.71
CA ALA B 115 17.96 5.34 -2.49
C ALA B 115 18.84 4.19 -2.02
N TYR B 116 18.36 2.95 -2.17
CA TYR B 116 19.16 1.77 -1.85
C TYR B 116 20.45 1.74 -2.66
N HIS B 117 20.32 1.94 -3.98
CA HIS B 117 21.49 1.90 -4.87
C HIS B 117 22.45 3.06 -4.59
N ALA B 118 21.93 4.21 -4.17
CA ALA B 118 22.83 5.32 -3.83
C ALA B 118 23.65 5.01 -2.60
N LEU B 119 23.03 4.37 -1.58
CA LEU B 119 23.80 3.96 -0.40
C LEU B 119 24.82 2.90 -0.76
N MET B 120 24.42 1.92 -1.58
CA MET B 120 25.35 0.88 -2.03
C MET B 120 26.52 1.48 -2.78
N ARG B 121 26.23 2.40 -3.73
CA ARG B 121 27.27 3.03 -4.53
C ARG B 121 28.33 3.70 -3.65
N ARG B 122 27.90 4.45 -2.64
CA ARG B 122 28.85 5.17 -1.80
C ARG B 122 29.63 4.22 -0.89
N SER B 123 28.96 3.21 -0.31
CA SER B 123 29.67 2.28 0.57
C SER B 123 30.62 1.38 -0.21
N VAL B 124 30.24 1.00 -1.44
CA VAL B 124 31.15 0.23 -2.30
C VAL B 124 32.34 1.09 -2.72
N ALA B 125 32.09 2.37 -3.04
CA ALA B 125 33.20 3.27 -3.36
C ALA B 125 34.13 3.45 -2.17
N GLN B 126 33.58 3.36 -0.95
CA GLN B 126 34.34 3.43 0.29
C GLN B 126 35.04 2.12 0.61
N GLY B 127 34.80 1.07 -0.18
CA GLY B 127 35.46 -0.21 0.02
C GLY B 127 34.98 -1.01 1.23
N LEU B 128 33.73 -0.80 1.69
CA LEU B 128 33.24 -1.57 2.83
C LEU B 128 33.11 -3.05 2.50
N HIS B 129 33.09 -3.40 1.22
CA HIS B 129 33.04 -4.78 0.77
C HIS B 129 34.42 -5.37 0.49
N SER B 130 35.47 -4.54 0.47
CA SER B 130 36.71 -4.99 -0.14
C SER B 130 37.98 -4.57 0.57
N SER B 131 37.97 -3.56 1.44
CA SER B 131 39.21 -2.90 1.81
C SER B 131 40.17 -3.81 2.58
N ILE B 132 39.66 -4.83 3.29
CA ILE B 132 40.58 -5.69 4.03
C ILE B 132 41.41 -6.57 3.09
N TRP B 133 40.96 -6.73 1.85
CA TRP B 133 41.68 -7.54 0.87
C TRP B 133 42.56 -6.70 -0.05
N GLU B 134 42.59 -5.39 0.13
CA GLU B 134 43.34 -4.50 -0.75
C GLU B 134 44.76 -4.27 -0.22
N ASP B 135 45.62 -3.78 -1.10
CA ASP B 135 47.02 -3.48 -0.74
C ASP B 135 47.21 -1.96 -0.59
N ASN B 136 46.61 -1.40 0.45
CA ASN B 136 46.72 0.03 0.71
CA ASN B 136 46.69 0.03 0.73
C ASN B 136 47.74 0.26 1.82
N PRO B 137 48.87 0.91 1.54
CA PRO B 137 49.92 1.03 2.58
C PRO B 137 49.50 1.86 3.79
N LEU B 138 48.64 2.86 3.62
CA LEU B 138 48.18 3.65 4.75
C LEU B 138 47.44 2.80 5.78
N GLU B 139 46.89 1.66 5.37
CA GLU B 139 46.11 0.83 6.27
C GLU B 139 46.86 -0.43 6.70
N SER B 140 48.15 -0.53 6.37
CA SER B 140 48.95 -1.70 6.73
C SER B 140 48.90 -1.95 8.23
N GLY B 141 48.68 -3.20 8.61
CA GLY B 141 48.51 -3.55 10.00
C GLY B 141 47.25 -3.02 10.66
N ARG B 142 46.35 -2.37 9.91
CA ARG B 142 45.16 -1.77 10.49
C ARG B 142 43.91 -2.02 9.66
N ARG B 143 43.90 -3.01 8.76
CA ARG B 143 42.82 -3.08 7.77
C ARG B 143 41.48 -3.34 8.43
N HIS B 144 41.42 -4.28 9.38
CA HIS B 144 40.15 -4.58 10.04
C HIS B 144 39.68 -3.40 10.89
N GLN B 145 40.61 -2.74 11.60
CA GLN B 145 40.22 -1.63 12.46
C GLN B 145 39.76 -0.44 11.63
N ALA B 146 40.49 -0.11 10.56
CA ALA B 146 40.12 1.01 9.72
C ALA B 146 38.74 0.79 9.10
N ARG B 147 38.49 -0.43 8.60
CA ARG B 147 37.18 -0.73 8.05
C ARG B 147 36.11 -0.71 9.14
N ALA B 148 36.46 -1.21 10.34
CA ALA B 148 35.46 -1.30 11.40
C ALA B 148 34.98 0.07 11.85
N ALA B 149 35.91 1.04 11.93
CA ALA B 149 35.53 2.40 12.27
C ALA B 149 34.57 2.98 11.24
N ARG B 150 34.80 2.71 9.95
CA ARG B 150 33.87 3.17 8.91
C ARG B 150 32.53 2.45 9.00
N PHE B 151 32.58 1.14 9.23
CA PHE B 151 31.37 0.34 9.39
C PHE B 151 30.51 0.85 10.54
N TYR B 152 31.16 1.11 11.69
CA TYR B 152 30.48 1.63 12.86
C TYR B 152 29.71 2.92 12.56
N LEU B 153 30.35 3.83 11.81
CA LEU B 153 29.69 5.08 11.47
C LEU B 153 28.51 4.85 10.53
N THR B 154 28.71 4.04 9.50
CA THR B 154 27.66 3.82 8.50
C THR B 154 26.44 3.15 9.13
N ALA B 155 26.64 2.23 10.06
CA ALA B 155 25.53 1.57 10.73
C ALA B 155 24.64 2.56 11.48
N GLN B 156 25.17 3.71 11.87
CA GLN B 156 24.36 4.75 12.49
C GLN B 156 23.41 5.40 11.50
N LEU B 157 23.72 5.33 10.21
CA LEU B 157 22.87 5.93 9.17
C LEU B 157 21.85 4.95 8.64
N GLU B 158 22.31 3.79 8.16
CA GLU B 158 21.42 2.83 7.51
C GLU B 158 22.11 1.48 7.57
N ALA B 159 21.49 0.51 8.24
CA ALA B 159 22.13 -0.77 8.48
C ALA B 159 21.78 -1.83 7.44
N GLY B 160 20.61 -1.72 6.80
CA GLY B 160 20.15 -2.79 5.93
C GLY B 160 21.06 -3.06 4.76
N HIS B 161 21.54 -1.99 4.10
CA HIS B 161 22.39 -2.19 2.94
C HIS B 161 23.78 -2.69 3.31
N LEU B 162 24.13 -2.71 4.60
CA LEU B 162 25.40 -3.29 5.00
C LEU B 162 25.43 -4.80 4.78
N CYS B 163 24.27 -5.46 4.73
CA CYS B 163 24.25 -6.91 4.60
C CYS B 163 24.99 -7.40 3.37
N PRO B 164 24.68 -6.95 2.14
CA PRO B 164 25.48 -7.42 1.00
C PRO B 164 26.97 -7.07 1.10
N LEU B 165 27.31 -5.96 1.77
CA LEU B 165 28.73 -5.59 1.90
C LEU B 165 29.45 -6.50 2.88
N THR B 166 28.79 -6.87 3.98
CA THR B 166 29.35 -7.86 4.91
C THR B 166 29.55 -9.20 4.22
N MET B 167 28.53 -9.65 3.48
CA MET B 167 28.63 -10.95 2.83
C MET B 167 29.71 -10.95 1.74
N THR B 168 29.83 -9.85 0.99
CA THR B 168 30.82 -9.80 -0.09
C THR B 168 32.23 -9.84 0.47
N SER B 169 32.52 -9.03 1.50
CA SER B 169 33.85 -9.00 2.10
C SER B 169 34.19 -10.35 2.71
N ALA B 170 33.24 -10.96 3.41
CA ALA B 170 33.49 -12.23 4.10
C ALA B 170 33.60 -13.39 3.12
N SER B 171 32.88 -13.32 2.00
CA SER B 171 32.83 -14.44 1.08
C SER B 171 34.20 -14.75 0.47
N LEU B 172 35.04 -13.73 0.32
CA LEU B 172 36.36 -13.97 -0.27
C LEU B 172 37.19 -14.93 0.58
N ALA B 173 36.94 -14.99 1.89
CA ALA B 173 37.70 -15.90 2.75
C ALA B 173 37.35 -17.35 2.46
N ALA B 174 36.11 -17.62 2.04
CA ALA B 174 35.75 -18.96 1.61
C ALA B 174 36.39 -19.28 0.26
N LEU B 175 36.40 -18.30 -0.66
CA LEU B 175 37.03 -18.51 -1.96
C LEU B 175 38.51 -18.82 -1.84
N MET B 176 39.16 -18.44 -0.73
CA MET B 176 40.58 -18.76 -0.55
CA MET B 176 40.57 -18.76 -0.53
C MET B 176 40.81 -20.27 -0.52
N ALA B 177 39.79 -21.05 -0.13
CA ALA B 177 39.94 -22.51 -0.12
C ALA B 177 40.15 -23.08 -1.50
N SER B 178 39.80 -22.33 -2.55
CA SER B 178 40.09 -22.71 -3.94
C SER B 178 40.78 -21.55 -4.62
N PRO B 179 42.12 -21.45 -4.48
CA PRO B 179 42.84 -20.25 -4.93
C PRO B 179 42.64 -19.89 -6.39
N GLU B 180 42.45 -20.87 -7.28
CA GLU B 180 42.17 -20.53 -8.67
CA GLU B 180 42.16 -20.54 -8.67
C GLU B 180 40.85 -19.78 -8.79
N VAL B 181 39.86 -20.14 -7.97
CA VAL B 181 38.57 -19.45 -8.01
C VAL B 181 38.70 -18.05 -7.42
N TYR B 182 39.52 -17.90 -6.37
CA TYR B 182 39.80 -16.58 -5.83
C TYR B 182 40.44 -15.68 -6.87
N LYS B 183 41.48 -16.17 -7.53
CA LYS B 183 42.16 -15.36 -8.54
C LYS B 183 41.20 -14.94 -9.64
N GLN B 184 40.24 -15.81 -9.97
CA GLN B 184 39.30 -15.52 -11.05
C GLN B 184 38.29 -14.45 -10.67
N TRP B 185 37.75 -14.50 -9.45
CA TRP B 185 36.64 -13.63 -9.02
C TRP B 185 37.09 -12.36 -8.31
N SER B 186 38.23 -12.38 -7.62
CA SER B 186 38.57 -11.27 -6.74
C SER B 186 38.75 -9.93 -7.47
N PRO B 187 39.28 -9.86 -8.70
CA PRO B 187 39.32 -8.54 -9.37
C PRO B 187 37.94 -7.94 -9.51
N ALA B 188 36.95 -8.75 -9.89
CA ALA B 188 35.58 -8.26 -10.03
C ALA B 188 34.96 -7.92 -8.68
N VAL B 189 35.22 -8.75 -7.65
CA VAL B 189 34.66 -8.53 -6.33
C VAL B 189 35.26 -7.28 -5.70
N LEU B 190 36.58 -7.11 -5.82
CA LEU B 190 37.27 -6.01 -5.15
C LEU B 190 37.06 -4.67 -5.85
N SER B 191 36.47 -4.67 -7.04
CA SER B 191 36.17 -3.42 -7.72
C SER B 191 35.33 -2.52 -6.83
N ARG B 192 35.70 -1.25 -6.78
CA ARG B 192 34.97 -0.24 -6.02
C ARG B 192 33.90 0.47 -6.86
N LYS B 193 33.48 -0.11 -7.98
CA LYS B 193 32.37 0.42 -8.78
C LYS B 193 31.15 -0.48 -8.58
N TYR B 194 30.06 0.10 -8.09
CA TYR B 194 28.83 -0.65 -7.89
C TYR B 194 28.05 -0.77 -9.20
N ASP B 195 27.54 -1.97 -9.48
CA ASP B 195 26.89 -2.26 -10.76
C ASP B 195 25.70 -3.16 -10.47
N PHE B 196 24.48 -2.61 -10.61
CA PHE B 196 23.28 -3.40 -10.33
C PHE B 196 22.52 -3.80 -11.59
N SER B 197 23.15 -3.68 -12.75
CA SER B 197 22.51 -4.09 -14.00
C SER B 197 22.40 -5.61 -14.05
N GLN B 198 21.56 -6.08 -14.98
CA GLN B 198 21.31 -7.51 -15.16
C GLN B 198 22.25 -8.14 -16.18
N LYS B 199 23.52 -7.69 -16.22
CA LYS B 199 24.52 -8.32 -17.06
C LYS B 199 25.07 -9.58 -16.37
N PRO B 200 25.58 -10.53 -17.16
CA PRO B 200 26.37 -11.61 -16.55
C PRO B 200 27.54 -11.00 -15.80
N ALA B 201 27.95 -11.69 -14.73
CA ALA B 201 28.91 -11.11 -13.79
C ALA B 201 30.20 -10.69 -14.49
N PHE B 202 30.66 -11.46 -15.48
CA PHE B 202 31.94 -11.20 -16.13
C PHE B 202 31.91 -9.97 -17.03
N ARG B 203 30.76 -9.33 -17.22
CA ARG B 203 30.68 -8.10 -17.97
C ARG B 203 30.37 -6.90 -17.07
N LYS B 204 30.22 -7.12 -15.78
CA LYS B 204 29.89 -6.04 -14.86
C LYS B 204 31.14 -5.30 -14.39
N GLN B 205 30.91 -4.06 -13.96
CA GLN B 205 31.96 -3.21 -13.41
C GLN B 205 32.41 -3.68 -12.03
N GLY B 206 31.57 -4.41 -11.32
CA GLY B 206 31.90 -4.98 -10.04
C GLY B 206 30.81 -5.95 -9.66
N VAL B 207 31.14 -6.86 -8.73
CA VAL B 207 30.18 -7.88 -8.34
C VAL B 207 30.09 -7.93 -6.82
N THR B 208 28.92 -8.41 -6.36
CA THR B 208 28.66 -8.68 -4.95
C THR B 208 28.24 -10.14 -4.78
N LEU B 209 28.43 -10.66 -3.57
CA LEU B 209 28.22 -12.08 -3.27
C LEU B 209 27.34 -12.27 -2.04
N GLY B 210 26.49 -13.30 -2.08
CA GLY B 210 25.62 -13.64 -0.97
C GLY B 210 25.85 -15.03 -0.38
N MET B 211 24.93 -15.50 0.46
CA MET B 211 25.06 -16.78 1.16
C MET B 211 23.75 -17.57 1.13
N GLY B 212 23.83 -18.83 0.73
CA GLY B 212 22.71 -19.74 0.79
C GLY B 212 22.99 -20.89 1.73
N MET B 213 22.69 -20.69 3.02
CA MET B 213 22.94 -21.70 4.04
CA MET B 213 22.94 -21.70 4.04
C MET B 213 21.65 -22.29 4.60
N THR B 214 20.80 -21.47 5.20
CA THR B 214 19.61 -21.92 5.90
C THR B 214 18.60 -22.61 4.98
N GLU B 215 18.04 -23.72 5.46
CA GLU B 215 16.91 -24.40 4.86
C GLU B 215 15.75 -24.45 5.88
N LYS B 216 14.56 -24.82 5.38
CA LYS B 216 13.36 -24.78 6.22
C LYS B 216 13.47 -25.67 7.46
N GLN B 217 14.18 -26.81 7.35
CA GLN B 217 14.37 -27.72 8.48
C GLN B 217 15.49 -27.30 9.43
N GLY B 218 16.23 -26.22 9.13
CA GLY B 218 17.24 -25.70 10.03
C GLY B 218 18.29 -24.79 9.42
N GLY B 219 18.65 -23.72 10.13
CA GLY B 219 19.79 -22.88 9.78
C GLY B 219 21.00 -23.14 10.66
N THR B 220 20.78 -23.57 11.91
CA THR B 220 21.89 -23.94 12.79
C THR B 220 22.52 -25.25 12.35
N ASP B 221 21.70 -26.27 12.13
CA ASP B 221 22.16 -27.62 11.80
C ASP B 221 22.28 -27.72 10.28
N VAL B 222 23.35 -27.12 9.74
CA VAL B 222 23.55 -27.08 8.30
C VAL B 222 23.82 -28.47 7.71
N ARG B 223 24.32 -29.42 8.51
CA ARG B 223 24.48 -30.77 8.00
C ARG B 223 23.14 -31.44 7.71
N ALA B 224 22.03 -30.89 8.23
CA ALA B 224 20.71 -31.38 7.86
C ALA B 224 20.19 -30.76 6.56
N ASN B 225 20.99 -29.93 5.88
CA ASN B 225 20.66 -29.44 4.54
C ASN B 225 20.28 -30.60 3.63
N ALA B 226 19.26 -30.40 2.80
CA ALA B 226 18.81 -31.42 1.86
C ALA B 226 19.06 -31.05 0.40
N THR B 227 19.46 -29.80 0.12
CA THR B 227 19.92 -29.43 -1.22
C THR B 227 21.07 -30.35 -1.65
N ARG B 228 20.99 -30.85 -2.87
CA ARG B 228 21.95 -31.82 -3.35
C ARG B 228 22.68 -31.30 -4.58
N ALA B 229 23.94 -31.69 -4.72
CA ALA B 229 24.78 -31.28 -5.84
C ALA B 229 25.26 -32.53 -6.56
N GLU B 230 25.16 -32.52 -7.89
CA GLU B 230 25.54 -33.66 -8.69
C GLU B 230 26.53 -33.19 -9.75
N PRO B 231 27.55 -34.00 -10.05
CA PRO B 231 28.54 -33.62 -11.06
C PRO B 231 27.90 -33.32 -12.41
N ALA B 232 28.46 -32.32 -13.11
CA ALA B 232 28.01 -31.98 -14.44
C ALA B 232 29.21 -31.92 -15.40
N ILE B 233 28.89 -31.80 -16.69
CA ILE B 233 29.92 -31.76 -17.73
C ILE B 233 30.83 -30.57 -17.52
N GLY B 234 32.13 -30.78 -17.71
CA GLY B 234 33.08 -29.69 -17.60
C GLY B 234 33.58 -29.42 -16.20
N GLY B 235 33.38 -30.34 -15.27
CA GLY B 235 33.84 -30.14 -13.91
C GLY B 235 32.98 -29.26 -13.04
N ALA B 236 31.83 -28.79 -13.52
CA ALA B 236 30.89 -28.04 -12.71
C ALA B 236 29.96 -28.98 -11.93
N TRP B 237 29.07 -28.37 -11.12
CA TRP B 237 28.10 -29.11 -10.33
C TRP B 237 26.73 -28.49 -10.53
N ARG B 238 25.69 -29.33 -10.54
CA ARG B 238 24.30 -28.89 -10.67
C ARG B 238 23.59 -29.10 -9.34
N LEU B 239 22.91 -28.05 -8.85
CA LEU B 239 22.32 -28.05 -7.51
C LEU B 239 20.80 -27.98 -7.58
N THR B 240 20.15 -28.82 -6.77
CA THR B 240 18.69 -28.84 -6.66
C THR B 240 18.30 -28.83 -5.18
N GLY B 241 17.39 -27.93 -4.84
CA GLY B 241 16.95 -27.80 -3.46
C GLY B 241 16.28 -26.47 -3.20
N HIS B 242 16.58 -25.88 -2.05
CA HIS B 242 15.98 -24.61 -1.66
C HIS B 242 16.85 -23.99 -0.59
N LYS B 243 16.76 -22.66 -0.49
CA LYS B 243 17.31 -21.92 0.65
C LYS B 243 16.21 -21.01 1.15
N TRP B 244 15.95 -21.08 2.46
CA TRP B 244 14.77 -20.51 3.11
C TRP B 244 14.91 -19.02 3.39
N PHE B 245 16.15 -18.54 3.51
CA PHE B 245 16.49 -17.14 3.77
C PHE B 245 17.69 -16.84 2.89
N MET B 246 17.51 -16.09 1.80
CA MET B 246 18.65 -15.64 1.00
C MET B 246 18.56 -14.13 0.82
N SER B 247 19.36 -13.41 1.60
CA SER B 247 19.34 -11.95 1.57
C SER B 247 20.12 -11.45 0.35
N ALA B 248 19.89 -10.19 0.01
CA ALA B 248 20.49 -9.56 -1.16
C ALA B 248 20.37 -10.44 -2.40
N PRO B 249 19.15 -10.74 -2.84
CA PRO B 249 18.97 -11.72 -3.94
C PRO B 249 19.54 -11.27 -5.29
N MET B 250 19.78 -9.99 -5.49
CA MET B 250 20.36 -9.51 -6.75
C MET B 250 21.88 -9.53 -6.73
N SER B 251 22.49 -10.12 -5.69
CA SER B 251 23.91 -10.44 -5.72
C SER B 251 24.23 -11.25 -6.97
N ASP B 252 25.49 -11.22 -7.41
CA ASP B 252 25.84 -11.88 -8.66
C ASP B 252 26.14 -13.36 -8.50
N ALA B 253 26.53 -13.80 -7.30
CA ALA B 253 26.71 -15.21 -7.02
C ALA B 253 26.55 -15.43 -5.52
N PHE B 254 26.37 -16.70 -5.14
CA PHE B 254 26.10 -17.04 -3.75
C PHE B 254 26.97 -18.21 -3.29
N LEU B 255 27.60 -18.06 -2.13
CA LEU B 255 28.23 -19.20 -1.46
C LEU B 255 27.12 -20.05 -0.86
N THR B 256 27.03 -21.31 -1.27
CA THR B 256 25.90 -22.19 -0.95
C THR B 256 26.39 -23.54 -0.46
N LEU B 257 25.72 -24.09 0.54
CA LEU B 257 26.01 -25.43 1.02
C LEU B 257 25.04 -26.43 0.38
N ALA B 258 25.58 -27.58 -0.04
CA ALA B 258 24.78 -28.66 -0.61
C ALA B 258 25.47 -29.99 -0.34
N GLN B 259 24.68 -31.06 -0.31
CA GLN B 259 25.19 -32.40 -0.06
C GLN B 259 25.81 -33.01 -1.33
N THR B 260 26.93 -33.68 -1.16
CA THR B 260 27.53 -34.55 -2.17
C THR B 260 27.72 -35.93 -1.55
N LYS B 261 28.21 -36.89 -2.36
CA LYS B 261 28.38 -38.26 -1.86
C LYS B 261 29.29 -38.33 -0.64
N GLU B 262 30.24 -37.40 -0.50
CA GLU B 262 31.19 -37.42 0.59
C GLU B 262 30.82 -36.44 1.70
N GLY B 263 29.66 -35.81 1.63
CA GLY B 263 29.17 -34.98 2.71
C GLY B 263 28.77 -33.61 2.25
N LEU B 264 28.63 -32.70 3.21
CA LEU B 264 28.22 -31.34 2.92
C LEU B 264 29.36 -30.57 2.26
N SER B 265 29.08 -30.00 1.09
CA SER B 265 30.10 -29.28 0.34
C SER B 265 29.65 -27.84 0.11
N CYS B 266 30.63 -26.98 -0.20
CA CYS B 266 30.41 -25.58 -0.47
C CYS B 266 30.57 -25.30 -1.96
N PHE B 267 29.74 -24.41 -2.48
CA PHE B 267 29.74 -24.10 -3.91
C PHE B 267 29.62 -22.60 -4.10
N LEU B 268 30.15 -22.11 -5.22
CA LEU B 268 29.95 -20.74 -5.67
C LEU B 268 28.96 -20.78 -6.83
N LEU B 269 27.78 -20.23 -6.60
CA LEU B 269 26.64 -20.41 -7.50
C LEU B 269 26.24 -19.07 -8.11
N PRO B 270 26.56 -18.82 -9.37
CA PRO B 270 26.14 -17.55 -10.00
C PRO B 270 24.64 -17.52 -10.25
N ARG B 271 24.06 -16.33 -10.09
CA ARG B 271 22.62 -16.17 -10.29
C ARG B 271 22.26 -16.28 -11.77
N LEU B 272 23.10 -15.74 -12.65
CA LEU B 272 22.87 -15.73 -14.08
C LEU B 272 23.92 -16.58 -14.78
N GLY B 273 23.55 -17.12 -15.94
CA GLY B 273 24.50 -17.81 -16.80
C GLY B 273 25.32 -16.83 -17.64
N GLU B 274 26.20 -17.39 -18.46
CA GLU B 274 27.16 -16.56 -19.22
C GLU B 274 26.47 -15.65 -20.23
N LYS B 275 25.26 -15.98 -20.69
CA LYS B 275 24.52 -15.15 -21.63
C LYS B 275 23.48 -14.29 -20.92
N GLY B 276 23.45 -14.30 -19.58
CA GLY B 276 22.49 -13.54 -18.81
C GLY B 276 21.18 -14.24 -18.51
N GLU B 277 21.01 -15.49 -18.94
CA GLU B 277 19.80 -16.24 -18.63
C GLU B 277 19.84 -16.74 -17.18
N SER B 278 18.67 -17.13 -16.68
CA SER B 278 18.59 -17.64 -15.32
C SER B 278 19.36 -18.93 -15.19
N ASN B 279 20.01 -19.10 -14.06
CA ASN B 279 20.82 -20.29 -13.76
C ASN B 279 20.09 -21.22 -12.80
N GLY B 280 18.81 -21.51 -13.06
CA GLY B 280 18.06 -22.39 -12.20
C GLY B 280 17.65 -21.83 -10.85
N PHE B 281 17.64 -20.50 -10.70
CA PHE B 281 17.09 -19.84 -9.51
C PHE B 281 15.60 -19.58 -9.71
N PHE B 282 14.80 -19.95 -8.70
CA PHE B 282 13.36 -19.64 -8.71
C PHE B 282 13.00 -18.99 -7.38
N PHE B 283 12.94 -17.65 -7.37
CA PHE B 283 12.51 -16.93 -6.16
C PHE B 283 11.01 -17.11 -5.95
N GLN B 284 10.62 -17.43 -4.72
CA GLN B 284 9.22 -17.64 -4.41
C GLN B 284 8.57 -16.38 -3.84
N ARG B 285 9.19 -15.80 -2.81
CA ARG B 285 8.63 -14.68 -2.07
C ARG B 285 9.79 -13.89 -1.49
N LEU B 286 9.50 -12.66 -1.11
CA LEU B 286 10.34 -11.90 -0.19
C LEU B 286 9.72 -11.99 1.20
N LYS B 287 10.59 -12.06 2.20
CA LYS B 287 10.15 -11.99 3.59
C LYS B 287 9.54 -10.62 3.88
N ASP B 288 8.47 -10.63 4.68
CA ASP B 288 7.90 -9.42 5.27
C ASP B 288 8.50 -9.29 6.67
N LYS B 289 9.51 -8.42 6.82
CA LYS B 289 10.37 -8.45 8.00
C LYS B 289 10.04 -7.36 9.02
N LEU B 290 10.25 -7.71 10.29
CA LEU B 290 10.13 -6.76 11.39
C LEU B 290 10.99 -5.50 11.16
N GLY B 291 12.25 -5.68 10.82
CA GLY B 291 13.17 -4.60 10.55
C GLY B 291 14.13 -5.04 9.44
N ASN B 292 15.25 -4.35 9.25
CA ASN B 292 16.18 -4.74 8.17
C ASN B 292 15.48 -4.68 6.80
N ARG B 293 14.43 -3.85 6.70
CA ARG B 293 13.47 -3.91 5.59
CA ARG B 293 13.50 -3.94 5.58
C ARG B 293 14.07 -3.42 4.26
N SER B 294 15.07 -2.54 4.30
CA SER B 294 15.73 -2.08 3.08
C SER B 294 16.46 -3.20 2.36
N ASN B 295 16.83 -4.27 3.08
CA ASN B 295 17.53 -5.43 2.56
C ASN B 295 16.48 -6.51 2.24
N ALA B 296 16.28 -6.78 0.95
CA ALA B 296 15.41 -7.87 0.54
C ALA B 296 15.97 -9.19 1.02
N SER B 297 15.12 -10.03 1.61
CA SER B 297 15.45 -11.41 1.95
C SER B 297 14.46 -12.32 1.22
N SER B 298 14.99 -13.25 0.41
CA SER B 298 14.16 -14.06 -0.47
C SER B 298 14.07 -15.49 0.02
N GLU B 299 13.03 -16.17 -0.43
CA GLU B 299 12.98 -17.64 -0.42
C GLU B 299 13.23 -18.10 -1.85
N VAL B 300 14.17 -19.02 -2.02
CA VAL B 300 14.58 -19.45 -3.35
C VAL B 300 14.55 -20.97 -3.43
N GLU B 301 14.26 -21.48 -4.62
CA GLU B 301 14.40 -22.90 -4.92
C GLU B 301 15.33 -23.05 -6.12
N PHE B 302 16.16 -24.09 -6.08
CA PHE B 302 17.15 -24.39 -7.12
C PHE B 302 16.69 -25.58 -7.93
N ASP B 303 16.77 -25.45 -9.26
CA ASP B 303 16.53 -26.57 -10.19
C ASP B 303 17.68 -26.64 -11.19
N GLY B 304 18.68 -27.47 -10.89
CA GLY B 304 19.80 -27.64 -11.81
C GLY B 304 20.72 -26.44 -11.91
N ALA B 305 20.86 -25.66 -10.85
CA ALA B 305 21.74 -24.49 -10.86
C ALA B 305 23.19 -24.93 -10.93
N LEU B 306 23.94 -24.34 -11.87
CA LEU B 306 25.33 -24.71 -12.10
C LEU B 306 26.29 -23.82 -11.32
N GLY B 307 27.30 -24.44 -10.69
CA GLY B 307 28.29 -23.72 -9.91
C GLY B 307 29.58 -24.49 -9.78
N GLN B 308 30.56 -23.82 -9.16
CA GLN B 308 31.87 -24.40 -8.87
C GLN B 308 31.94 -24.85 -7.41
N MET B 309 32.62 -25.97 -7.15
CA MET B 309 32.91 -26.34 -5.78
C MET B 309 33.98 -25.44 -5.19
N ILE B 310 33.81 -25.07 -3.92
CA ILE B 310 34.78 -24.27 -3.19
C ILE B 310 35.32 -25.11 -2.03
N GLY B 311 36.64 -25.33 -2.00
CA GLY B 311 37.24 -26.21 -1.01
C GLY B 311 37.08 -27.67 -1.37
N SER B 312 37.50 -28.55 -0.42
CA SER B 312 37.49 -29.98 -0.72
C SER B 312 36.08 -30.57 -0.59
N PRO B 313 35.78 -31.61 -1.37
CA PRO B 313 34.46 -32.28 -1.24
C PRO B 313 34.19 -32.74 0.19
N GLY B 314 33.01 -32.41 0.69
CA GLY B 314 32.67 -32.79 2.05
C GLY B 314 33.26 -31.89 3.12
N GLU B 315 34.02 -30.85 2.75
CA GLU B 315 34.59 -29.92 3.72
C GLU B 315 33.87 -28.57 3.70
N GLY B 316 32.57 -28.58 3.37
CA GLY B 316 31.85 -27.33 3.26
C GLY B 316 31.86 -26.51 4.54
N VAL B 317 31.72 -27.18 5.69
CA VAL B 317 31.65 -26.46 6.97
C VAL B 317 32.97 -25.75 7.25
N LYS B 318 34.10 -26.50 7.16
CA LYS B 318 35.41 -25.91 7.36
C LYS B 318 35.69 -24.78 6.36
N THR B 319 35.21 -24.94 5.13
CA THR B 319 35.49 -23.98 4.07
C THR B 319 34.94 -22.59 4.41
N ILE B 320 33.77 -22.53 5.05
CA ILE B 320 33.11 -21.26 5.31
C ILE B 320 33.38 -20.76 6.72
N MET B 321 34.26 -21.41 7.47
CA MET B 321 34.46 -21.06 8.87
C MET B 321 34.97 -19.64 9.03
N ASP B 322 36.00 -19.25 8.27
CA ASP B 322 36.56 -17.90 8.38
C ASP B 322 35.58 -16.85 7.84
N MET B 323 34.78 -17.22 6.83
CA MET B 323 33.75 -16.32 6.31
C MET B 323 32.74 -15.95 7.39
N VAL B 324 32.23 -16.95 8.11
CA VAL B 324 31.28 -16.71 9.18
C VAL B 324 31.89 -15.84 10.28
N THR B 325 33.13 -16.15 10.68
CA THR B 325 33.81 -15.36 11.71
C THR B 325 33.88 -13.88 11.31
N LEU B 326 34.18 -13.59 10.04
CA LEU B 326 34.20 -12.20 9.58
C LEU B 326 32.82 -11.55 9.68
N THR B 327 31.74 -12.27 9.34
CA THR B 327 30.41 -11.66 9.46
C THR B 327 30.05 -11.38 10.92
N ARG B 328 30.55 -12.18 11.85
CA ARG B 328 30.19 -11.99 13.26
C ARG B 328 30.80 -10.70 13.82
N LEU B 329 32.05 -10.38 13.43
CA LEU B 329 32.62 -9.09 13.79
C LEU B 329 31.77 -7.95 13.26
N ASP B 330 31.35 -8.03 12.00
CA ASP B 330 30.49 -6.99 11.44
C ASP B 330 29.19 -6.86 12.23
N CYS B 331 28.61 -8.00 12.66
CA CYS B 331 27.37 -7.95 13.43
C CYS B 331 27.55 -7.17 14.73
N ALA B 332 28.68 -7.40 15.41
CA ALA B 332 28.96 -6.68 16.65
C ALA B 332 29.18 -5.19 16.40
N VAL B 333 30.07 -4.85 15.45
CA VAL B 333 30.39 -3.44 15.18
C VAL B 333 29.13 -2.67 14.81
N ALA B 334 28.27 -3.27 13.98
CA ALA B 334 27.05 -2.61 13.55
C ALA B 334 26.05 -2.44 14.69
N SER B 335 25.91 -3.45 15.56
CA SER B 335 25.01 -3.31 16.70
C SER B 335 25.48 -2.20 17.63
N ALA B 336 26.79 -2.12 17.85
CA ALA B 336 27.37 -1.05 18.66
C ALA B 336 27.08 0.31 18.05
N GLY B 337 27.19 0.43 16.72
CA GLY B 337 26.86 1.70 16.08
C GLY B 337 25.39 2.04 16.20
N LEU B 338 24.51 1.05 16.02
CA LEU B 338 23.08 1.23 16.25
C LEU B 338 22.80 1.76 17.66
N MET B 339 23.44 1.17 18.68
CA MET B 339 23.23 1.63 20.05
C MET B 339 23.77 3.04 20.23
N ARG B 340 24.98 3.30 19.70
CA ARG B 340 25.57 4.63 19.79
C ARG B 340 24.63 5.70 19.21
N SER B 341 24.10 5.45 18.01
CA SER B 341 23.25 6.43 17.35
C SER B 341 21.94 6.65 18.13
N GLY B 342 21.32 5.57 18.61
CA GLY B 342 20.11 5.71 19.37
C GLY B 342 20.32 6.44 20.69
N LEU B 343 21.39 6.12 21.42
CA LEU B 343 21.63 6.82 22.69
C LEU B 343 22.03 8.28 22.46
N ALA B 344 22.79 8.56 21.40
CA ALA B 344 23.11 9.96 21.10
C ALA B 344 21.84 10.80 20.93
N GLU B 345 20.81 10.23 20.30
CA GLU B 345 19.56 10.95 20.13
C GLU B 345 18.86 11.19 21.48
N ALA B 346 18.88 10.19 22.36
CA ALA B 346 18.29 10.33 23.69
C ALA B 346 19.01 11.37 24.53
N VAL B 347 20.35 11.35 24.54
CA VAL B 347 21.12 12.34 25.27
C VAL B 347 20.87 13.74 24.71
N HIS B 348 20.92 13.86 23.38
CA HIS B 348 20.69 15.15 22.75
C HIS B 348 19.30 15.69 23.09
N HIS B 349 18.29 14.81 23.03
CA HIS B 349 16.93 15.22 23.36
C HIS B 349 16.86 15.75 24.79
N SER B 350 17.54 15.07 25.73
CA SER B 350 17.54 15.48 27.13
C SER B 350 18.14 16.87 27.34
N ARG B 351 19.12 17.26 26.52
CA ARG B 351 19.73 18.57 26.69
C ARG B 351 18.80 19.70 26.26
N HIS B 352 17.84 19.45 25.38
CA HIS B 352 16.98 20.52 24.89
C HIS B 352 15.55 20.50 25.42
N ARG B 353 14.99 19.32 25.64
CA ARG B 353 13.59 19.20 26.03
C ARG B 353 13.43 19.59 27.48
N HIS B 354 12.59 20.59 27.75
CA HIS B 354 12.31 21.03 29.12
C HIS B 354 11.09 20.29 29.69
N VAL B 355 11.17 19.96 30.98
CA VAL B 355 10.06 19.45 31.77
C VAL B 355 10.14 20.09 33.16
N PHE B 356 9.02 20.62 33.65
CA PHE B 356 9.02 21.30 34.96
C PHE B 356 10.04 22.44 35.01
N GLY B 357 10.25 23.12 33.89
CA GLY B 357 11.03 24.33 33.89
C GLY B 357 12.52 24.18 33.63
N LYS B 358 13.06 22.98 33.48
CA LYS B 358 14.48 22.85 33.21
C LYS B 358 14.71 21.70 32.23
N PRO B 359 15.89 21.65 31.61
CA PRO B 359 16.18 20.53 30.70
C PRO B 359 16.13 19.20 31.43
N LEU B 360 15.64 18.18 30.71
CA LEU B 360 15.60 16.82 31.26
C LEU B 360 16.96 16.35 31.73
N VAL B 361 18.04 16.82 31.09
CA VAL B 361 19.37 16.31 31.43
C VAL B 361 19.82 16.78 32.80
N GLU B 362 19.14 17.77 33.38
CA GLU B 362 19.42 18.21 34.74
C GLU B 362 18.67 17.41 35.80
N GLN B 363 17.75 16.52 35.39
CA GLN B 363 17.05 15.67 36.35
C GLN B 363 17.94 14.52 36.78
N PRO B 364 18.16 14.32 38.08
CA PRO B 364 19.09 13.23 38.51
C PRO B 364 18.71 11.87 37.95
N LEU B 365 17.42 11.53 37.94
CA LEU B 365 17.00 10.21 37.49
C LEU B 365 17.27 10.02 35.99
N MET B 366 16.99 11.05 35.18
CA MET B 366 17.34 10.96 33.76
C MET B 366 18.85 10.87 33.58
N GLN B 367 19.63 11.51 34.45
CA GLN B 367 21.08 11.39 34.38
C GLN B 367 21.55 9.95 34.61
N ARG B 368 20.98 9.27 35.61
CA ARG B 368 21.38 7.91 35.90
C ARG B 368 21.03 6.97 34.76
N VAL B 369 19.85 7.17 34.15
CA VAL B 369 19.43 6.30 33.05
C VAL B 369 20.35 6.48 31.86
N LEU B 370 20.62 7.75 31.48
CA LEU B 370 21.48 8.01 30.32
C LEU B 370 22.89 7.50 30.57
N ALA B 371 23.45 7.75 31.76
CA ALA B 371 24.82 7.32 32.05
C ALA B 371 24.94 5.80 32.10
N ASP B 372 23.94 5.13 32.68
CA ASP B 372 23.95 3.67 32.74
C ASP B 372 23.96 3.07 31.32
N MET B 373 23.12 3.60 30.42
CA MET B 373 23.17 3.13 29.03
C MET B 373 24.51 3.45 28.38
N ALA B 374 25.07 4.62 28.68
CA ALA B 374 26.34 5.00 28.07
C ALA B 374 27.44 4.02 28.43
N LEU B 375 27.39 3.48 29.65
CA LEU B 375 28.41 2.52 30.08
C LEU B 375 28.40 1.28 29.19
N ASP B 376 27.21 0.76 28.87
CA ASP B 376 27.14 -0.42 28.00
C ASP B 376 27.50 -0.08 26.57
N VAL B 377 27.04 1.07 26.06
CA VAL B 377 27.42 1.47 24.71
C VAL B 377 28.93 1.63 24.62
N ALA B 378 29.54 2.22 25.65
CA ALA B 378 30.99 2.40 25.66
C ALA B 378 31.70 1.05 25.70
N GLY B 379 31.26 0.16 26.58
CA GLY B 379 31.89 -1.16 26.67
C GLY B 379 31.75 -1.95 25.38
N ALA B 380 30.56 -1.89 24.77
CA ALA B 380 30.33 -2.67 23.55
C ALA B 380 31.17 -2.14 22.39
N THR B 381 31.29 -0.81 22.27
CA THR B 381 32.09 -0.22 21.22
C THR B 381 33.58 -0.54 21.42
N ALA B 382 34.07 -0.41 22.65
CA ALA B 382 35.47 -0.70 22.93
C ALA B 382 35.79 -2.16 22.64
N LEU B 383 34.91 -3.07 23.08
CA LEU B 383 35.16 -4.50 22.89
C LEU B 383 35.09 -4.87 21.41
N SER B 384 34.13 -4.32 20.66
CA SER B 384 34.00 -4.66 19.24
C SER B 384 35.25 -4.25 18.48
N MET B 385 35.75 -3.03 18.74
CA MET B 385 36.96 -2.56 18.08
C MET B 385 38.19 -3.31 18.58
N ARG B 386 38.19 -3.72 19.85
CA ARG B 386 39.30 -4.53 20.32
C ARG B 386 39.35 -5.86 19.58
N LEU B 387 38.19 -6.41 19.21
CA LEU B 387 38.19 -7.63 18.41
C LEU B 387 38.79 -7.36 17.04
N ALA B 388 38.37 -6.25 16.40
CA ALA B 388 38.98 -5.85 15.13
C ALA B 388 40.49 -5.74 15.27
N ARG B 389 40.95 -5.19 16.40
CA ARG B 389 42.39 -5.08 16.64
C ARG B 389 43.04 -6.46 16.73
N ALA B 390 42.38 -7.42 17.39
CA ALA B 390 42.93 -8.77 17.44
C ALA B 390 43.03 -9.38 16.05
N PHE B 391 42.04 -9.09 15.18
CA PHE B 391 42.13 -9.61 13.81
C PHE B 391 43.36 -9.07 13.09
N ASP B 392 43.65 -7.77 13.24
CA ASP B 392 44.80 -7.17 12.56
C ASP B 392 46.11 -7.74 13.07
N MET B 393 46.18 -8.03 14.37
CA MET B 393 47.40 -8.45 15.03
C MET B 393 47.58 -9.96 15.09
N ALA B 394 46.58 -10.74 14.65
CA ALA B 394 46.63 -12.19 14.83
C ALA B 394 47.83 -12.80 14.12
N ALA B 395 48.16 -12.31 12.93
CA ALA B 395 49.25 -12.87 12.15
C ALA B 395 50.62 -12.69 12.83
N SER B 396 50.77 -11.70 13.71
CA SER B 396 52.07 -11.38 14.29
C SER B 396 52.15 -11.58 15.80
N ASP B 397 51.07 -12.01 16.44
CA ASP B 397 51.02 -12.08 17.89
C ASP B 397 50.13 -13.26 18.26
N ARG B 398 50.71 -14.24 18.96
CA ARG B 398 49.97 -15.46 19.30
C ARG B 398 48.85 -15.17 20.31
N ALA B 399 49.09 -14.25 21.26
CA ALA B 399 48.07 -13.88 22.24
C ALA B 399 46.89 -13.14 21.60
N GLU B 400 47.17 -12.30 20.59
CA GLU B 400 46.09 -11.66 19.87
C GLU B 400 45.34 -12.69 19.00
N ALA B 401 46.08 -13.64 18.41
CA ALA B 401 45.43 -14.73 17.68
C ALA B 401 44.54 -15.54 18.60
N ALA B 402 44.99 -15.79 19.85
CA ALA B 402 44.16 -16.49 20.81
C ALA B 402 42.87 -15.73 21.09
N PHE B 403 42.98 -14.42 21.29
CA PHE B 403 41.79 -13.59 21.45
C PHE B 403 40.90 -13.67 20.21
N ALA B 404 41.52 -13.61 19.02
CA ALA B 404 40.76 -13.60 17.79
C ALA B 404 39.96 -14.89 17.60
N ARG B 405 40.59 -16.05 17.89
CA ARG B 405 39.89 -17.32 17.69
C ARG B 405 38.76 -17.51 18.70
N SER B 406 39.02 -17.26 19.97
CA SER B 406 38.07 -17.62 21.01
C SER B 406 37.00 -16.56 21.31
N MET B 407 37.27 -15.28 21.07
CA MET B 407 36.35 -14.25 21.58
C MET B 407 35.39 -13.70 20.53
N THR B 408 35.52 -14.08 19.26
CA THR B 408 34.54 -13.59 18.28
C THR B 408 33.11 -13.93 18.70
N PRO B 409 32.78 -15.16 19.12
CA PRO B 409 31.39 -15.43 19.55
C PRO B 409 31.02 -14.73 20.84
N VAL B 410 31.98 -14.48 21.74
CA VAL B 410 31.68 -13.71 22.95
C VAL B 410 31.24 -12.30 22.60
N VAL B 411 31.99 -11.64 21.71
CA VAL B 411 31.66 -10.27 21.35
C VAL B 411 30.32 -10.21 20.61
N LYS B 412 30.12 -11.14 19.67
CA LYS B 412 28.86 -11.19 18.94
C LYS B 412 27.67 -11.48 19.86
N TYR B 413 27.85 -12.43 20.80
CA TYR B 413 26.82 -12.70 21.80
C TYR B 413 26.40 -11.42 22.53
N TRP B 414 27.35 -10.77 23.21
CA TRP B 414 26.97 -9.73 24.16
C TRP B 414 26.61 -8.43 23.45
N VAL B 415 27.42 -8.00 22.50
CA VAL B 415 27.16 -6.71 21.85
C VAL B 415 25.81 -6.72 21.14
N CYS B 416 25.52 -7.79 20.40
CA CYS B 416 24.30 -7.82 19.63
C CYS B 416 23.06 -8.04 20.51
N LYS B 417 23.19 -8.84 21.57
CA LYS B 417 22.00 -9.22 22.32
C LYS B 417 21.58 -8.17 23.36
N ILE B 418 22.45 -7.22 23.72
CA ILE B 418 21.98 -6.14 24.59
C ILE B 418 21.30 -5.02 23.83
N ALA B 419 21.43 -4.98 22.50
CA ALA B 419 20.92 -3.83 21.74
C ALA B 419 19.41 -3.64 21.84
N PRO B 420 18.57 -4.70 21.78
CA PRO B 420 17.11 -4.45 21.89
C PRO B 420 16.70 -3.78 23.19
N ALA B 421 17.21 -4.28 24.34
CA ALA B 421 16.82 -3.69 25.61
C ALA B 421 17.30 -2.25 25.74
N LEU B 422 18.50 -1.96 25.26
CA LEU B 422 19.05 -0.61 25.40
C LEU B 422 18.34 0.37 24.47
N LEU B 423 18.06 -0.05 23.23
CA LEU B 423 17.38 0.83 22.28
C LEU B 423 15.95 1.11 22.70
N TYR B 424 15.26 0.14 23.33
CA TYR B 424 13.95 0.43 23.91
C TYR B 424 14.05 1.55 24.95
N GLU B 425 15.03 1.47 25.87
CA GLU B 425 15.12 2.50 26.91
C GLU B 425 15.47 3.87 26.31
N ALA B 426 16.39 3.89 25.34
CA ALA B 426 16.71 5.13 24.62
C ALA B 426 15.48 5.72 23.96
N MET B 427 14.67 4.86 23.33
CA MET B 427 13.41 5.30 22.72
CA MET B 427 13.41 5.32 22.72
C MET B 427 12.48 5.91 23.76
N GLU B 428 12.32 5.25 24.90
CA GLU B 428 11.49 5.77 25.98
C GLU B 428 11.94 7.15 26.44
N CYS B 429 13.25 7.44 26.34
CA CYS B 429 13.74 8.77 26.73
C CYS B 429 13.23 9.85 25.80
N LEU B 430 12.77 9.50 24.60
CA LEU B 430 12.18 10.51 23.71
C LEU B 430 10.72 10.80 24.01
N GLY B 431 10.08 10.04 24.91
CA GLY B 431 8.65 10.26 25.06
C GLY B 431 7.88 9.65 23.88
N GLY B 432 6.66 10.14 23.68
CA GLY B 432 5.77 9.55 22.70
C GLY B 432 6.32 9.56 21.27
N ASN B 433 6.99 10.65 20.87
CA ASN B 433 7.56 10.71 19.52
C ASN B 433 8.53 9.56 19.26
N GLY B 434 9.16 9.01 20.30
CA GLY B 434 10.10 7.92 20.11
C GLY B 434 9.47 6.69 19.47
N TYR B 435 8.17 6.49 19.72
CA TYR B 435 7.41 5.34 19.25
C TYR B 435 6.89 5.52 17.82
N ILE B 436 7.20 6.65 17.19
CA ILE B 436 6.62 7.03 15.91
C ILE B 436 7.64 6.83 14.81
N GLU B 437 7.19 6.24 13.70
CA GLU B 437 8.10 5.82 12.64
C GLU B 437 8.68 6.98 11.83
N ASP B 438 8.21 8.22 11.99
CA ASP B 438 8.88 9.32 11.32
C ASP B 438 10.18 9.72 12.01
N GLY B 439 10.52 9.10 13.14
CA GLY B 439 11.82 9.22 13.75
C GLY B 439 12.73 8.07 13.35
N ASN B 440 13.82 7.93 14.10
CA ASN B 440 14.86 6.92 13.88
C ASN B 440 14.88 5.83 14.95
N LEU B 441 14.42 6.11 16.17
CA LEU B 441 14.55 5.12 17.23
C LEU B 441 13.68 3.91 16.97
N ALA B 442 12.48 4.11 16.40
CA ALA B 442 11.61 2.97 16.13
C ALA B 442 12.27 2.00 15.15
N ARG B 443 12.85 2.55 14.07
CA ARG B 443 13.51 1.73 13.05
CA ARG B 443 13.49 1.71 13.06
C ARG B 443 14.70 0.98 13.63
N ALA B 444 15.51 1.67 14.46
CA ALA B 444 16.68 1.06 15.10
C ALA B 444 16.27 -0.04 16.08
N TYR B 445 15.20 0.20 16.85
CA TYR B 445 14.66 -0.84 17.72
C TYR B 445 14.23 -2.07 16.93
N ARG B 446 13.58 -1.85 15.78
CA ARG B 446 13.18 -2.97 14.92
C ARG B 446 14.40 -3.66 14.29
N GLU B 447 15.48 -2.91 14.09
CA GLU B 447 16.69 -3.45 13.47
C GLU B 447 17.47 -4.35 14.43
N ALA B 448 17.54 -3.96 15.69
CA ALA B 448 18.47 -4.57 16.64
C ALA B 448 18.42 -6.10 16.69
N PRO B 449 17.27 -6.77 16.74
CA PRO B 449 17.31 -8.25 16.82
C PRO B 449 17.99 -8.90 15.63
N VAL B 450 18.11 -8.25 14.48
CA VAL B 450 18.54 -8.99 13.30
C VAL B 450 20.00 -9.41 13.41
N ASN B 451 20.85 -8.55 13.96
CA ASN B 451 22.26 -8.91 14.08
C ASN B 451 22.46 -10.09 15.03
N ALA B 452 21.65 -10.21 16.07
CA ALA B 452 21.73 -11.35 16.97
C ALA B 452 21.16 -12.61 16.35
N ILE B 453 20.14 -12.50 15.49
CA ILE B 453 19.45 -13.69 14.97
C ILE B 453 20.09 -14.16 13.67
N TRP B 454 20.67 -13.27 12.89
N TRP B 454 20.64 -13.22 12.88
CA TRP B 454 21.34 -13.68 11.68
CA TRP B 454 20.82 -13.40 11.44
C TRP B 454 22.51 -14.60 12.00
C TRP B 454 21.76 -14.55 11.12
N GLU B 455 22.58 -15.74 11.32
N GLU B 455 22.85 -14.64 11.86
CA GLU B 455 23.67 -16.71 11.39
CA GLU B 455 23.71 -15.81 11.90
C GLU B 455 23.59 -17.60 12.63
C GLU B 455 24.01 -16.03 13.37
N GLY B 456 24.36 -17.27 13.67
CA GLY B 456 24.34 -17.90 14.98
C GLY B 456 23.80 -17.09 16.14
N SER B 457 22.70 -17.56 16.71
CA SER B 457 22.06 -16.84 17.80
C SER B 457 22.80 -17.10 19.12
N GLY B 458 22.22 -16.60 20.21
CA GLY B 458 22.89 -16.61 21.49
C GLY B 458 23.32 -17.99 21.92
N ASN B 459 22.42 -18.97 21.84
CA ASN B 459 22.75 -20.31 22.31
C ASN B 459 23.89 -20.91 21.49
N VAL B 460 23.92 -20.61 20.19
CA VAL B 460 24.98 -21.14 19.32
C VAL B 460 26.32 -20.47 19.65
N MET B 461 26.32 -19.15 19.87
CA MET B 461 27.57 -18.49 20.27
C MET B 461 28.10 -19.08 21.58
N ALA B 462 27.21 -19.24 22.57
CA ALA B 462 27.66 -19.68 23.89
C ALA B 462 28.21 -21.10 23.84
N LEU B 463 27.58 -21.98 23.06
CA LEU B 463 28.09 -23.34 22.95
C LEU B 463 29.43 -23.35 22.24
N ASP B 464 29.58 -22.49 21.24
CA ASP B 464 30.88 -22.33 20.57
C ASP B 464 31.97 -21.93 21.56
N VAL B 465 31.65 -20.99 22.46
CA VAL B 465 32.60 -20.55 23.46
C VAL B 465 33.00 -21.72 24.36
N ALA B 466 32.02 -22.52 24.77
CA ALA B 466 32.30 -23.67 25.65
C ALA B 466 33.08 -24.76 24.92
N ARG B 467 32.80 -24.97 23.63
CA ARG B 467 33.55 -25.97 22.89
C ARG B 467 35.02 -25.61 22.82
N VAL B 468 35.33 -24.34 22.56
CA VAL B 468 36.72 -23.92 22.44
C VAL B 468 37.47 -24.08 23.76
N LEU B 469 36.80 -23.86 24.91
CA LEU B 469 37.42 -24.19 26.20
C LEU B 469 37.68 -25.70 26.34
N SER B 470 36.76 -26.53 25.85
CA SER B 470 36.95 -27.96 25.95
C SER B 470 38.11 -28.45 25.11
N ARG B 471 38.37 -27.81 23.97
CA ARG B 471 39.40 -28.26 23.05
C ARG B 471 40.70 -27.48 23.16
N ALA B 472 40.67 -26.25 23.68
CA ALA B 472 41.85 -25.40 23.68
C ALA B 472 41.86 -24.52 24.93
N PRO B 473 42.10 -25.12 26.09
CA PRO B 473 42.19 -24.31 27.33
C PRO B 473 43.22 -23.20 27.24
N ALA B 474 44.29 -23.40 26.47
CA ALA B 474 45.34 -22.40 26.39
C ALA B 474 44.84 -21.09 25.80
N LEU B 475 43.83 -21.12 24.93
CA LEU B 475 43.32 -19.88 24.36
C LEU B 475 42.70 -19.00 25.43
N PHE B 476 42.04 -19.59 26.42
CA PHE B 476 41.38 -18.76 27.43
C PHE B 476 42.35 -18.27 28.49
N ASP B 477 43.45 -19.01 28.73
CA ASP B 477 44.53 -18.46 29.54
C ASP B 477 45.08 -17.18 28.92
N GLY B 478 45.26 -17.17 27.60
CA GLY B 478 45.76 -15.97 26.95
C GLY B 478 44.81 -14.78 27.07
N VAL B 479 43.51 -15.03 26.91
CA VAL B 479 42.53 -13.97 27.07
C VAL B 479 42.50 -13.49 28.52
N LEU B 480 42.45 -14.43 29.47
CA LEU B 480 42.47 -14.07 30.87
C LEU B 480 43.72 -13.27 31.22
N ASP B 481 44.86 -13.63 30.63
CA ASP B 481 46.09 -12.87 30.84
C ASP B 481 45.99 -11.44 30.31
N TRP B 482 45.38 -11.26 29.14
CA TRP B 482 45.22 -9.91 28.62
C TRP B 482 44.29 -9.10 29.50
N ILE B 483 43.17 -9.70 29.91
CA ILE B 483 42.25 -9.01 30.81
C ILE B 483 42.96 -8.64 32.11
N SER B 484 43.68 -9.59 32.70
CA SER B 484 44.34 -9.32 33.97
C SER B 484 45.38 -8.21 33.83
N GLY B 485 46.13 -8.21 32.74
CA GLY B 485 47.11 -7.15 32.53
C GLY B 485 46.47 -5.78 32.48
N GLN B 486 45.28 -5.66 31.88
CA GLN B 486 44.63 -4.35 31.77
C GLN B 486 43.94 -3.95 33.07
N LEU B 487 43.32 -4.90 33.77
CA LEU B 487 42.64 -4.56 35.01
C LEU B 487 43.62 -4.34 36.15
N GLY B 488 44.81 -4.91 36.07
CA GLY B 488 45.77 -4.80 37.13
C GLY B 488 45.41 -5.70 38.30
N PRO B 489 46.19 -5.61 39.37
CA PRO B 489 45.97 -6.50 40.53
C PRO B 489 44.56 -6.41 41.11
N ARG B 490 43.92 -5.24 41.04
CA ARG B 490 42.57 -5.11 41.57
C ARG B 490 41.57 -6.00 40.83
N GLY B 491 41.91 -6.47 39.64
CA GLY B 491 40.98 -7.29 38.90
C GLY B 491 41.12 -8.78 39.11
N GLN B 492 41.99 -9.23 40.02
CA GLN B 492 42.19 -10.67 40.21
C GLN B 492 40.90 -11.37 40.62
N GLY B 493 40.04 -10.70 41.40
CA GLY B 493 38.76 -11.29 41.74
C GLY B 493 37.93 -11.63 40.52
N THR B 494 37.98 -10.77 39.49
CA THR B 494 37.22 -11.06 38.26
C THR B 494 37.82 -12.25 37.52
N ILE B 495 39.15 -12.35 37.48
CA ILE B 495 39.80 -13.50 36.87
C ILE B 495 39.34 -14.80 37.52
N ASP B 496 39.22 -14.79 38.85
CA ASP B 496 38.78 -15.98 39.58
C ASP B 496 37.35 -16.35 39.23
N VAL B 497 36.48 -15.34 39.05
CA VAL B 497 35.11 -15.60 38.61
C VAL B 497 35.10 -16.30 37.25
N LEU B 498 35.95 -15.82 36.32
CA LEU B 498 35.97 -16.37 34.97
C LEU B 498 36.46 -17.82 34.95
N ARG B 499 37.52 -18.12 35.72
CA ARG B 499 37.99 -19.50 35.83
C ARG B 499 36.93 -20.41 36.42
N ALA B 500 36.26 -19.97 37.48
CA ALA B 500 35.19 -20.77 38.06
C ALA B 500 34.08 -21.03 37.05
N ALA B 501 33.71 -20.02 36.25
CA ALA B 501 32.69 -20.20 35.22
C ALA B 501 33.15 -21.16 34.11
N LEU B 502 34.42 -21.03 33.68
CA LEU B 502 34.96 -21.95 32.68
C LEU B 502 34.88 -23.39 33.18
N GLN B 503 35.38 -23.64 34.40
CA GLN B 503 35.36 -24.97 34.98
C GLN B 503 33.93 -25.48 35.15
N LEU B 504 33.02 -24.62 35.63
CA LEU B 504 31.64 -25.05 35.80
C LEU B 504 31.01 -25.41 34.46
N THR B 505 31.39 -24.72 33.39
CA THR B 505 30.83 -25.02 32.07
C THR B 505 31.22 -26.42 31.60
N GLU B 506 32.44 -26.87 31.94
CA GLU B 506 32.81 -28.24 31.66
C GLU B 506 31.94 -29.23 32.42
N THR B 507 31.46 -28.85 33.61
CA THR B 507 30.55 -29.70 34.36
C THR B 507 29.15 -29.66 33.77
N ASP B 508 28.71 -28.47 33.34
CA ASP B 508 27.31 -28.22 32.99
C ASP B 508 27.28 -27.25 31.81
N GLN B 509 26.93 -27.78 30.64
CA GLN B 509 26.82 -26.98 29.42
C GLN B 509 25.77 -25.88 29.56
N GLY B 510 24.78 -26.08 30.43
CA GLY B 510 23.74 -25.11 30.62
C GLY B 510 24.21 -23.77 31.13
N VAL B 511 25.42 -23.66 31.68
CA VAL B 511 25.91 -22.39 32.19
C VAL B 511 26.78 -21.66 31.16
N ALA B 512 26.78 -22.14 29.90
CA ALA B 512 27.61 -21.52 28.86
C ALA B 512 27.24 -20.05 28.62
N ARG B 513 25.98 -19.66 28.78
CA ARG B 513 25.65 -18.25 28.61
C ARG B 513 26.20 -17.41 29.76
N LEU B 514 26.19 -17.94 30.98
CA LEU B 514 26.82 -17.20 32.08
C LEU B 514 28.29 -16.94 31.78
N LEU B 515 29.02 -17.99 31.39
CA LEU B 515 30.42 -17.84 30.99
C LEU B 515 30.61 -16.79 29.90
N THR B 516 29.79 -16.86 28.85
CA THR B 516 29.96 -15.96 27.72
C THR B 516 29.77 -14.50 28.13
N GLU B 517 28.72 -14.22 28.91
CA GLU B 517 28.44 -12.84 29.28
C GLU B 517 29.48 -12.30 30.26
N GLN B 518 29.92 -13.15 31.19
CA GLN B 518 30.95 -12.72 32.13
C GLN B 518 32.26 -12.42 31.40
N LEU B 519 32.62 -13.25 30.42
CA LEU B 519 33.80 -12.94 29.62
C LEU B 519 33.66 -11.58 28.92
N ALA B 520 32.47 -11.29 28.40
CA ALA B 520 32.28 -10.03 27.69
C ALA B 520 32.39 -8.84 28.64
N PHE B 521 31.74 -8.92 29.81
CA PHE B 521 31.87 -7.86 30.81
C PHE B 521 33.34 -7.60 31.10
N ALA B 522 34.09 -8.67 31.39
CA ALA B 522 35.48 -8.52 31.82
C ALA B 522 36.35 -7.97 30.69
N ALA B 523 36.12 -8.44 29.46
CA ALA B 523 36.94 -7.98 28.33
C ALA B 523 36.61 -6.53 27.97
N ALA B 524 35.33 -6.14 28.07
CA ALA B 524 34.95 -4.75 27.84
C ALA B 524 35.56 -3.83 28.91
N ALA B 525 35.50 -4.24 30.18
CA ALA B 525 36.14 -3.48 31.25
C ALA B 525 37.63 -3.31 30.98
N ALA B 526 38.30 -4.40 30.59
CA ALA B 526 39.74 -4.34 30.34
C ALA B 526 40.06 -3.36 29.23
N GLU B 527 39.25 -3.36 28.16
CA GLU B 527 39.56 -2.47 27.04
C GLU B 527 39.28 -1.01 27.38
N LEU B 528 38.28 -0.74 28.22
CA LEU B 528 38.06 0.64 28.61
C LEU B 528 39.27 1.16 29.39
N ARG B 529 39.88 0.30 30.20
CA ARG B 529 41.14 0.65 30.85
C ARG B 529 42.24 0.86 29.82
N GLN B 530 42.36 -0.05 28.86
CA GLN B 530 43.41 0.06 27.86
C GLN B 530 43.30 1.38 27.11
N LEU B 531 42.07 1.82 26.81
CA LEU B 531 41.85 3.09 26.13
C LEU B 531 42.03 4.30 27.03
N GLY B 532 42.25 4.11 28.33
CA GLY B 532 42.39 5.26 29.24
C GLY B 532 41.08 5.89 29.68
N ALA B 533 39.94 5.25 29.41
CA ALA B 533 38.62 5.76 29.81
C ALA B 533 38.33 5.36 31.25
N ASP B 534 39.12 5.90 32.17
CA ASP B 534 39.17 5.36 33.54
C ASP B 534 37.91 5.69 34.34
N ASP B 535 37.30 6.86 34.10
CA ASP B 535 36.04 7.16 34.78
C ASP B 535 34.95 6.22 34.29
N ILE B 536 34.91 5.95 32.98
CA ILE B 536 33.93 5.03 32.40
C ILE B 536 34.18 3.62 32.93
N ALA B 537 35.44 3.18 32.93
CA ALA B 537 35.80 1.84 33.41
C ALA B 537 35.43 1.65 34.87
N ASP B 538 35.75 2.62 35.73
CA ASP B 538 35.41 2.53 37.15
C ASP B 538 33.94 2.18 37.35
N ALA B 539 33.07 2.98 36.74
CA ALA B 539 31.64 2.81 36.92
C ALA B 539 31.15 1.53 36.25
N PHE B 540 31.72 1.20 35.07
CA PHE B 540 31.36 -0.06 34.40
C PHE B 540 31.77 -1.26 35.26
N ILE B 541 32.97 -1.21 35.84
CA ILE B 541 33.47 -2.33 36.64
C ILE B 541 32.63 -2.51 37.89
N GLU B 542 32.31 -1.40 38.58
CA GLU B 542 31.54 -1.50 39.81
C GLU B 542 30.16 -2.12 39.58
N THR B 543 29.55 -1.87 38.43
CA THR B 543 28.20 -2.40 38.20
C THR B 543 28.21 -3.77 37.54
N ARG B 544 28.76 -3.88 36.32
CA ARG B 544 28.68 -5.13 35.58
C ARG B 544 29.51 -6.24 36.23
N LEU B 545 30.60 -5.89 36.91
CA LEU B 545 31.43 -6.89 37.56
C LEU B 545 31.23 -6.98 39.07
N GLY B 546 30.42 -6.09 39.68
CA GLY B 546 30.26 -6.13 41.11
C GLY B 546 28.84 -5.90 41.64
N GLY B 547 27.90 -5.58 40.76
CA GLY B 547 26.55 -5.27 41.16
C GLY B 547 25.63 -6.49 41.15
N LEU B 548 24.37 -6.24 41.50
CA LEU B 548 23.42 -7.33 41.64
C LEU B 548 22.50 -7.41 40.42
N TRP B 549 21.73 -8.51 40.36
CA TRP B 549 20.76 -8.73 39.31
C TRP B 549 19.90 -7.49 39.04
N ARG B 550 19.77 -7.13 37.78
CA ARG B 550 18.95 -5.99 37.36
C ARG B 550 18.28 -6.35 36.04
N THR B 551 17.16 -5.67 35.78
CA THR B 551 16.41 -5.86 34.55
C THR B 551 16.15 -4.57 33.78
N THR B 552 16.43 -3.39 34.37
CA THR B 552 16.23 -2.12 33.68
C THR B 552 17.42 -1.21 33.94
N TYR B 553 17.56 -0.18 33.10
CA TYR B 553 18.65 0.78 33.20
C TYR B 553 18.36 1.84 34.26
N GLY B 554 19.43 2.47 34.74
CA GLY B 554 19.35 3.46 35.79
C GLY B 554 19.79 2.95 37.14
N MET B 555 20.53 1.86 37.19
CA MET B 555 20.93 1.26 38.47
C MET B 555 22.31 1.76 38.88
N LEU B 556 22.42 3.09 39.01
CA LEU B 556 23.63 3.74 39.47
C LEU B 556 23.33 4.63 40.68
N ASP B 557 24.21 4.57 41.69
CA ASP B 557 24.12 5.54 42.76
C ASP B 557 24.90 6.79 42.38
N ALA B 558 25.06 7.70 43.34
CA ALA B 558 25.67 9.02 43.12
C ALA B 558 27.20 9.00 43.24
N ARG B 559 27.81 7.85 43.57
CA ARG B 559 29.25 7.79 43.82
C ARG B 559 30.06 8.34 42.64
N HIS B 560 29.72 7.97 41.41
CA HIS B 560 30.36 8.50 40.22
C HIS B 560 29.45 9.54 39.56
N ASN B 561 30.00 10.73 39.30
CA ASN B 561 29.23 11.78 38.66
C ASN B 561 28.66 11.34 37.31
N ALA B 562 27.32 11.30 37.21
CA ALA B 562 26.66 10.84 35.99
C ALA B 562 26.81 11.85 34.87
N MET B 563 26.71 13.13 35.19
CA MET B 563 26.82 14.15 34.16
C MET B 563 28.18 14.09 33.48
N ARG B 564 29.24 13.77 34.24
CA ARG B 564 30.56 13.65 33.65
C ARG B 564 30.64 12.47 32.68
N ILE B 565 30.06 11.33 33.06
CA ILE B 565 30.01 10.19 32.14
C ILE B 565 29.32 10.58 30.83
N ILE B 566 28.21 11.31 30.93
CA ILE B 566 27.44 11.71 29.76
C ILE B 566 28.22 12.71 28.91
N ASP B 567 28.82 13.72 29.55
CA ASP B 567 29.58 14.74 28.82
C ASP B 567 30.84 14.18 28.20
N GLN B 568 31.45 13.18 28.84
CA GLN B 568 32.67 12.58 28.27
C GLN B 568 32.39 11.80 26.99
N LEU B 569 31.22 11.16 26.90
CA LEU B 569 30.92 10.25 25.80
C LEU B 569 30.01 10.89 24.76
N TYR B 570 29.17 11.85 25.18
CA TYR B 570 28.20 12.54 24.31
C TYR B 570 28.32 14.05 24.51
N PRO B 571 29.51 14.63 24.23
CA PRO B 571 29.66 16.07 24.44
C PRO B 571 28.66 16.85 23.61
N ALA B 572 28.11 17.91 24.20
CA ALA B 572 27.05 18.66 23.53
C ALA B 572 27.58 19.26 22.24
N SER B 573 26.86 18.98 21.16
CA SER B 573 27.20 19.45 19.83
C SER B 573 25.94 20.06 19.22
N LYS C 33 9.53 -27.29 -15.62
CA LYS C 33 8.59 -26.43 -16.33
C LYS C 33 7.35 -27.23 -16.77
N THR C 34 6.18 -26.59 -16.67
CA THR C 34 4.91 -27.17 -17.09
C THR C 34 4.51 -26.83 -18.53
N HIS C 35 5.14 -25.85 -19.16
CA HIS C 35 4.69 -25.35 -20.46
C HIS C 35 5.77 -24.45 -21.06
N GLU C 36 5.68 -24.25 -22.38
CA GLU C 36 6.48 -23.26 -23.09
C GLU C 36 5.66 -22.00 -23.31
N VAL C 37 6.34 -20.86 -23.29
CA VAL C 37 5.73 -19.56 -23.55
C VAL C 37 6.05 -19.22 -25.00
N THR C 38 5.02 -19.19 -25.84
CA THR C 38 5.19 -19.02 -27.27
C THR C 38 4.21 -17.98 -27.79
N ASN C 39 4.44 -17.54 -29.04
CA ASN C 39 3.54 -16.64 -29.78
C ASN C 39 3.39 -15.29 -29.08
N GLN C 40 4.50 -14.77 -28.54
CA GLN C 40 4.49 -13.48 -27.85
C GLN C 40 4.99 -12.38 -28.78
N THR C 41 4.42 -11.19 -28.61
CA THR C 41 4.83 -10.06 -29.46
C THR C 41 6.09 -9.43 -28.89
N PRO C 42 7.15 -9.27 -29.69
CA PRO C 42 8.34 -8.58 -29.18
C PRO C 42 8.02 -7.14 -28.86
N PRO C 43 8.68 -6.57 -27.85
CA PRO C 43 8.35 -5.19 -27.45
C PRO C 43 8.71 -4.17 -28.54
N ILE C 44 7.91 -3.10 -28.60
CA ILE C 44 8.16 -2.00 -29.52
C ILE C 44 9.29 -1.09 -29.02
N THR C 45 9.68 -1.23 -27.76
CA THR C 45 10.83 -0.52 -27.17
C THR C 45 12.06 -0.57 -28.05
N GLY C 46 12.83 0.53 -28.05
CA GLY C 46 14.12 0.55 -28.74
C GLY C 46 14.11 1.09 -30.16
N THR C 47 12.95 1.39 -30.73
CA THR C 47 12.86 1.93 -32.09
C THR C 47 12.68 3.45 -32.01
N ASN C 48 12.19 4.07 -33.09
CA ASN C 48 12.13 5.54 -33.15
C ASN C 48 10.69 6.01 -33.42
N ALA C 49 10.09 6.68 -32.44
CA ALA C 49 8.68 7.08 -32.56
C ALA C 49 8.46 8.16 -33.61
N TYR C 50 9.50 8.94 -33.93
CA TYR C 50 9.38 9.97 -34.95
C TYR C 50 9.58 9.38 -36.34
N LEU C 51 10.62 8.57 -36.54
CA LEU C 51 10.87 7.98 -37.85
C LEU C 51 9.84 6.92 -38.21
N GLY C 52 9.14 6.36 -37.23
CA GLY C 52 8.07 5.43 -37.53
C GLY C 52 6.73 6.07 -37.86
N ASP C 53 6.68 7.41 -37.99
CA ASP C 53 5.42 8.16 -38.11
C ASP C 53 5.53 9.07 -39.33
N PRO C 54 5.26 8.54 -40.52
CA PRO C 54 5.42 9.35 -41.74
C PRO C 54 4.55 10.61 -41.75
N LEU C 55 3.36 10.56 -41.17
CA LEU C 55 2.52 11.77 -41.12
C LEU C 55 3.17 12.88 -40.32
N LEU C 56 3.74 12.55 -39.16
CA LEU C 56 4.42 13.56 -38.35
C LEU C 56 5.62 14.12 -39.10
N MET C 57 6.37 13.25 -39.78
CA MET C 57 7.51 13.70 -40.56
C MET C 57 7.09 14.63 -41.69
N GLN C 58 5.96 14.33 -42.34
CA GLN C 58 5.44 15.23 -43.37
C GLN C 58 5.00 16.57 -42.78
N ILE C 59 4.34 16.54 -41.62
CA ILE C 59 3.95 17.76 -40.93
C ILE C 59 5.18 18.62 -40.63
N ALA C 60 6.30 17.99 -40.30
CA ALA C 60 7.53 18.67 -39.91
C ALA C 60 8.50 18.84 -41.09
N ALA C 61 8.08 18.53 -42.31
CA ALA C 61 9.02 18.38 -43.41
C ALA C 61 9.82 19.65 -43.69
N ARG C 62 9.22 20.83 -43.49
CA ARG C 62 9.92 22.07 -43.79
C ARG C 62 10.64 22.66 -42.58
N PHE C 63 10.63 21.99 -41.42
CA PHE C 63 11.45 22.44 -40.29
C PHE C 63 12.93 22.41 -40.69
N PRO C 64 13.76 23.27 -40.09
CA PRO C 64 15.19 23.21 -40.38
C PRO C 64 15.79 21.87 -39.96
N LYS C 65 16.95 21.58 -40.57
CA LYS C 65 17.67 20.32 -40.35
C LYS C 65 17.93 20.07 -38.87
N GLU C 66 18.30 21.13 -38.13
CA GLU C 66 18.58 20.98 -36.69
C GLU C 66 17.36 20.48 -35.94
N LEU C 67 16.16 20.92 -36.34
CA LEU C 67 14.95 20.45 -35.68
C LEU C 67 14.65 18.99 -36.03
N HIS C 68 14.93 18.59 -37.27
CA HIS C 68 14.78 17.19 -37.65
C HIS C 68 15.66 16.30 -36.79
N THR C 69 16.92 16.69 -36.61
CA THR C 69 17.84 15.92 -35.79
C THR C 69 17.33 15.80 -34.36
N GLU C 70 16.80 16.90 -33.82
CA GLU C 70 16.32 16.89 -32.43
C GLU C 70 15.06 16.04 -32.29
N LEU C 71 14.18 16.05 -33.29
CA LEU C 71 12.98 15.22 -33.23
C LEU C 71 13.33 13.74 -33.34
N GLU C 72 14.37 13.41 -34.15
CA GLU C 72 14.84 12.02 -34.21
C GLU C 72 15.39 11.56 -32.86
N GLN C 73 16.12 12.43 -32.16
CA GLN C 73 16.61 12.08 -30.83
C GLN C 73 15.45 11.85 -29.86
N ALA C 74 14.45 12.74 -29.90
CA ALA C 74 13.30 12.59 -29.02
C ALA C 74 12.52 11.32 -29.36
N GLY C 75 12.38 11.02 -30.65
CA GLY C 75 11.69 9.81 -31.06
C GLY C 75 12.35 8.55 -30.51
N ARG C 76 13.68 8.55 -30.43
CA ARG C 76 14.38 7.44 -29.83
C ARG C 76 14.20 7.42 -28.31
N PHE C 77 14.25 8.59 -27.68
CA PHE C 77 14.14 8.62 -26.23
C PHE C 77 12.78 8.10 -25.75
N VAL C 78 11.68 8.57 -26.35
CA VAL C 78 10.37 8.24 -25.78
C VAL C 78 10.07 6.75 -25.86
N LEU C 79 10.75 6.01 -26.72
CA LEU C 79 10.62 4.56 -26.78
C LEU C 79 11.77 3.83 -26.12
N SER C 80 12.72 4.54 -25.48
CA SER C 80 13.81 3.82 -24.84
C SER C 80 13.33 3.12 -23.57
N ALA C 81 13.96 2.00 -23.24
CA ALA C 81 13.59 1.22 -22.07
C ALA C 81 13.79 2.04 -20.79
N GLU C 82 14.85 2.83 -20.73
CA GLU C 82 15.10 3.66 -19.56
C GLU C 82 14.01 4.69 -19.38
N ALA C 83 13.59 5.36 -20.46
CA ALA C 83 12.54 6.36 -20.33
C ALA C 83 11.22 5.71 -19.91
N GLN C 84 10.90 4.56 -20.51
CA GLN C 84 9.65 3.88 -20.18
C GLN C 84 9.61 3.44 -18.73
N ASP C 85 10.76 3.07 -18.15
CA ASP C 85 10.80 2.79 -16.73
C ASP C 85 10.51 4.04 -15.89
N LEU C 86 11.03 5.21 -16.30
CA LEU C 86 10.70 6.44 -15.58
C LEU C 86 9.22 6.72 -15.63
N ALA C 87 8.58 6.49 -16.79
CA ALA C 87 7.16 6.78 -16.92
C ALA C 87 6.33 5.87 -16.03
N ARG C 88 6.70 4.59 -15.97
CA ARG C 88 5.99 3.63 -15.13
C ARG C 88 6.13 4.01 -13.65
N LEU C 89 7.36 4.32 -13.21
CA LEU C 89 7.57 4.67 -11.81
C LEU C 89 6.84 5.95 -11.44
N ALA C 90 6.87 6.96 -12.31
CA ALA C 90 6.19 8.21 -12.01
C ALA C 90 4.70 8.00 -11.81
N ASN C 91 4.12 7.00 -12.47
CA ASN C 91 2.68 6.75 -12.37
C ASN C 91 2.30 5.67 -11.38
N THR C 92 3.27 4.94 -10.83
CA THR C 92 2.92 3.95 -9.82
C THR C 92 3.42 4.30 -8.42
N GLU C 93 4.50 5.09 -8.31
CA GLU C 93 5.03 5.54 -7.03
C GLU C 93 4.49 6.95 -6.82
N LEU C 94 3.36 7.06 -6.17
CA LEU C 94 2.56 8.27 -6.29
C LEU C 94 3.03 9.38 -5.35
N PRO C 95 2.82 10.65 -5.73
CA PRO C 95 3.17 11.77 -4.84
C PRO C 95 2.41 11.69 -3.52
N LYS C 96 3.06 12.14 -2.45
CA LYS C 96 2.48 12.11 -1.09
C LYS C 96 2.44 13.51 -0.48
N LEU C 97 1.29 13.89 0.05
CA LEU C 97 1.17 15.14 0.79
C LEU C 97 1.64 14.95 2.22
N ARG C 98 2.53 15.83 2.67
CA ARG C 98 2.98 15.87 4.07
C ARG C 98 2.56 17.23 4.62
N THR C 99 1.44 17.24 5.35
CA THR C 99 0.97 18.51 5.88
C THR C 99 1.87 19.02 7.00
N HIS C 100 2.45 18.10 7.79
CA HIS C 100 3.20 18.45 9.00
C HIS C 100 4.53 17.71 9.07
N ASP C 101 5.45 18.25 9.86
CA ASP C 101 6.69 17.54 10.17
C ASP C 101 6.48 16.66 11.40
N ARG C 102 7.54 15.95 11.81
CA ARG C 102 7.38 14.98 12.88
C ARG C 102 7.20 15.62 14.25
N GLN C 103 7.34 16.93 14.36
CA GLN C 103 7.13 17.59 15.64
C GLN C 103 5.79 18.33 15.72
N GLY C 104 5.03 18.36 14.63
CA GLY C 104 3.73 19.00 14.62
C GLY C 104 3.65 20.37 14.00
N ARG C 105 4.71 20.85 13.33
CA ARG C 105 4.61 22.10 12.56
C ARG C 105 4.05 21.81 11.18
N ARG C 106 3.24 22.73 10.65
CA ARG C 106 2.83 22.64 9.26
C ARG C 106 4.02 22.85 8.34
N ILE C 107 4.15 22.00 7.33
CA ILE C 107 5.14 22.18 6.27
C ILE C 107 4.53 22.20 4.88
N ASP C 108 3.33 21.64 4.68
CA ASP C 108 2.62 21.71 3.39
C ASP C 108 3.53 21.36 2.22
N LEU C 109 4.15 20.19 2.29
CA LEU C 109 5.04 19.69 1.24
C LEU C 109 4.41 18.51 0.51
N VAL C 110 4.65 18.43 -0.80
CA VAL C 110 4.30 17.24 -1.59
C VAL C 110 5.57 16.61 -2.10
N GLU C 111 5.75 15.32 -1.80
CA GLU C 111 6.95 14.57 -2.16
C GLU C 111 6.67 13.69 -3.38
N TYR C 112 7.58 13.71 -4.35
CA TYR C 112 7.46 12.92 -5.57
C TYR C 112 8.59 11.91 -5.65
N HIS C 113 8.36 10.86 -6.42
CA HIS C 113 9.42 9.90 -6.74
C HIS C 113 10.47 10.58 -7.64
N PRO C 114 11.74 10.20 -7.49
CA PRO C 114 12.79 10.77 -8.36
C PRO C 114 12.49 10.67 -9.85
N ALA C 115 11.72 9.66 -10.27
CA ALA C 115 11.40 9.53 -11.69
C ALA C 115 10.61 10.72 -12.21
N TYR C 116 9.73 11.29 -11.36
CA TYR C 116 9.00 12.50 -11.76
C TYR C 116 9.95 13.67 -11.98
N HIS C 117 10.90 13.87 -11.06
CA HIS C 117 11.85 14.97 -11.20
C HIS C 117 12.77 14.75 -12.39
N ALA C 118 13.09 13.49 -12.71
CA ALA C 118 13.93 13.21 -13.86
C ALA C 118 13.22 13.56 -15.16
N LEU C 119 11.92 13.26 -15.25
CA LEU C 119 11.15 13.63 -16.45
C LEU C 119 11.01 15.16 -16.54
N MET C 120 10.71 15.81 -15.42
CA MET C 120 10.62 17.28 -15.36
C MET C 120 11.94 17.92 -15.79
N ARG C 121 13.06 17.43 -15.25
CA ARG C 121 14.37 17.96 -15.58
C ARG C 121 14.62 17.93 -17.07
N ARG C 122 14.32 16.80 -17.71
CA ARG C 122 14.58 16.69 -19.15
C ARG C 122 13.63 17.58 -19.96
N SER C 123 12.35 17.58 -19.59
CA SER C 123 11.39 18.38 -20.35
C SER C 123 11.66 19.87 -20.19
N VAL C 124 12.10 20.29 -19.00
CA VAL C 124 12.43 21.69 -18.78
C VAL C 124 13.70 22.05 -19.54
N ALA C 125 14.69 21.17 -19.54
CA ALA C 125 15.88 21.42 -20.34
C ALA C 125 15.56 21.53 -21.83
N GLN C 126 14.51 20.83 -22.28
CA GLN C 126 14.03 20.91 -23.66
C GLN C 126 13.15 22.14 -23.92
N GLY C 127 12.94 23.00 -22.93
CA GLY C 127 12.12 24.18 -23.10
C GLY C 127 10.64 23.94 -23.33
N LEU C 128 10.08 22.81 -22.89
CA LEU C 128 8.65 22.59 -23.07
C LEU C 128 7.80 23.57 -22.28
N HIS C 129 8.37 24.20 -21.27
CA HIS C 129 7.69 25.23 -20.49
C HIS C 129 7.93 26.64 -21.02
N SER C 130 8.84 26.81 -21.98
CA SER C 130 9.41 28.14 -22.22
C SER C 130 9.65 28.52 -23.67
N SER C 131 9.75 27.57 -24.61
CA SER C 131 10.36 27.90 -25.90
C SER C 131 9.52 28.86 -26.74
N ILE C 132 8.19 28.87 -26.59
CA ILE C 132 7.45 29.82 -27.42
C ILE C 132 7.78 31.26 -27.05
N TRP C 133 8.39 31.49 -25.88
CA TRP C 133 8.76 32.82 -25.43
C TRP C 133 10.23 33.16 -25.66
N GLU C 134 11.03 32.24 -26.18
CA GLU C 134 12.45 32.48 -26.33
C GLU C 134 12.76 33.10 -27.69
N ASP C 135 13.94 33.72 -27.77
CA ASP C 135 14.42 34.35 -29.00
C ASP C 135 15.45 33.44 -29.66
N ASN C 136 14.93 32.37 -30.27
CA ASN C 136 15.75 31.32 -30.88
C ASN C 136 15.58 31.38 -32.40
N PRO C 137 16.55 31.92 -33.14
CA PRO C 137 16.36 32.08 -34.59
C PRO C 137 16.07 30.78 -35.33
N LEU C 138 16.54 29.63 -34.81
CA LEU C 138 16.27 28.35 -35.44
C LEU C 138 14.78 28.03 -35.49
N GLU C 139 13.98 28.62 -34.62
CA GLU C 139 12.55 28.34 -34.58
C GLU C 139 11.69 29.47 -35.12
N SER C 140 12.31 30.44 -35.80
CA SER C 140 11.58 31.59 -36.34
C SER C 140 10.37 31.16 -37.16
N GLY C 141 9.23 31.80 -36.87
CA GLY C 141 7.99 31.50 -37.55
C GLY C 141 7.41 30.13 -37.26
N ARG C 142 8.01 29.36 -36.35
CA ARG C 142 7.63 27.98 -36.07
C ARG C 142 7.59 27.62 -34.59
N ARG C 143 7.54 28.61 -33.68
CA ARG C 143 7.72 28.29 -32.27
C ARG C 143 6.62 27.37 -31.76
N HIS C 144 5.35 27.65 -32.09
CA HIS C 144 4.28 26.80 -31.60
C HIS C 144 4.33 25.41 -32.23
N GLN C 145 4.64 25.35 -33.52
CA GLN C 145 4.70 24.08 -34.21
C GLN C 145 5.86 23.24 -33.73
N ALA C 146 7.04 23.85 -33.56
CA ALA C 146 8.20 23.08 -33.11
C ALA C 146 7.95 22.49 -31.73
N ARG C 147 7.41 23.30 -30.80
CA ARG C 147 7.12 22.78 -29.47
C ARG C 147 6.04 21.70 -29.53
N ALA C 148 5.04 21.88 -30.40
CA ALA C 148 3.92 20.94 -30.47
C ALA C 148 4.40 19.56 -30.93
N ALA C 149 5.37 19.53 -31.85
CA ALA C 149 5.97 18.27 -32.27
C ALA C 149 6.66 17.55 -31.12
N ARG C 150 7.41 18.29 -30.27
CA ARG C 150 8.03 17.67 -29.10
C ARG C 150 6.98 17.22 -28.10
N PHE C 151 5.97 18.07 -27.86
CA PHE C 151 4.89 17.74 -26.94
C PHE C 151 4.19 16.45 -27.36
N TYR C 152 3.87 16.35 -28.66
CA TYR C 152 3.25 15.18 -29.24
C TYR C 152 4.06 13.91 -28.94
N LEU C 153 5.39 13.99 -29.12
CA LEU C 153 6.24 12.85 -28.85
C LEU C 153 6.28 12.53 -27.35
N THR C 154 6.49 13.55 -26.50
CA THR C 154 6.61 13.29 -25.07
C THR C 154 5.33 12.70 -24.50
N ALA C 155 4.18 13.16 -24.99
CA ALA C 155 2.90 12.63 -24.53
C ALA C 155 2.77 11.13 -24.79
N GLN C 156 3.49 10.61 -25.78
CA GLN C 156 3.47 9.17 -26.01
C GLN C 156 4.22 8.42 -24.91
N LEU C 157 5.12 9.10 -24.19
CA LEU C 157 5.89 8.49 -23.11
C LEU C 157 5.22 8.66 -21.74
N GLU C 158 4.95 9.90 -21.35
CA GLU C 158 4.42 10.16 -20.02
C GLU C 158 3.68 11.49 -20.06
N ALA C 159 2.37 11.47 -19.80
CA ALA C 159 1.57 12.68 -19.97
C ALA C 159 1.39 13.50 -18.69
N GLY C 160 1.44 12.87 -17.52
CA GLY C 160 1.11 13.58 -16.29
C GLY C 160 2.03 14.74 -16.00
N HIS C 161 3.35 14.56 -16.17
CA HIS C 161 4.29 15.63 -15.85
C HIS C 161 4.21 16.77 -16.87
N LEU C 162 3.49 16.58 -17.96
CA LEU C 162 3.28 17.70 -18.88
C LEU C 162 2.41 18.80 -18.26
N CYS C 163 1.58 18.48 -17.26
CA CYS C 163 0.66 19.49 -16.72
C CYS C 163 1.38 20.74 -16.20
N PRO C 164 2.39 20.65 -15.33
CA PRO C 164 3.09 21.88 -14.93
C PRO C 164 3.77 22.60 -16.09
N LEU C 165 4.20 21.87 -17.12
CA LEU C 165 4.86 22.51 -18.24
C LEU C 165 3.85 23.28 -19.09
N THR C 166 2.68 22.69 -19.30
CA THR C 166 1.59 23.39 -19.99
C THR C 166 1.18 24.63 -19.23
N MET C 167 1.01 24.51 -17.91
CA MET C 167 0.60 25.67 -17.09
C MET C 167 1.67 26.75 -17.08
N THR C 168 2.94 26.35 -17.02
CA THR C 168 4.02 27.33 -16.95
C THR C 168 4.12 28.13 -18.24
N SER C 169 4.12 27.44 -19.39
CA SER C 169 4.22 28.11 -20.67
C SER C 169 3.06 29.07 -20.88
N ALA C 170 1.85 28.63 -20.53
CA ALA C 170 0.65 29.42 -20.76
C ALA C 170 0.53 30.58 -19.78
N SER C 171 1.10 30.44 -18.58
CA SER C 171 0.93 31.45 -17.56
C SER C 171 1.54 32.78 -18.00
N LEU C 172 2.62 32.73 -18.78
CA LEU C 172 3.27 33.96 -19.22
C LEU C 172 2.35 34.83 -20.06
N ALA C 173 1.40 34.20 -20.77
CA ALA C 173 0.45 35.00 -21.53
C ALA C 173 -0.47 35.80 -20.61
N ALA C 174 -0.75 35.29 -19.41
CA ALA C 174 -1.51 36.09 -18.45
C ALA C 174 -0.65 37.20 -17.85
N LEU C 175 0.61 36.89 -17.50
CA LEU C 175 1.50 37.90 -16.91
C LEU C 175 1.74 39.08 -17.84
N MET C 176 1.57 38.88 -19.14
CA MET C 176 1.74 39.99 -20.07
C MET C 176 0.72 41.09 -19.87
N ALA C 177 -0.42 40.78 -19.24
CA ALA C 177 -1.36 41.84 -18.89
C ALA C 177 -0.77 42.83 -17.89
N SER C 178 0.29 42.46 -17.18
CA SER C 178 1.01 43.38 -16.29
C SER C 178 2.49 43.35 -16.68
N PRO C 179 2.88 44.15 -17.67
CA PRO C 179 4.24 44.00 -18.24
C PRO C 179 5.36 44.15 -17.23
N GLU C 180 5.16 44.90 -16.14
CA GLU C 180 6.19 44.96 -15.12
C GLU C 180 6.37 43.62 -14.41
N VAL C 181 5.27 42.91 -14.15
CA VAL C 181 5.37 41.59 -13.51
C VAL C 181 5.96 40.59 -14.49
N TYR C 182 5.62 40.69 -15.77
CA TYR C 182 6.23 39.82 -16.78
C TYR C 182 7.75 39.98 -16.78
N LYS C 183 8.23 41.24 -16.79
CA LYS C 183 9.68 41.48 -16.76
C LYS C 183 10.29 40.93 -15.49
N GLN C 184 9.56 40.98 -14.38
CA GLN C 184 10.09 40.55 -13.11
C GLN C 184 10.26 39.03 -13.07
N TRP C 185 9.26 38.27 -13.55
CA TRP C 185 9.22 36.82 -13.40
C TRP C 185 9.74 36.03 -14.59
N SER C 186 9.67 36.57 -15.81
CA SER C 186 9.99 35.75 -16.98
C SER C 186 11.43 35.23 -17.03
N PRO C 187 12.46 35.94 -16.55
CA PRO C 187 13.80 35.32 -16.54
C PRO C 187 13.86 34.03 -15.75
N ALA C 188 13.26 33.99 -14.55
CA ALA C 188 13.22 32.77 -13.76
C ALA C 188 12.31 31.72 -14.40
N VAL C 189 11.18 32.14 -14.96
CA VAL C 189 10.25 31.17 -15.54
C VAL C 189 10.89 30.52 -16.76
N LEU C 190 11.53 31.32 -17.61
CA LEU C 190 12.09 30.86 -18.87
C LEU C 190 13.39 30.10 -18.71
N SER C 191 13.98 30.12 -17.52
CA SER C 191 15.18 29.34 -17.26
C SER C 191 14.94 27.86 -17.59
N ARG C 192 15.92 27.25 -18.24
CA ARG C 192 15.82 25.83 -18.59
C ARG C 192 16.42 24.92 -17.53
N LYS C 193 16.60 25.43 -16.31
CA LYS C 193 17.09 24.66 -15.17
C LYS C 193 15.91 24.31 -14.26
N TYR C 194 15.66 23.03 -14.06
CA TYR C 194 14.59 22.58 -13.16
C TYR C 194 15.07 22.60 -11.72
N ASP C 195 14.24 23.13 -10.82
CA ASP C 195 14.63 23.29 -9.42
C ASP C 195 13.42 23.00 -8.54
N PHE C 196 13.44 21.87 -7.83
CA PHE C 196 12.33 21.50 -6.94
C PHE C 196 12.68 21.73 -5.47
N SER C 197 13.71 22.50 -5.16
CA SER C 197 14.03 22.74 -3.76
C SER C 197 12.97 23.66 -3.13
N GLN C 198 12.98 23.69 -1.80
CA GLN C 198 12.04 24.53 -1.07
C GLN C 198 12.60 25.93 -0.79
N LYS C 199 13.36 26.51 -1.73
CA LYS C 199 13.81 27.88 -1.60
C LYS C 199 12.74 28.86 -2.05
N PRO C 200 12.76 30.09 -1.54
CA PRO C 200 11.90 31.13 -2.12
C PRO C 200 12.22 31.28 -3.59
N ALA C 201 11.20 31.67 -4.36
CA ALA C 201 11.30 31.64 -5.82
C ALA C 201 12.50 32.44 -6.31
N PHE C 202 12.77 33.60 -5.68
CA PHE C 202 13.85 34.46 -6.15
C PHE C 202 15.22 33.83 -5.94
N ARG C 203 15.32 32.74 -5.20
CA ARG C 203 16.59 32.09 -4.96
C ARG C 203 16.74 30.79 -5.74
N LYS C 204 15.78 30.45 -6.59
CA LYS C 204 15.81 29.19 -7.31
C LYS C 204 16.47 29.33 -8.69
N GLN C 205 16.95 28.20 -9.22
CA GLN C 205 17.55 28.19 -10.54
C GLN C 205 16.50 28.37 -11.64
N GLY C 206 15.26 28.03 -11.35
CA GLY C 206 14.16 28.22 -12.28
C GLY C 206 12.87 27.98 -11.53
N VAL C 207 11.77 28.49 -12.07
CA VAL C 207 10.49 28.39 -11.39
C VAL C 207 9.42 27.87 -12.33
N THR C 208 8.39 27.25 -11.74
CA THR C 208 7.21 26.79 -12.47
C THR C 208 5.98 27.47 -11.88
N LEU C 209 4.91 27.57 -12.68
CA LEU C 209 3.68 28.25 -12.32
C LEU C 209 2.47 27.35 -12.53
N GLY C 210 1.50 27.41 -11.61
CA GLY C 210 0.26 26.66 -11.72
C GLY C 210 -0.96 27.56 -11.80
N MET C 211 -2.16 26.98 -11.64
CA MET C 211 -3.41 27.70 -11.88
C MET C 211 -4.46 27.35 -10.82
N GLY C 212 -4.89 28.36 -10.05
CA GLY C 212 -5.94 28.19 -9.05
C GLY C 212 -7.24 28.88 -9.43
N MET C 213 -8.11 28.16 -10.15
CA MET C 213 -9.38 28.72 -10.58
CA MET C 213 -9.39 28.69 -10.62
C MET C 213 -10.57 28.03 -9.92
N THR C 214 -10.68 26.70 -10.06
CA THR C 214 -11.86 25.92 -9.66
C THR C 214 -12.12 25.98 -8.16
N GLU C 215 -13.39 26.15 -7.79
CA GLU C 215 -13.85 26.03 -6.41
C GLU C 215 -14.92 24.93 -6.34
N LYS C 216 -15.25 24.53 -5.10
CA LYS C 216 -16.15 23.41 -4.88
C LYS C 216 -17.51 23.65 -5.54
N GLN C 217 -17.98 24.90 -5.57
CA GLN C 217 -19.27 25.24 -6.17
C GLN C 217 -19.21 25.41 -7.68
N GLY C 218 -18.02 25.36 -8.28
CA GLY C 218 -17.95 25.42 -9.72
C GLY C 218 -16.59 25.74 -10.29
N GLY C 219 -16.21 25.01 -11.34
CA GLY C 219 -15.03 25.35 -12.11
C GLY C 219 -15.36 26.06 -13.41
N THR C 220 -16.53 25.76 -13.99
CA THR C 220 -16.96 26.47 -15.20
C THR C 220 -17.36 27.90 -14.86
N ASP C 221 -18.17 28.05 -13.82
CA ASP C 221 -18.74 29.34 -13.44
C ASP C 221 -17.78 30.06 -12.49
N VAL C 222 -16.68 30.57 -13.06
CA VAL C 222 -15.64 31.20 -12.24
C VAL C 222 -16.13 32.51 -11.59
N ARG C 223 -17.13 33.16 -12.15
CA ARG C 223 -17.65 34.35 -11.47
C ARG C 223 -18.33 34.00 -10.15
N ALA C 224 -18.65 32.72 -9.91
CA ALA C 224 -19.19 32.31 -8.63
C ALA C 224 -18.11 31.99 -7.59
N ASN C 225 -16.83 32.17 -7.95
CA ASN C 225 -15.75 32.05 -6.98
C ASN C 225 -16.08 32.83 -5.72
N ALA C 226 -15.75 32.27 -4.57
CA ALA C 226 -15.93 33.00 -3.32
C ALA C 226 -14.61 33.40 -2.69
N THR C 227 -13.48 32.93 -3.20
CA THR C 227 -12.19 33.45 -2.75
C THR C 227 -12.15 34.97 -2.92
N ARG C 228 -11.72 35.65 -1.88
CA ARG C 228 -11.74 37.10 -1.86
C ARG C 228 -10.33 37.64 -1.68
N ALA C 229 -10.09 38.82 -2.28
CA ALA C 229 -8.82 39.49 -2.20
C ALA C 229 -9.04 40.89 -1.66
N GLU C 230 -8.25 41.29 -0.68
CA GLU C 230 -8.31 42.61 -0.07
C GLU C 230 -6.94 43.26 -0.16
N PRO C 231 -6.88 44.57 -0.32
CA PRO C 231 -5.58 45.24 -0.44
C PRO C 231 -4.80 45.14 0.85
N ALA C 232 -3.51 44.82 0.71
CA ALA C 232 -2.59 44.80 1.84
C ALA C 232 -1.58 45.92 1.69
N ILE C 233 -0.78 46.12 2.75
CA ILE C 233 0.22 47.18 2.76
C ILE C 233 1.22 46.97 1.63
N GLY C 234 1.57 48.06 0.94
CA GLY C 234 2.55 48.01 -0.11
C GLY C 234 2.03 47.68 -1.49
N GLY C 235 0.73 47.79 -1.73
CA GLY C 235 0.15 47.48 -3.02
C GLY C 235 -0.08 46.00 -3.29
N ALA C 236 0.19 45.12 -2.33
CA ALA C 236 -0.13 43.71 -2.48
C ALA C 236 -1.59 43.46 -2.12
N TRP C 237 -1.99 42.19 -2.23
CA TRP C 237 -3.34 41.74 -1.94
C TRP C 237 -3.26 40.49 -1.08
N ARG C 238 -4.21 40.34 -0.15
CA ARG C 238 -4.32 39.14 0.69
C ARG C 238 -5.55 38.36 0.26
N LEU C 239 -5.35 37.09 -0.08
CA LEU C 239 -6.43 36.23 -0.52
C LEU C 239 -6.82 35.26 0.59
N THR C 240 -8.12 35.08 0.77
CA THR C 240 -8.67 34.10 1.71
C THR C 240 -9.76 33.33 0.98
N GLY C 241 -9.67 31.99 1.01
CA GLY C 241 -10.64 31.17 0.31
C GLY C 241 -10.16 29.75 0.08
N HIS C 242 -10.45 29.18 -1.08
CA HIS C 242 -10.06 27.80 -1.36
C HIS C 242 -10.02 27.59 -2.87
N LYS C 243 -9.23 26.59 -3.28
CA LYS C 243 -9.28 26.07 -4.64
C LYS C 243 -9.39 24.56 -4.55
N TRP C 244 -10.37 24.00 -5.26
CA TRP C 244 -10.79 22.62 -5.07
C TRP C 244 -9.93 21.64 -5.86
N PHE C 245 -9.29 22.10 -6.93
CA PHE C 245 -8.42 21.29 -7.78
C PHE C 245 -7.22 22.17 -8.11
N MET C 246 -6.07 21.95 -7.48
CA MET C 246 -4.89 22.70 -7.86
C MET C 246 -3.76 21.70 -8.14
N SER C 247 -3.48 21.50 -9.42
CA SER C 247 -2.45 20.57 -9.84
C SER C 247 -1.06 21.19 -9.69
N ALA C 248 -0.04 20.31 -9.72
CA ALA C 248 1.35 20.69 -9.52
C ALA C 248 1.50 21.60 -8.29
N PRO C 249 1.11 21.13 -7.10
CA PRO C 249 1.09 22.02 -5.92
C PRO C 249 2.46 22.55 -5.50
N MET C 250 3.56 21.92 -5.91
CA MET C 250 4.90 22.43 -5.57
C MET C 250 5.40 23.43 -6.59
N SER C 251 4.55 23.89 -7.52
CA SER C 251 4.87 25.05 -8.33
C SER C 251 5.26 26.21 -7.41
N ASP C 252 5.98 27.17 -7.94
CA ASP C 252 6.47 28.25 -7.10
C ASP C 252 5.45 29.39 -6.94
N ALA C 253 4.53 29.55 -7.88
CA ALA C 253 3.44 30.51 -7.75
C ALA C 253 2.27 30.02 -8.60
N PHE C 254 1.10 30.62 -8.35
CA PHE C 254 -0.13 30.19 -9.00
C PHE C 254 -0.92 31.39 -9.50
N LEU C 255 -1.39 31.32 -10.74
CA LEU C 255 -2.36 32.29 -11.23
C LEU C 255 -3.72 31.95 -10.64
N THR C 256 -4.28 32.87 -9.87
CA THR C 256 -5.45 32.58 -9.04
C THR C 256 -6.51 33.65 -9.25
N LEU C 257 -7.77 33.22 -9.35
CA LEU C 257 -8.90 34.14 -9.43
C LEU C 257 -9.49 34.38 -8.06
N ALA C 258 -9.79 35.65 -7.76
CA ALA C 258 -10.45 36.00 -6.51
C ALA C 258 -11.28 37.26 -6.73
N GLN C 259 -12.32 37.41 -5.90
CA GLN C 259 -13.21 38.55 -5.99
C GLN C 259 -12.60 39.77 -5.32
N THR C 260 -12.75 40.93 -5.98
CA THR C 260 -12.48 42.24 -5.39
C THR C 260 -13.75 43.07 -5.56
N LYS C 261 -13.70 44.31 -5.07
CA LYS C 261 -14.87 45.20 -5.13
C LYS C 261 -15.36 45.41 -6.55
N GLU C 262 -14.46 45.29 -7.53
CA GLU C 262 -14.79 45.51 -8.94
C GLU C 262 -15.24 44.25 -9.66
N GLY C 263 -15.12 43.08 -9.03
CA GLY C 263 -15.46 41.85 -9.70
C GLY C 263 -14.32 40.85 -9.60
N LEU C 264 -14.39 39.84 -10.45
CA LEU C 264 -13.39 38.80 -10.45
C LEU C 264 -12.07 39.35 -10.96
N SER C 265 -11.01 39.18 -10.18
CA SER C 265 -9.67 39.65 -10.56
C SER C 265 -8.68 38.49 -10.58
N CYS C 266 -7.57 38.68 -11.27
CA CYS C 266 -6.53 37.67 -11.38
C CYS C 266 -5.31 38.06 -10.55
N PHE C 267 -4.68 37.06 -9.92
CA PHE C 267 -3.55 37.31 -9.03
C PHE C 267 -2.44 36.30 -9.29
N LEU C 268 -1.21 36.73 -9.04
CA LEU C 268 -0.04 35.85 -9.01
C LEU C 268 0.30 35.60 -7.54
N LEU C 269 0.14 34.35 -7.11
CA LEU C 269 0.20 34.00 -5.70
C LEU C 269 1.37 33.05 -5.46
N PRO C 270 2.50 33.52 -4.92
CA PRO C 270 3.61 32.62 -4.63
C PRO C 270 3.28 31.71 -3.46
N ARG C 271 3.77 30.45 -3.53
CA ARG C 271 3.50 29.48 -2.48
C ARG C 271 4.26 29.81 -1.20
N LEU C 272 5.49 30.30 -1.31
CA LEU C 272 6.35 30.63 -0.19
C LEU C 272 6.59 32.13 -0.12
N GLY C 273 6.84 32.63 1.09
CA GLY C 273 7.29 34.00 1.30
C GLY C 273 8.78 34.14 1.03
N GLU C 274 9.27 35.37 1.21
CA GLU C 274 10.64 35.72 0.85
C GLU C 274 11.68 34.99 1.69
N LYS C 275 11.29 34.50 2.87
CA LYS C 275 12.19 33.73 3.71
C LYS C 275 11.99 32.23 3.58
N GLY C 276 11.12 31.78 2.69
CA GLY C 276 10.83 30.37 2.54
C GLY C 276 9.74 29.86 3.44
N GLU C 277 9.11 30.72 4.23
CA GLU C 277 8.00 30.36 5.09
C GLU C 277 6.70 30.29 4.29
N SER C 278 5.68 29.68 4.87
CA SER C 278 4.39 29.56 4.20
C SER C 278 3.80 30.93 3.94
N ASN C 279 3.12 31.04 2.79
CA ASN C 279 2.41 32.25 2.39
C ASN C 279 0.91 32.01 2.47
N GLY C 280 0.46 31.43 3.58
CA GLY C 280 -0.96 31.21 3.78
C GLY C 280 -1.59 30.10 2.95
N PHE C 281 -0.78 29.17 2.42
CA PHE C 281 -1.31 27.99 1.73
C PHE C 281 -1.52 26.87 2.75
N PHE C 282 -2.71 26.25 2.73
CA PHE C 282 -2.99 25.10 3.60
C PHE C 282 -3.53 23.97 2.73
N PHE C 283 -2.65 23.04 2.34
CA PHE C 283 -3.09 21.88 1.57
C PHE C 283 -3.83 20.91 2.48
N GLN C 284 -4.98 20.44 2.00
CA GLN C 284 -5.83 19.51 2.73
C GLN C 284 -5.58 18.05 2.36
N ARG C 285 -5.62 17.74 1.07
CA ARG C 285 -5.56 16.38 0.55
C ARG C 285 -5.03 16.41 -0.88
N LEU C 286 -4.55 15.28 -1.36
CA LEU C 286 -4.36 15.03 -2.78
C LEU C 286 -5.55 14.24 -3.30
N LYS C 287 -5.97 14.54 -4.54
CA LYS C 287 -6.99 13.73 -5.19
C LYS C 287 -6.45 12.32 -5.45
N ASP C 288 -7.33 11.33 -5.31
CA ASP C 288 -7.10 9.94 -5.71
C ASP C 288 -7.72 9.78 -7.11
N LYS C 289 -6.89 9.87 -8.15
CA LYS C 289 -7.38 10.10 -9.51
C LYS C 289 -7.45 8.79 -10.32
N LEU C 290 -8.43 8.76 -11.23
CA LEU C 290 -8.55 7.67 -12.20
C LEU C 290 -7.25 7.48 -13.00
N GLY C 291 -6.69 8.56 -13.53
CA GLY C 291 -5.45 8.50 -14.28
C GLY C 291 -4.67 9.78 -14.00
N ASN C 292 -3.66 10.14 -14.82
CA ASN C 292 -2.91 11.38 -14.57
C ASN C 292 -2.24 11.34 -13.19
N ARG C 293 -2.02 10.12 -12.67
CA ARG C 293 -1.63 9.93 -11.27
CA ARG C 293 -1.64 9.99 -11.26
C ARG C 293 -0.22 10.46 -10.98
N SER C 294 0.65 10.54 -11.99
CA SER C 294 1.98 11.08 -11.75
C SER C 294 1.95 12.55 -11.36
N ASN C 295 0.88 13.25 -11.74
CA ASN C 295 0.65 14.68 -11.48
C ASN C 295 -0.18 14.81 -10.20
N ALA C 296 0.41 15.37 -9.13
CA ALA C 296 -0.39 15.62 -7.93
C ALA C 296 -1.39 16.74 -8.17
N SER C 297 -2.64 16.53 -7.79
CA SER C 297 -3.68 17.56 -7.79
C SER C 297 -4.19 17.70 -6.36
N SER C 298 -4.11 18.91 -5.81
CA SER C 298 -4.37 19.16 -4.40
C SER C 298 -5.69 19.89 -4.19
N GLU C 299 -6.18 19.82 -2.95
CA GLU C 299 -7.18 20.73 -2.44
C GLU C 299 -6.46 21.69 -1.50
N VAL C 300 -6.65 22.99 -1.70
CA VAL C 300 -5.92 24.00 -0.94
C VAL C 300 -6.88 25.02 -0.34
N GLU C 301 -6.50 25.57 0.80
CA GLU C 301 -7.19 26.70 1.40
C GLU C 301 -6.19 27.83 1.65
N PHE C 302 -6.66 29.05 1.45
CA PHE C 302 -5.87 30.27 1.58
C PHE C 302 -6.32 31.05 2.80
N ASP C 303 -5.37 31.48 3.62
CA ASP C 303 -5.72 32.42 4.69
C ASP C 303 -4.65 33.51 4.71
N GLY C 304 -4.99 34.66 4.14
CA GLY C 304 -4.06 35.79 4.14
C GLY C 304 -2.87 35.61 3.22
N ALA C 305 -3.02 34.85 2.14
CA ALA C 305 -1.95 34.67 1.17
C ALA C 305 -1.74 35.95 0.38
N LEU C 306 -0.50 36.42 0.34
CA LEU C 306 -0.10 37.65 -0.33
C LEU C 306 0.24 37.41 -1.80
N GLY C 307 -0.32 38.23 -2.70
CA GLY C 307 -0.05 38.13 -4.12
C GLY C 307 -0.11 39.48 -4.81
N GLN C 308 0.26 39.46 -6.09
CA GLN C 308 0.20 40.65 -6.95
C GLN C 308 -0.99 40.51 -7.89
N MET C 309 -1.73 41.60 -8.08
CA MET C 309 -2.79 41.59 -9.09
C MET C 309 -2.19 41.55 -10.49
N ILE C 310 -2.80 40.74 -11.36
CA ILE C 310 -2.38 40.62 -12.76
C ILE C 310 -3.52 41.14 -13.64
N GLY C 311 -3.22 42.14 -14.46
CA GLY C 311 -4.26 42.81 -15.20
C GLY C 311 -5.01 43.79 -14.34
N SER C 312 -6.05 44.36 -14.92
CA SER C 312 -6.85 45.39 -14.27
C SER C 312 -7.87 44.80 -13.31
N PRO C 313 -8.22 45.52 -12.25
CA PRO C 313 -9.23 45.04 -11.28
C PRO C 313 -10.55 44.69 -11.95
N GLY C 314 -11.07 43.51 -11.65
CA GLY C 314 -12.30 43.08 -12.27
C GLY C 314 -12.15 42.51 -13.66
N GLU C 315 -10.92 42.43 -14.20
CA GLU C 315 -10.68 41.91 -15.54
C GLU C 315 -10.05 40.52 -15.52
N GLY C 316 -10.32 39.74 -14.46
CA GLY C 316 -9.67 38.45 -14.31
C GLY C 316 -9.96 37.50 -15.45
N VAL C 317 -11.20 37.50 -15.93
CA VAL C 317 -11.57 36.61 -17.02
C VAL C 317 -10.79 36.94 -18.28
N LYS C 318 -10.81 38.23 -18.67
CA LYS C 318 -10.07 38.66 -19.86
C LYS C 318 -8.57 38.41 -19.71
N THR C 319 -8.04 38.60 -18.50
CA THR C 319 -6.60 38.43 -18.27
C THR C 319 -6.13 37.00 -18.56
N ILE C 320 -6.95 35.99 -18.24
CA ILE C 320 -6.51 34.61 -18.38
C ILE C 320 -7.00 33.94 -19.67
N MET C 321 -7.65 34.69 -20.55
CA MET C 321 -8.24 34.11 -21.76
C MET C 321 -7.17 33.47 -22.64
N ASP C 322 -6.08 34.19 -22.91
CA ASP C 322 -5.04 33.64 -23.77
C ASP C 322 -4.27 32.53 -23.09
N MET C 323 -4.15 32.60 -21.76
CA MET C 323 -3.56 31.49 -21.01
C MET C 323 -4.37 30.21 -21.22
N VAL C 324 -5.68 30.28 -21.04
CA VAL C 324 -6.55 29.13 -21.24
C VAL C 324 -6.40 28.63 -22.67
N THR C 325 -6.46 29.56 -23.63
CA THR C 325 -6.32 29.22 -25.05
C THR C 325 -5.07 28.40 -25.33
N LEU C 326 -3.94 28.80 -24.75
CA LEU C 326 -2.71 28.03 -24.92
C LEU C 326 -2.80 26.63 -24.30
N THR C 327 -3.45 26.50 -23.13
CA THR C 327 -3.50 25.16 -22.55
C THR C 327 -4.36 24.24 -23.40
N ARG C 328 -5.33 24.80 -24.12
CA ARG C 328 -6.23 23.99 -24.94
C ARG C 328 -5.50 23.37 -26.13
N LEU C 329 -4.59 24.12 -26.76
CA LEU C 329 -3.77 23.53 -27.83
C LEU C 329 -3.00 22.31 -27.31
N ASP C 330 -2.37 22.47 -26.14
CA ASP C 330 -1.63 21.39 -25.51
C ASP C 330 -2.51 20.17 -25.26
N CYS C 331 -3.76 20.38 -24.80
CA CYS C 331 -4.63 19.24 -24.54
C CYS C 331 -4.85 18.45 -25.82
N ALA C 332 -5.08 19.14 -26.93
CA ALA C 332 -5.33 18.46 -28.20
C ALA C 332 -4.09 17.71 -28.67
N VAL C 333 -2.94 18.40 -28.71
CA VAL C 333 -1.69 17.78 -29.15
C VAL C 333 -1.37 16.56 -28.30
N ALA C 334 -1.58 16.67 -26.98
CA ALA C 334 -1.28 15.56 -26.10
C ALA C 334 -2.24 14.39 -26.30
N SER C 335 -3.54 14.68 -26.47
CA SER C 335 -4.49 13.60 -26.73
C SER C 335 -4.16 12.90 -28.03
N ALA C 336 -3.79 13.66 -29.08
CA ALA C 336 -3.38 13.05 -30.33
C ALA C 336 -2.17 12.14 -30.15
N GLY C 337 -1.20 12.56 -29.34
CA GLY C 337 -0.04 11.73 -29.07
C GLY C 337 -0.40 10.45 -28.32
N LEU C 338 -1.30 10.57 -27.33
CA LEU C 338 -1.80 9.40 -26.61
C LEU C 338 -2.42 8.39 -27.56
N MET C 339 -3.31 8.86 -28.44
CA MET C 339 -3.94 7.96 -29.41
C MET C 339 -2.92 7.35 -30.36
N ARG C 340 -1.98 8.18 -30.85
CA ARG C 340 -0.92 7.68 -31.73
C ARG C 340 -0.16 6.53 -31.09
N SER C 341 0.25 6.69 -29.83
CA SER C 341 1.06 5.69 -29.16
C SER C 341 0.26 4.40 -28.91
N GLY C 342 -0.98 4.53 -28.48
CA GLY C 342 -1.78 3.35 -28.24
C GLY C 342 -2.06 2.55 -29.51
N LEU C 343 -2.40 3.24 -30.61
CA LEU C 343 -2.69 2.53 -31.85
C LEU C 343 -1.42 1.90 -32.43
N ALA C 344 -0.29 2.59 -32.31
CA ALA C 344 0.96 2.00 -32.78
C ALA C 344 1.21 0.67 -32.10
N GLU C 345 0.86 0.56 -30.82
CA GLU C 345 1.03 -0.71 -30.11
C GLU C 345 0.08 -1.76 -30.65
N ALA C 346 -1.16 -1.38 -30.93
CA ALA C 346 -2.12 -2.31 -31.50
C ALA C 346 -1.68 -2.81 -32.88
N VAL C 347 -1.20 -1.89 -33.73
CA VAL C 347 -0.74 -2.29 -35.06
C VAL C 347 0.46 -3.23 -34.95
N HIS C 348 1.41 -2.87 -34.09
CA HIS C 348 2.62 -3.67 -33.91
C HIS C 348 2.27 -5.07 -33.41
N HIS C 349 1.41 -5.15 -32.38
CA HIS C 349 0.93 -6.44 -31.89
C HIS C 349 0.33 -7.26 -33.03
N SER C 350 -0.49 -6.63 -33.87
CA SER C 350 -1.15 -7.35 -34.96
C SER C 350 -0.16 -7.97 -35.94
N ARG C 351 0.98 -7.31 -36.16
CA ARG C 351 1.95 -7.83 -37.13
C ARG C 351 2.63 -9.09 -36.65
N HIS C 352 2.66 -9.32 -35.33
CA HIS C 352 3.43 -10.43 -34.73
C HIS C 352 2.59 -11.54 -34.14
N ARG C 353 1.45 -11.21 -33.52
CA ARG C 353 0.66 -12.22 -32.83
C ARG C 353 -0.08 -13.09 -33.85
N HIS C 354 0.12 -14.40 -33.78
CA HIS C 354 -0.56 -15.34 -34.67
C HIS C 354 -1.83 -15.86 -34.04
N VAL C 355 -2.88 -15.96 -34.84
CA VAL C 355 -4.14 -16.63 -34.49
C VAL C 355 -4.61 -17.39 -35.72
N PHE C 356 -4.94 -18.68 -35.55
CA PHE C 356 -5.36 -19.57 -36.64
C PHE C 356 -4.31 -19.64 -37.74
N GLY C 357 -3.04 -19.60 -37.35
CA GLY C 357 -1.94 -19.87 -38.26
C GLY C 357 -1.32 -18.70 -38.99
N LYS C 358 -1.83 -17.47 -38.86
CA LYS C 358 -1.21 -16.34 -39.53
C LYS C 358 -1.25 -15.11 -38.64
N PRO C 359 -0.42 -14.08 -38.95
CA PRO C 359 -0.47 -12.83 -38.18
C PRO C 359 -1.87 -12.23 -38.17
N LEU C 360 -2.22 -11.62 -37.05
CA LEU C 360 -3.52 -10.95 -36.97
C LEU C 360 -3.68 -9.88 -38.03
N VAL C 361 -2.58 -9.20 -38.41
CA VAL C 361 -2.69 -8.09 -39.37
C VAL C 361 -3.12 -8.55 -40.75
N GLU C 362 -3.10 -9.86 -41.02
CA GLU C 362 -3.55 -10.41 -42.30
C GLU C 362 -5.04 -10.72 -42.32
N GLN C 363 -5.73 -10.57 -41.20
CA GLN C 363 -7.17 -10.79 -41.14
C GLN C 363 -7.88 -9.54 -41.66
N PRO C 364 -8.71 -9.66 -42.71
CA PRO C 364 -9.39 -8.47 -43.23
C PRO C 364 -10.12 -7.65 -42.18
N LEU C 365 -10.77 -8.32 -41.22
CA LEU C 365 -11.54 -7.60 -40.23
C LEU C 365 -10.64 -6.82 -39.28
N MET C 366 -9.52 -7.41 -38.85
CA MET C 366 -8.59 -6.63 -38.03
C MET C 366 -8.03 -5.46 -38.83
N GLN C 367 -7.81 -5.65 -40.13
CA GLN C 367 -7.33 -4.56 -40.99
C GLN C 367 -8.30 -3.39 -40.99
N ARG C 368 -9.61 -3.66 -41.10
CA ARG C 368 -10.61 -2.58 -41.11
C ARG C 368 -10.63 -1.84 -39.78
N VAL C 369 -10.51 -2.58 -38.67
CA VAL C 369 -10.53 -1.95 -37.34
C VAL C 369 -9.32 -1.04 -37.16
N LEU C 370 -8.12 -1.56 -37.46
CA LEU C 370 -6.90 -0.76 -37.29
C LEU C 370 -6.91 0.46 -38.21
N ALA C 371 -7.28 0.27 -39.49
CA ALA C 371 -7.27 1.37 -40.44
C ALA C 371 -8.32 2.42 -40.08
N ASP C 372 -9.49 1.99 -39.65
CA ASP C 372 -10.54 2.95 -39.26
C ASP C 372 -10.05 3.83 -38.10
N MET C 373 -9.41 3.24 -37.09
CA MET C 373 -8.81 4.05 -36.03
C MET C 373 -7.69 4.95 -36.55
N ALA C 374 -6.88 4.44 -37.47
CA ALA C 374 -5.75 5.23 -38.00
C ALA C 374 -6.22 6.52 -38.69
N LEU C 375 -7.37 6.46 -39.37
CA LEU C 375 -7.92 7.65 -40.02
C LEU C 375 -8.22 8.73 -38.99
N ASP C 376 -8.79 8.36 -37.83
CA ASP C 376 -9.07 9.35 -36.80
C ASP C 376 -7.79 9.85 -36.13
N VAL C 377 -6.83 8.96 -35.89
CA VAL C 377 -5.55 9.44 -35.35
C VAL C 377 -4.88 10.40 -36.33
N ALA C 378 -4.92 10.08 -37.63
CA ALA C 378 -4.30 10.98 -38.62
C ALA C 378 -5.04 12.31 -38.68
N GLY C 379 -6.37 12.28 -38.75
CA GLY C 379 -7.11 13.53 -38.78
C GLY C 379 -6.88 14.35 -37.53
N ALA C 380 -6.84 13.69 -36.37
CA ALA C 380 -6.63 14.40 -35.11
C ALA C 380 -5.23 15.00 -35.03
N THR C 381 -4.21 14.26 -35.49
CA THR C 381 -2.84 14.77 -35.48
C THR C 381 -2.68 15.93 -36.45
N ALA C 382 -3.23 15.78 -37.66
CA ALA C 382 -3.15 16.85 -38.65
C ALA C 382 -3.85 18.10 -38.15
N LEU C 383 -5.02 17.94 -37.55
CA LEU C 383 -5.78 19.10 -37.10
C LEU C 383 -5.07 19.81 -35.95
N SER C 384 -4.55 19.05 -34.98
CA SER C 384 -3.85 19.65 -33.84
C SER C 384 -2.63 20.45 -34.30
N MET C 385 -1.84 19.87 -35.20
CA MET C 385 -0.65 20.58 -35.69
C MET C 385 -1.04 21.76 -36.57
N ARG C 386 -2.19 21.68 -37.25
CA ARG C 386 -2.64 22.80 -38.06
C ARG C 386 -3.04 23.99 -37.18
N LEU C 387 -3.64 23.71 -36.02
CA LEU C 387 -3.93 24.77 -35.07
C LEU C 387 -2.65 25.42 -34.54
N ALA C 388 -1.64 24.62 -34.20
CA ALA C 388 -0.34 25.18 -33.83
C ALA C 388 0.19 26.09 -34.95
N ARG C 389 0.02 25.67 -36.21
CA ARG C 389 0.45 26.51 -37.32
C ARG C 389 -0.31 27.83 -37.35
N ALA C 390 -1.62 27.80 -37.07
CA ALA C 390 -2.37 29.05 -37.00
C ALA C 390 -1.87 29.94 -35.86
N PHE C 391 -1.46 29.34 -34.73
CA PHE C 391 -0.89 30.14 -33.65
C PHE C 391 0.37 30.85 -34.13
N ASP C 392 1.22 30.15 -34.88
CA ASP C 392 2.44 30.76 -35.41
C ASP C 392 2.15 31.87 -36.41
N MET C 393 1.08 31.74 -37.19
CA MET C 393 0.81 32.70 -38.25
C MET C 393 -0.18 33.79 -37.87
N ALA C 394 -0.80 33.72 -36.69
CA ALA C 394 -1.87 34.64 -36.34
C ALA C 394 -1.41 36.09 -36.34
N ALA C 395 -0.22 36.36 -35.78
CA ALA C 395 0.24 37.74 -35.67
C ALA C 395 0.48 38.39 -37.03
N SER C 396 0.72 37.60 -38.07
CA SER C 396 1.06 38.14 -39.38
C SER C 396 0.04 37.83 -40.47
N ASP C 397 -1.05 37.14 -40.15
CA ASP C 397 -2.03 36.70 -41.14
C ASP C 397 -3.41 36.66 -40.49
N ARG C 398 -4.33 37.48 -41.01
CA ARG C 398 -5.63 37.67 -40.36
C ARG C 398 -6.50 36.43 -40.46
N ALA C 399 -6.44 35.74 -41.60
CA ALA C 399 -7.20 34.50 -41.77
C ALA C 399 -6.71 33.44 -40.80
N GLU C 400 -5.40 33.36 -40.58
CA GLU C 400 -4.87 32.41 -39.61
C GLU C 400 -5.25 32.82 -38.20
N ALA C 401 -5.24 34.14 -37.92
CA ALA C 401 -5.71 34.62 -36.62
C ALA C 401 -7.18 34.28 -36.41
N ALA C 402 -7.98 34.38 -37.47
CA ALA C 402 -9.39 33.99 -37.36
C ALA C 402 -9.50 32.51 -37.04
N PHE C 403 -8.72 31.66 -37.72
CA PHE C 403 -8.72 30.24 -37.42
C PHE C 403 -8.33 29.99 -35.97
N ALA C 404 -7.27 30.66 -35.49
CA ALA C 404 -6.79 30.44 -34.12
C ALA C 404 -7.85 30.83 -33.09
N ARG C 405 -8.53 31.97 -33.29
CA ARG C 405 -9.52 32.42 -32.33
C ARG C 405 -10.73 31.48 -32.30
N SER C 406 -11.27 31.15 -33.45
CA SER C 406 -12.54 30.44 -33.46
C SER C 406 -12.38 28.93 -33.34
N MET C 407 -11.23 28.36 -33.69
CA MET C 407 -11.15 26.91 -33.81
C MET C 407 -10.43 26.22 -32.66
N THR C 408 -9.76 26.96 -31.77
CA THR C 408 -9.17 26.29 -30.62
C THR C 408 -10.20 25.45 -29.86
N PRO C 409 -11.39 25.96 -29.52
CA PRO C 409 -12.34 25.07 -28.83
C PRO C 409 -12.85 23.92 -29.71
N VAL C 410 -12.90 24.09 -31.03
CA VAL C 410 -13.29 23.00 -31.91
C VAL C 410 -12.26 21.86 -31.84
N VAL C 411 -10.98 22.20 -31.94
CA VAL C 411 -9.93 21.18 -31.94
C VAL C 411 -9.87 20.49 -30.58
N LYS C 412 -9.94 21.28 -29.51
CA LYS C 412 -9.94 20.69 -28.16
C LYS C 412 -11.16 19.80 -27.95
N TYR C 413 -12.32 20.23 -28.44
CA TYR C 413 -13.51 19.37 -28.35
C TYR C 413 -13.26 18.00 -28.97
N TRP C 414 -12.95 17.96 -30.27
CA TRP C 414 -13.01 16.70 -31.00
C TRP C 414 -11.82 15.81 -30.68
N VAL C 415 -10.61 16.37 -30.70
CA VAL C 415 -9.40 15.55 -30.54
C VAL C 415 -9.40 14.89 -29.17
N CYS C 416 -9.72 15.65 -28.12
CA CYS C 416 -9.67 15.09 -26.78
C CYS C 416 -10.84 14.15 -26.52
N LYS C 417 -12.01 14.41 -27.09
CA LYS C 417 -13.16 13.59 -26.69
C LYS C 417 -13.27 12.26 -27.44
N ILE C 418 -12.61 12.11 -28.60
CA ILE C 418 -12.62 10.80 -29.28
C ILE C 418 -11.61 9.84 -28.70
N ALA C 419 -10.68 10.34 -27.89
CA ALA C 419 -9.58 9.50 -27.42
C ALA C 419 -10.02 8.32 -26.53
N PRO C 420 -10.95 8.48 -25.57
CA PRO C 420 -11.30 7.32 -24.74
C PRO C 420 -11.85 6.16 -25.55
N ALA C 421 -12.74 6.45 -26.50
CA ALA C 421 -13.32 5.39 -27.30
C ALA C 421 -12.27 4.72 -28.19
N LEU C 422 -11.33 5.50 -28.73
CA LEU C 422 -10.32 4.93 -29.62
C LEU C 422 -9.29 4.14 -28.82
N LEU C 423 -8.86 4.66 -27.67
CA LEU C 423 -7.90 3.91 -26.86
C LEU C 423 -8.53 2.64 -26.30
N TYR C 424 -9.84 2.63 -25.97
CA TYR C 424 -10.46 1.35 -25.60
C TYR C 424 -10.35 0.33 -26.75
N GLU C 425 -10.69 0.72 -27.98
CA GLU C 425 -10.62 -0.26 -29.07
C GLU C 425 -9.17 -0.72 -29.33
N ALA C 426 -8.20 0.21 -29.26
CA ALA C 426 -6.81 -0.20 -29.42
C ALA C 426 -6.40 -1.21 -28.34
N MET C 427 -6.85 -0.99 -27.10
CA MET C 427 -6.60 -1.93 -26.02
CA MET C 427 -6.61 -1.93 -26.02
C MET C 427 -7.20 -3.29 -26.31
N GLU C 428 -8.42 -3.33 -26.87
CA GLU C 428 -9.06 -4.61 -27.19
C GLU C 428 -8.30 -5.40 -28.23
N CYS C 429 -7.63 -4.72 -29.15
CA CYS C 429 -6.84 -5.39 -30.16
C CYS C 429 -5.67 -6.17 -29.56
N LEU C 430 -5.24 -5.83 -28.33
CA LEU C 430 -4.19 -6.57 -27.65
C LEU C 430 -4.70 -7.81 -26.92
N GLY C 431 -6.01 -8.03 -26.86
CA GLY C 431 -6.52 -9.16 -26.09
C GLY C 431 -6.44 -8.87 -24.59
N GLY C 432 -6.47 -9.95 -23.81
CA GLY C 432 -6.57 -9.82 -22.37
C GLY C 432 -5.43 -9.02 -21.76
N ASN C 433 -4.20 -9.20 -22.28
CA ASN C 433 -3.06 -8.43 -21.79
C ASN C 433 -3.26 -6.93 -21.90
N GLY C 434 -4.09 -6.47 -22.85
CA GLY C 434 -4.36 -5.04 -22.96
C GLY C 434 -4.96 -4.45 -21.69
N TYR C 435 -5.69 -5.27 -20.92
CA TYR C 435 -6.42 -4.85 -19.73
C TYR C 435 -5.56 -4.84 -18.46
N ILE C 436 -4.28 -5.18 -18.56
CA ILE C 436 -3.43 -5.40 -17.40
C ILE C 436 -2.48 -4.21 -17.24
N GLU C 437 -2.33 -3.73 -16.01
CA GLU C 437 -1.62 -2.48 -15.74
C GLU C 437 -0.10 -2.58 -15.95
N ASP C 438 0.47 -3.76 -16.13
CA ASP C 438 1.89 -3.84 -16.46
C ASP C 438 2.21 -3.45 -17.91
N GLY C 439 1.19 -3.27 -18.76
CA GLY C 439 1.36 -2.70 -20.08
C GLY C 439 1.13 -1.20 -20.07
N ASN C 440 0.92 -0.62 -21.27
CA ASN C 440 0.75 0.81 -21.48
C ASN C 440 -0.66 1.24 -21.88
N LEU C 441 -1.47 0.35 -22.46
CA LEU C 441 -2.77 0.80 -22.95
C LEU C 441 -3.72 1.11 -21.80
N ALA C 442 -3.64 0.34 -20.71
CA ALA C 442 -4.53 0.60 -19.56
C ALA C 442 -4.29 2.00 -18.98
N ARG C 443 -3.02 2.36 -18.77
CA ARG C 443 -2.72 3.67 -18.26
CA ARG C 443 -2.70 3.69 -18.26
C ARG C 443 -3.19 4.77 -19.20
N ALA C 444 -3.02 4.57 -20.52
CA ALA C 444 -3.45 5.57 -21.51
C ALA C 444 -4.96 5.72 -21.53
N TYR C 445 -5.66 4.59 -21.43
CA TYR C 445 -7.12 4.63 -21.33
C TYR C 445 -7.56 5.39 -20.09
N ARG C 446 -6.88 5.19 -18.95
CA ARG C 446 -7.20 5.97 -17.76
C ARG C 446 -6.79 7.44 -17.93
N GLU C 447 -5.77 7.71 -18.75
CA GLU C 447 -5.31 9.08 -18.96
C GLU C 447 -6.27 9.88 -19.84
N ALA C 448 -6.84 9.24 -20.87
CA ALA C 448 -7.55 9.92 -21.94
C ALA C 448 -8.64 10.92 -21.53
N PRO C 449 -9.53 10.62 -20.56
CA PRO C 449 -10.57 11.62 -20.20
C PRO C 449 -10.02 12.92 -19.63
N VAL C 450 -8.78 12.93 -19.11
CA VAL C 450 -8.32 14.09 -18.35
C VAL C 450 -8.19 15.31 -19.26
N ASN C 451 -7.77 15.11 -20.51
CA ASN C 451 -7.58 16.28 -21.37
C ASN C 451 -8.92 16.91 -21.75
N ALA C 452 -9.98 16.10 -21.86
CA ALA C 452 -11.31 16.62 -22.14
C ALA C 452 -11.92 17.29 -20.92
N ILE C 453 -11.60 16.80 -19.72
CA ILE C 453 -12.25 17.26 -18.49
C ILE C 453 -11.50 18.40 -17.80
N TRP C 454 -10.18 18.47 -17.95
N TRP C 454 -10.15 18.43 -17.91
CA TRP C 454 -9.47 19.61 -17.38
CA TRP C 454 -9.31 19.18 -16.97
C TRP C 454 -9.89 20.89 -18.09
C TRP C 454 -9.58 20.68 -17.04
N GLU C 455 -10.29 21.90 -17.30
N GLU C 455 -9.74 21.21 -18.24
CA GLU C 455 -10.63 23.25 -17.75
CA GLU C 455 -10.28 22.53 -18.46
C GLU C 455 -12.06 23.38 -18.30
C GLU C 455 -11.29 22.37 -19.57
N GLY C 456 -12.20 23.32 -19.62
CA GLY C 456 -13.45 23.33 -20.36
C GLY C 456 -13.80 22.07 -21.12
N SER C 457 -14.86 21.44 -20.65
CA SER C 457 -15.29 20.16 -21.20
C SER C 457 -16.08 20.38 -22.49
N GLY C 458 -16.66 19.29 -23.03
CA GLY C 458 -17.28 19.35 -24.34
C GLY C 458 -18.34 20.42 -24.48
N ASN C 459 -19.25 20.48 -23.50
CA ASN C 459 -20.35 21.44 -23.61
C ASN C 459 -19.85 22.87 -23.58
N VAL C 460 -18.77 23.14 -22.82
CA VAL C 460 -18.21 24.49 -22.75
C VAL C 460 -17.53 24.85 -24.07
N MET C 461 -16.76 23.94 -24.64
CA MET C 461 -16.14 24.20 -25.95
C MET C 461 -17.22 24.51 -26.98
N ALA C 462 -18.28 23.70 -27.03
CA ALA C 462 -19.30 23.84 -28.05
C ALA C 462 -20.06 25.14 -27.90
N LEU C 463 -20.30 25.58 -26.66
CA LEU C 463 -20.98 26.86 -26.46
C LEU C 463 -20.09 28.04 -26.85
N ASP C 464 -18.80 27.97 -26.50
CA ASP C 464 -17.85 28.97 -26.98
C ASP C 464 -17.85 29.07 -28.49
N VAL C 465 -17.87 27.92 -29.19
CA VAL C 465 -17.94 27.94 -30.65
C VAL C 465 -19.19 28.68 -31.11
N ALA C 466 -20.31 28.46 -30.42
CA ALA C 466 -21.55 29.16 -30.77
C ALA C 466 -21.49 30.64 -30.39
N ARG C 467 -20.83 30.98 -29.26
CA ARG C 467 -20.71 32.38 -28.88
C ARG C 467 -19.91 33.16 -29.93
N VAL C 468 -18.83 32.57 -30.44
CA VAL C 468 -18.02 33.23 -31.46
C VAL C 468 -18.83 33.42 -32.75
N LEU C 469 -19.73 32.50 -33.08
CA LEU C 469 -20.69 32.74 -34.18
C LEU C 469 -21.61 33.91 -33.84
N SER C 470 -21.98 34.03 -32.56
CA SER C 470 -22.82 35.15 -32.12
C SER C 470 -22.10 36.49 -32.29
N ARG C 471 -20.95 36.64 -31.61
CA ARG C 471 -20.29 37.93 -31.52
C ARG C 471 -19.41 38.28 -32.72
N ALA C 472 -18.92 37.28 -33.48
CA ALA C 472 -17.97 37.54 -34.58
C ALA C 472 -18.16 36.52 -35.68
N PRO C 473 -19.30 36.57 -36.40
CA PRO C 473 -19.53 35.61 -37.49
C PRO C 473 -18.47 35.62 -38.60
N ALA C 474 -17.86 36.77 -38.89
CA ALA C 474 -16.88 36.85 -39.99
C ALA C 474 -15.70 35.90 -39.78
N LEU C 475 -15.39 35.54 -38.54
CA LEU C 475 -14.28 34.62 -38.33
C LEU C 475 -14.55 33.25 -38.93
N PHE C 476 -15.83 32.83 -38.97
CA PHE C 476 -16.16 31.51 -39.51
C PHE C 476 -16.16 31.51 -41.03
N ASP C 477 -16.41 32.68 -41.64
CA ASP C 477 -16.20 32.83 -43.08
C ASP C 477 -14.75 32.56 -43.46
N GLY C 478 -13.80 33.07 -42.67
CA GLY C 478 -12.41 32.77 -42.94
C GLY C 478 -12.08 31.29 -42.77
N VAL C 479 -12.61 30.67 -41.72
CA VAL C 479 -12.40 29.24 -41.53
C VAL C 479 -12.96 28.45 -42.71
N LEU C 480 -14.22 28.74 -43.08
CA LEU C 480 -14.86 28.06 -44.21
C LEU C 480 -14.08 28.28 -45.50
N ASP C 481 -13.53 29.48 -45.71
CA ASP C 481 -12.71 29.73 -46.90
C ASP C 481 -11.47 28.85 -46.92
N TRP C 482 -10.82 28.70 -45.76
CA TRP C 482 -9.62 27.88 -45.71
C TRP C 482 -9.96 26.41 -45.97
N ILE C 483 -11.03 25.92 -45.33
CA ILE C 483 -11.48 24.55 -45.57
C ILE C 483 -11.83 24.35 -47.04
N SER C 484 -12.58 25.31 -47.62
CA SER C 484 -12.99 25.20 -49.01
C SER C 484 -11.78 25.16 -49.94
N GLY C 485 -10.77 26.00 -49.67
CA GLY C 485 -9.57 26.00 -50.48
C GLY C 485 -8.88 24.65 -50.54
N GLN C 486 -8.88 23.91 -49.43
CA GLN C 486 -8.19 22.63 -49.38
C GLN C 486 -9.02 21.50 -50.00
N LEU C 487 -10.33 21.51 -49.75
CA LEU C 487 -11.17 20.45 -50.29
C LEU C 487 -11.40 20.61 -51.78
N GLY C 488 -11.28 21.84 -52.28
CA GLY C 488 -11.54 22.12 -53.68
C GLY C 488 -13.01 22.19 -54.01
N PRO C 489 -13.32 22.36 -55.29
CA PRO C 489 -14.73 22.48 -55.71
C PRO C 489 -15.61 21.32 -55.29
N ARG C 490 -15.05 20.12 -55.14
CA ARG C 490 -15.86 18.96 -54.79
C ARG C 490 -16.25 18.94 -53.33
N GLY C 491 -15.75 19.88 -52.53
CA GLY C 491 -16.10 19.98 -51.13
C GLY C 491 -17.24 20.92 -50.84
N GLN C 492 -17.91 21.44 -51.88
CA GLN C 492 -18.97 22.42 -51.67
C GLN C 492 -20.11 21.85 -50.83
N GLY C 493 -20.38 20.54 -50.97
CA GLY C 493 -21.39 19.91 -50.13
C GLY C 493 -21.07 20.01 -48.65
N THR C 494 -19.78 19.87 -48.30
CA THR C 494 -19.38 19.99 -46.91
C THR C 494 -19.54 21.43 -46.42
N ILE C 495 -19.21 22.41 -47.27
CA ILE C 495 -19.40 23.82 -46.92
C ILE C 495 -20.86 24.12 -46.64
N ASP C 496 -21.77 23.57 -47.46
CA ASP C 496 -23.20 23.79 -47.23
C ASP C 496 -23.65 23.16 -45.92
N VAL C 497 -23.11 21.98 -45.59
CA VAL C 497 -23.42 21.34 -44.31
C VAL C 497 -23.01 22.25 -43.14
N LEU C 498 -21.81 22.83 -43.22
CA LEU C 498 -21.33 23.70 -42.14
C LEU C 498 -22.17 24.96 -42.04
N ARG C 499 -22.53 25.54 -43.20
CA ARG C 499 -23.40 26.72 -43.22
C ARG C 499 -24.74 26.42 -42.57
N ALA C 500 -25.36 25.29 -42.96
CA ALA C 500 -26.62 24.89 -42.36
C ALA C 500 -26.49 24.64 -40.86
N ALA C 501 -25.39 24.02 -40.44
CA ALA C 501 -25.15 23.80 -39.01
C ALA C 501 -24.98 25.13 -38.28
N LEU C 502 -24.24 26.07 -38.88
CA LEU C 502 -24.11 27.39 -38.28
C LEU C 502 -25.47 28.06 -38.12
N GLN C 503 -26.29 28.03 -39.19
CA GLN C 503 -27.62 28.64 -39.14
C GLN C 503 -28.50 27.96 -38.09
N LEU C 504 -28.48 26.62 -38.04
CA LEU C 504 -29.33 25.94 -37.09
C LEU C 504 -28.94 26.27 -35.66
N THR C 505 -27.64 26.43 -35.40
CA THR C 505 -27.15 26.73 -34.05
C THR C 505 -27.60 28.11 -33.57
N GLU C 506 -27.67 29.10 -34.47
CA GLU C 506 -28.22 30.40 -34.08
C GLU C 506 -29.68 30.27 -33.64
N THR C 507 -30.39 29.29 -34.21
CA THR C 507 -31.79 29.02 -33.85
C THR C 507 -31.89 28.18 -32.59
N ASP C 508 -30.95 27.24 -32.39
CA ASP C 508 -31.07 26.22 -31.36
C ASP C 508 -29.67 25.95 -30.80
N GLN C 509 -29.42 26.48 -29.59
CA GLN C 509 -28.15 26.27 -28.91
C GLN C 509 -27.84 24.78 -28.70
N GLY C 510 -28.88 23.94 -28.64
CA GLY C 510 -28.70 22.52 -28.41
C GLY C 510 -27.92 21.79 -29.49
N VAL C 511 -27.81 22.36 -30.70
CA VAL C 511 -27.09 21.70 -31.79
C VAL C 511 -25.64 22.16 -31.87
N ALA C 512 -25.16 22.88 -30.86
CA ALA C 512 -23.78 23.38 -30.88
C ALA C 512 -22.74 22.24 -30.97
N ARG C 513 -23.02 21.07 -30.37
CA ARG C 513 -22.05 19.98 -30.49
C ARG C 513 -22.00 19.43 -31.93
N LEU C 514 -23.16 19.35 -32.59
CA LEU C 514 -23.17 18.95 -33.98
C LEU C 514 -22.32 19.90 -34.83
N LEU C 515 -22.52 21.20 -34.65
CA LEU C 515 -21.72 22.20 -35.36
C LEU C 515 -20.24 22.00 -35.09
N THR C 516 -19.88 21.83 -33.81
CA THR C 516 -18.47 21.73 -33.41
C THR C 516 -17.79 20.52 -34.04
N GLU C 517 -18.45 19.35 -34.01
CA GLU C 517 -17.85 18.13 -34.53
C GLU C 517 -17.78 18.13 -36.07
N GLN C 518 -18.82 18.66 -36.72
CA GLN C 518 -18.78 18.79 -38.17
C GLN C 518 -17.65 19.72 -38.60
N LEU C 519 -17.46 20.83 -37.87
CA LEU C 519 -16.31 21.69 -38.18
C LEU C 519 -15.01 20.93 -38.01
N ALA C 520 -14.90 20.11 -36.96
CA ALA C 520 -13.67 19.36 -36.76
C ALA C 520 -13.46 18.33 -37.87
N PHE C 521 -14.51 17.57 -38.22
CA PHE C 521 -14.39 16.65 -39.36
C PHE C 521 -13.90 17.38 -40.60
N ALA C 522 -14.53 18.51 -40.92
CA ALA C 522 -14.22 19.22 -42.17
C ALA C 522 -12.81 19.79 -42.14
N ALA C 523 -12.39 20.36 -41.01
CA ALA C 523 -11.05 20.94 -40.94
C ALA C 523 -9.96 19.86 -40.89
N ALA C 524 -10.25 18.70 -40.27
CA ALA C 524 -9.31 17.58 -40.30
C ALA C 524 -9.11 17.08 -41.73
N ALA C 525 -10.22 16.87 -42.46
CA ALA C 525 -10.15 16.47 -43.85
C ALA C 525 -9.32 17.46 -44.67
N ALA C 526 -9.60 18.76 -44.49
CA ALA C 526 -8.90 19.79 -45.22
C ALA C 526 -7.40 19.74 -44.95
N GLU C 527 -7.01 19.53 -43.69
CA GLU C 527 -5.58 19.49 -43.38
C GLU C 527 -4.94 18.23 -43.94
N LEU C 528 -5.67 17.11 -43.99
CA LEU C 528 -5.10 15.93 -44.64
C LEU C 528 -4.84 16.19 -46.11
N ARG C 529 -5.72 16.95 -46.76
CA ARG C 529 -5.44 17.40 -48.12
C ARG C 529 -4.22 18.31 -48.17
N GLN C 530 -4.15 19.30 -47.26
CA GLN C 530 -3.02 20.24 -47.28
C GLN C 530 -1.68 19.50 -47.19
N LEU C 531 -1.63 18.40 -46.43
CA LEU C 531 -0.41 17.62 -46.24
C LEU C 531 -0.09 16.70 -47.40
N GLY C 532 -0.98 16.56 -48.39
CA GLY C 532 -0.73 15.63 -49.48
C GLY C 532 -1.03 14.19 -49.14
N ALA C 533 -1.69 13.93 -48.02
CA ALA C 533 -2.05 12.57 -47.63
C ALA C 533 -3.37 12.18 -48.29
N ASP C 534 -3.32 12.05 -49.62
CA ASP C 534 -4.55 11.99 -50.39
C ASP C 534 -5.32 10.67 -50.23
N ASP C 535 -4.63 9.54 -50.03
CA ASP C 535 -5.37 8.32 -49.75
C ASP C 535 -6.04 8.38 -48.39
N ILE C 536 -5.34 8.91 -47.38
CA ILE C 536 -5.93 9.04 -46.05
C ILE C 536 -7.11 10.00 -46.10
N ALA C 537 -6.95 11.12 -46.80
CA ALA C 537 -8.03 12.09 -46.91
C ALA C 537 -9.27 11.50 -47.59
N ASP C 538 -9.08 10.82 -48.74
CA ASP C 538 -10.20 10.21 -49.45
C ASP C 538 -11.07 9.36 -48.50
N ALA C 539 -10.44 8.40 -47.82
CA ALA C 539 -11.19 7.50 -46.95
C ALA C 539 -11.76 8.23 -45.73
N PHE C 540 -11.02 9.20 -45.18
CA PHE C 540 -11.56 9.98 -44.07
C PHE C 540 -12.79 10.76 -44.51
N ILE C 541 -12.73 11.38 -45.68
CA ILE C 541 -13.84 12.19 -46.19
C ILE C 541 -15.06 11.31 -46.43
N GLU C 542 -14.85 10.15 -47.06
CA GLU C 542 -15.97 9.28 -47.42
C GLU C 542 -16.71 8.77 -46.18
N THR C 543 -16.00 8.57 -45.09
CA THR C 543 -16.63 8.07 -43.87
C THR C 543 -17.11 9.22 -42.97
N ARG C 544 -16.19 10.06 -42.49
CA ARG C 544 -16.58 11.07 -41.50
C ARG C 544 -17.50 12.12 -42.08
N LEU C 545 -17.35 12.47 -43.36
CA LEU C 545 -18.23 13.45 -43.96
C LEU C 545 -19.37 12.83 -44.76
N GLY C 546 -19.25 11.58 -45.19
CA GLY C 546 -20.27 10.99 -46.03
C GLY C 546 -20.94 9.73 -45.51
N GLY C 547 -20.47 9.19 -44.39
CA GLY C 547 -20.98 7.93 -43.88
C GLY C 547 -22.15 8.10 -42.92
N LEU C 548 -22.62 6.96 -42.42
CA LEU C 548 -23.79 6.84 -41.55
C LEU C 548 -23.37 6.71 -40.09
N TRP C 549 -24.38 6.88 -39.22
CA TRP C 549 -24.19 6.78 -37.77
C TRP C 549 -23.48 5.47 -37.43
N ARG C 550 -22.47 5.56 -36.56
CA ARG C 550 -21.75 4.38 -36.10
C ARG C 550 -21.35 4.59 -34.65
N THR C 551 -21.12 3.49 -33.96
CA THR C 551 -20.69 3.53 -32.58
C THR C 551 -19.41 2.74 -32.33
N THR C 552 -18.94 1.95 -33.29
CA THR C 552 -17.69 1.21 -33.09
C THR C 552 -16.85 1.32 -34.34
N TYR C 553 -15.56 1.03 -34.17
CA TYR C 553 -14.60 1.12 -35.26
C TYR C 553 -14.65 -0.11 -36.15
N GLY C 554 -14.15 0.07 -37.37
CA GLY C 554 -14.14 -0.99 -38.36
C GLY C 554 -15.16 -0.86 -39.46
N MET C 555 -15.73 0.33 -39.67
CA MET C 555 -16.81 0.52 -40.65
C MET C 555 -16.22 0.98 -42.01
N LEU C 556 -15.30 0.17 -42.53
CA LEU C 556 -14.69 0.41 -43.84
C LEU C 556 -14.99 -0.78 -44.73
N ASP C 557 -15.21 -0.52 -46.00
CA ASP C 557 -15.37 -1.58 -46.98
C ASP C 557 -14.07 -1.74 -47.78
N ALA C 558 -14.06 -2.72 -48.69
CA ALA C 558 -12.82 -3.09 -49.37
C ALA C 558 -12.25 -1.98 -50.26
N ARG C 559 -13.07 -1.00 -50.65
CA ARG C 559 -12.63 0.03 -51.58
C ARG C 559 -11.66 1.02 -50.94
N HIS C 560 -11.54 1.01 -49.62
CA HIS C 560 -10.68 1.95 -48.90
C HIS C 560 -9.25 1.43 -48.71
N ASN C 561 -8.99 0.17 -49.06
CA ASN C 561 -7.66 -0.46 -48.99
C ASN C 561 -7.03 -0.28 -47.61
N ALA C 562 -7.58 -1.04 -46.65
CA ALA C 562 -7.20 -0.85 -45.25
C ALA C 562 -5.70 -1.10 -45.02
N MET C 563 -5.17 -2.16 -45.65
CA MET C 563 -3.77 -2.53 -45.42
C MET C 563 -2.84 -1.41 -45.85
N ARG C 564 -3.15 -0.73 -46.96
CA ARG C 564 -2.34 0.41 -47.41
C ARG C 564 -2.40 1.56 -46.41
N ILE C 565 -3.58 1.83 -45.85
CA ILE C 565 -3.69 2.87 -44.82
C ILE C 565 -2.76 2.54 -43.64
N ILE C 566 -2.75 1.28 -43.22
CA ILE C 566 -1.94 0.87 -42.07
C ILE C 566 -0.46 1.01 -42.40
N ASP C 567 -0.03 0.53 -43.58
CA ASP C 567 1.38 0.62 -43.95
C ASP C 567 1.83 2.05 -44.17
N GLN C 568 0.93 2.93 -44.64
CA GLN C 568 1.31 4.32 -44.87
C GLN C 568 1.55 5.05 -43.55
N LEU C 569 0.74 4.79 -42.53
CA LEU C 569 0.78 5.55 -41.29
C LEU C 569 1.56 4.85 -40.19
N TYR C 570 1.63 3.52 -40.23
CA TYR C 570 2.30 2.72 -39.20
C TYR C 570 3.24 1.72 -39.86
N PRO C 571 4.25 2.19 -40.62
CA PRO C 571 5.15 1.27 -41.31
C PRO C 571 5.86 0.34 -40.34
N ALA C 572 6.03 -0.91 -40.76
CA ALA C 572 6.57 -1.94 -39.89
C ALA C 572 8.00 -1.63 -39.48
N SER C 573 8.29 -1.82 -38.20
CA SER C 573 9.61 -1.67 -37.64
C SER C 573 9.94 -2.95 -36.89
N LYS D 33 -13.24 28.78 9.61
CA LYS D 33 -13.45 28.31 8.24
C LYS D 33 -13.06 29.41 7.23
N THR D 34 -12.43 29.02 6.13
CA THR D 34 -12.04 29.96 5.08
C THR D 34 -13.13 30.15 4.04
N HIS D 35 -14.16 29.30 4.03
CA HIS D 35 -15.12 29.28 2.94
C HIS D 35 -16.29 28.40 3.36
N GLU D 36 -17.41 28.55 2.66
CA GLU D 36 -18.56 27.65 2.76
C GLU D 36 -18.57 26.67 1.58
N VAL D 37 -19.12 25.48 1.82
CA VAL D 37 -19.30 24.46 0.78
C VAL D 37 -20.75 24.51 0.31
N THR D 38 -20.96 24.87 -0.96
CA THR D 38 -22.30 25.10 -1.50
C THR D 38 -22.46 24.41 -2.86
N ASN D 39 -23.73 24.28 -3.29
CA ASN D 39 -24.05 23.80 -4.65
C ASN D 39 -23.58 22.37 -4.89
N GLN D 40 -23.81 21.49 -3.92
CA GLN D 40 -23.36 20.10 -4.00
C GLN D 40 -24.56 19.20 -4.25
N THR D 41 -24.35 18.15 -5.03
CA THR D 41 -25.44 17.24 -5.38
C THR D 41 -25.69 16.27 -4.22
N PRO D 42 -26.92 16.15 -3.72
CA PRO D 42 -27.19 15.17 -2.67
C PRO D 42 -27.00 13.77 -3.20
N PRO D 43 -26.66 12.81 -2.32
CA PRO D 43 -26.39 11.45 -2.81
C PRO D 43 -27.64 10.83 -3.42
N ILE D 44 -27.43 10.00 -4.46
CA ILE D 44 -28.53 9.31 -5.12
C ILE D 44 -29.04 8.14 -4.30
N THR D 45 -28.27 7.72 -3.31
CA THR D 45 -28.59 6.69 -2.32
C THR D 45 -29.97 6.87 -1.66
N GLY D 46 -30.59 5.74 -1.31
CA GLY D 46 -31.84 5.69 -0.57
C GLY D 46 -33.10 5.54 -1.42
N THR D 47 -33.01 5.58 -2.74
CA THR D 47 -34.20 5.41 -3.56
C THR D 47 -34.24 4.00 -4.15
N ASN D 48 -35.08 3.78 -5.17
CA ASN D 48 -35.27 2.46 -5.75
C ASN D 48 -34.81 2.45 -7.20
N ALA D 49 -33.77 1.65 -7.52
CA ALA D 49 -33.22 1.64 -8.88
C ALA D 49 -34.16 0.97 -9.87
N TYR D 50 -35.03 0.06 -9.39
CA TYR D 50 -36.00 -0.59 -10.27
C TYR D 50 -37.21 0.31 -10.53
N LEU D 51 -37.81 0.84 -9.46
CA LEU D 51 -38.93 1.76 -9.65
C LEU D 51 -38.49 3.07 -10.30
N GLY D 52 -37.19 3.39 -10.26
CA GLY D 52 -36.75 4.58 -10.97
C GLY D 52 -36.51 4.39 -12.45
N ASP D 53 -36.83 3.21 -12.99
CA ASP D 53 -36.47 2.79 -14.34
C ASP D 53 -37.72 2.30 -15.05
N PRO D 54 -38.51 3.21 -15.64
CA PRO D 54 -39.75 2.78 -16.30
C PRO D 54 -39.55 1.80 -17.44
N LEU D 55 -38.46 1.91 -18.22
CA LEU D 55 -38.24 0.95 -19.28
C LEU D 55 -38.10 -0.46 -18.72
N LEU D 56 -37.31 -0.61 -17.66
CA LEU D 56 -37.14 -1.92 -17.03
C LEU D 56 -38.47 -2.42 -16.46
N MET D 57 -39.25 -1.53 -15.85
CA MET D 57 -40.56 -1.95 -15.35
C MET D 57 -41.45 -2.42 -16.49
N GLN D 58 -41.38 -1.75 -17.65
CA GLN D 58 -42.15 -2.19 -18.80
C GLN D 58 -41.69 -3.55 -19.28
N ILE D 59 -40.38 -3.78 -19.31
CA ILE D 59 -39.81 -5.07 -19.70
C ILE D 59 -40.32 -6.19 -18.80
N ALA D 60 -40.50 -5.90 -17.52
CA ALA D 60 -40.93 -6.91 -16.56
C ALA D 60 -42.43 -6.92 -16.33
N ALA D 61 -43.20 -6.15 -17.12
CA ALA D 61 -44.58 -5.84 -16.76
C ALA D 61 -45.45 -7.10 -16.63
N ARG D 62 -45.16 -8.13 -17.41
CA ARG D 62 -45.97 -9.34 -17.37
C ARG D 62 -45.43 -10.38 -16.38
N PHE D 63 -44.35 -10.07 -15.66
CA PHE D 63 -43.90 -10.98 -14.62
C PHE D 63 -44.98 -11.11 -13.54
N PRO D 64 -45.06 -12.24 -12.86
CA PRO D 64 -46.00 -12.36 -11.75
C PRO D 64 -45.67 -11.37 -10.63
N LYS D 65 -46.69 -11.08 -9.82
CA LYS D 65 -46.61 -10.10 -8.74
C LYS D 65 -45.45 -10.38 -7.79
N GLU D 66 -45.22 -11.66 -7.45
CA GLU D 66 -44.15 -12.02 -6.53
C GLU D 66 -42.79 -11.61 -7.07
N LEU D 67 -42.62 -11.70 -8.40
CA LEU D 67 -41.36 -11.28 -9.01
C LEU D 67 -41.20 -9.76 -8.95
N HIS D 68 -42.30 -9.02 -9.14
CA HIS D 68 -42.26 -7.56 -8.97
C HIS D 68 -41.83 -7.19 -7.55
N THR D 69 -42.41 -7.86 -6.54
CA THR D 69 -42.03 -7.60 -5.16
C THR D 69 -40.54 -7.82 -4.94
N GLU D 70 -39.99 -8.89 -5.51
CA GLU D 70 -38.56 -9.15 -5.37
C GLU D 70 -37.71 -8.14 -6.14
N LEU D 71 -38.14 -7.73 -7.34
CA LEU D 71 -37.38 -6.72 -8.08
C LEU D 71 -37.38 -5.38 -7.35
N GLU D 72 -38.51 -5.03 -6.72
CA GLU D 72 -38.58 -3.78 -5.97
C GLU D 72 -37.63 -3.81 -4.78
N GLN D 73 -37.56 -4.96 -4.10
CA GLN D 73 -36.64 -5.13 -2.97
C GLN D 73 -35.19 -5.05 -3.42
N ALA D 74 -34.86 -5.66 -4.57
CA ALA D 74 -33.51 -5.54 -5.10
C ALA D 74 -33.21 -4.11 -5.51
N GLY D 75 -34.21 -3.42 -6.08
CA GLY D 75 -34.03 -2.03 -6.44
C GLY D 75 -33.66 -1.15 -5.25
N ARG D 76 -34.20 -1.45 -4.07
CA ARG D 76 -33.84 -0.70 -2.86
C ARG D 76 -32.44 -1.08 -2.38
N PHE D 77 -32.11 -2.37 -2.40
CA PHE D 77 -30.80 -2.81 -1.93
C PHE D 77 -29.66 -2.13 -2.72
N VAL D 78 -29.73 -2.13 -4.05
CA VAL D 78 -28.55 -1.74 -4.80
C VAL D 78 -28.26 -0.25 -4.72
N LEU D 79 -29.21 0.55 -4.25
CA LEU D 79 -28.99 1.96 -3.95
C LEU D 79 -28.90 2.23 -2.46
N SER D 80 -28.87 1.21 -1.62
CA SER D 80 -28.75 1.49 -0.19
C SER D 80 -27.31 1.89 0.13
N ALA D 81 -27.16 2.74 1.16
CA ALA D 81 -25.84 3.24 1.54
C ALA D 81 -24.93 2.10 1.98
N GLU D 82 -25.48 1.13 2.71
CA GLU D 82 -24.69 0.00 3.19
C GLU D 82 -24.19 -0.84 2.03
N ALA D 83 -25.03 -1.04 1.01
CA ALA D 83 -24.63 -1.80 -0.16
C ALA D 83 -23.53 -1.09 -0.92
N GLN D 84 -23.66 0.24 -1.06
CA GLN D 84 -22.65 1.04 -1.74
C GLN D 84 -21.31 0.98 -1.02
N ASP D 85 -21.34 0.95 0.32
CA ASP D 85 -20.09 0.81 1.06
C ASP D 85 -19.44 -0.54 0.77
N LEU D 86 -20.23 -1.61 0.67
CA LEU D 86 -19.69 -2.92 0.29
C LEU D 86 -19.06 -2.88 -1.10
N ALA D 87 -19.70 -2.21 -2.06
CA ALA D 87 -19.15 -2.16 -3.41
C ALA D 87 -17.82 -1.41 -3.43
N ARG D 88 -17.73 -0.30 -2.71
CA ARG D 88 -16.48 0.45 -2.66
C ARG D 88 -15.37 -0.38 -2.03
N LEU D 89 -15.64 -1.02 -0.88
CA LEU D 89 -14.61 -1.79 -0.18
C LEU D 89 -14.16 -2.99 -1.00
N ALA D 90 -15.08 -3.70 -1.66
CA ALA D 90 -14.66 -4.86 -2.46
C ALA D 90 -13.71 -4.46 -3.58
N ASN D 91 -13.83 -3.24 -4.09
CA ASN D 91 -12.98 -2.76 -5.18
C ASN D 91 -11.78 -1.92 -4.71
N THR D 92 -11.67 -1.59 -3.43
CA THR D 92 -10.45 -0.90 -2.98
C THR D 92 -9.57 -1.75 -2.07
N GLU D 93 -10.14 -2.70 -1.31
CA GLU D 93 -9.38 -3.62 -0.46
C GLU D 93 -9.22 -4.92 -1.24
N LEU D 94 -8.12 -5.00 -1.98
CA LEU D 94 -8.04 -5.95 -3.07
C LEU D 94 -7.68 -7.35 -2.59
N PRO D 95 -8.13 -8.38 -3.30
CA PRO D 95 -7.73 -9.76 -2.96
C PRO D 95 -6.22 -9.91 -2.96
N LYS D 96 -5.72 -10.79 -2.10
CA LYS D 96 -4.28 -11.04 -1.98
C LYS D 96 -4.03 -12.52 -2.16
N LEU D 97 -3.05 -12.85 -3.00
CA LEU D 97 -2.61 -14.24 -3.18
C LEU D 97 -1.56 -14.59 -2.15
N ARG D 98 -1.78 -15.72 -1.46
CA ARG D 98 -0.79 -16.27 -0.52
C ARG D 98 -0.39 -17.65 -1.06
N THR D 99 0.76 -17.70 -1.72
CA THR D 99 1.23 -18.97 -2.29
C THR D 99 1.66 -19.95 -1.22
N HIS D 100 2.24 -19.45 -0.12
CA HIS D 100 2.83 -20.27 0.93
C HIS D 100 2.36 -19.81 2.29
N ASP D 101 2.45 -20.72 3.25
CA ASP D 101 2.21 -20.41 4.65
C ASP D 101 3.50 -19.93 5.31
N ARG D 102 3.41 -19.62 6.60
CA ARG D 102 4.51 -19.05 7.37
C ARG D 102 5.69 -20.01 7.44
N GLN D 103 5.45 -21.31 7.35
CA GLN D 103 6.52 -22.30 7.48
C GLN D 103 7.10 -22.74 6.13
N GLY D 104 6.55 -22.29 5.01
CA GLY D 104 7.09 -22.61 3.71
C GLY D 104 6.38 -23.70 2.94
N ARG D 105 5.21 -24.15 3.39
CA ARG D 105 4.35 -25.04 2.60
C ARG D 105 3.47 -24.24 1.65
N ARG D 106 3.23 -24.81 0.48
CA ARG D 106 2.27 -24.23 -0.44
C ARG D 106 0.86 -24.35 0.13
N ILE D 107 0.10 -23.26 0.02
CA ILE D 107 -1.32 -23.26 0.38
C ILE D 107 -2.20 -22.76 -0.76
N ASP D 108 -1.66 -21.97 -1.70
CA ASP D 108 -2.38 -21.49 -2.87
C ASP D 108 -3.75 -20.93 -2.49
N LEU D 109 -3.76 -19.99 -1.55
CA LEU D 109 -4.96 -19.32 -1.07
C LEU D 109 -5.02 -17.87 -1.55
N VAL D 110 -6.22 -17.40 -1.86
CA VAL D 110 -6.48 -16.01 -2.15
C VAL D 110 -7.42 -15.47 -1.09
N GLU D 111 -7.03 -14.39 -0.42
CA GLU D 111 -7.82 -13.82 0.66
C GLU D 111 -8.54 -12.58 0.17
N TYR D 112 -9.83 -12.47 0.48
CA TYR D 112 -10.67 -11.34 0.09
C TYR D 112 -11.15 -10.57 1.32
N HIS D 113 -11.49 -9.30 1.09
CA HIS D 113 -12.12 -8.47 2.11
C HIS D 113 -13.52 -9.01 2.44
N PRO D 114 -13.96 -8.88 3.71
CA PRO D 114 -15.32 -9.35 4.07
C PRO D 114 -16.43 -8.81 3.17
N ALA D 115 -16.25 -7.62 2.61
CA ALA D 115 -17.29 -7.05 1.76
C ALA D 115 -17.51 -7.89 0.51
N TYR D 116 -16.44 -8.50 -0.03
CA TYR D 116 -16.63 -9.38 -1.19
C TYR D 116 -17.52 -10.56 -0.82
N HIS D 117 -17.26 -11.19 0.34
CA HIS D 117 -18.05 -12.36 0.72
C HIS D 117 -19.49 -11.99 1.04
N ALA D 118 -19.72 -10.78 1.55
CA ALA D 118 -21.08 -10.31 1.84
C ALA D 118 -21.87 -10.10 0.56
N LEU D 119 -21.24 -9.56 -0.49
CA LEU D 119 -21.92 -9.44 -1.78
C LEU D 119 -22.19 -10.81 -2.39
N MET D 120 -21.20 -11.71 -2.34
CA MET D 120 -21.38 -13.07 -2.85
C MET D 120 -22.53 -13.77 -2.14
N ARG D 121 -22.56 -13.68 -0.80
CA ARG D 121 -23.60 -14.32 0.01
C ARG D 121 -24.99 -13.87 -0.41
N ARG D 122 -25.20 -12.56 -0.60
CA ARG D 122 -26.51 -12.09 -1.01
CA ARG D 122 -26.51 -12.09 -1.01
C ARG D 122 -26.84 -12.49 -2.45
N SER D 123 -25.86 -12.39 -3.36
CA SER D 123 -26.15 -12.76 -4.75
C SER D 123 -26.37 -14.28 -4.91
N VAL D 124 -25.69 -15.10 -4.11
CA VAL D 124 -25.94 -16.54 -4.11
C VAL D 124 -27.31 -16.84 -3.51
N ALA D 125 -27.70 -16.13 -2.44
CA ALA D 125 -29.03 -16.32 -1.89
C ALA D 125 -30.12 -15.95 -2.88
N GLN D 126 -29.85 -15.00 -3.76
CA GLN D 126 -30.77 -14.59 -4.82
C GLN D 126 -30.76 -15.54 -6.01
N GLY D 127 -29.96 -16.60 -5.97
CA GLY D 127 -29.87 -17.55 -7.05
C GLY D 127 -29.27 -17.04 -8.36
N LEU D 128 -28.43 -15.99 -8.33
CA LEU D 128 -27.82 -15.51 -9.57
C LEU D 128 -26.89 -16.54 -10.20
N HIS D 129 -26.46 -17.55 -9.45
CA HIS D 129 -25.63 -18.62 -9.96
C HIS D 129 -26.44 -19.85 -10.35
N SER D 130 -27.74 -19.90 -10.02
CA SER D 130 -28.46 -21.17 -10.05
C SER D 130 -29.88 -21.13 -10.60
N SER D 131 -30.57 -19.98 -10.66
CA SER D 131 -32.03 -20.01 -10.77
C SER D 131 -32.52 -20.57 -12.11
N ILE D 132 -31.74 -20.45 -13.20
CA ILE D 132 -32.23 -20.97 -14.47
C ILE D 132 -32.28 -22.49 -14.47
N TRP D 133 -31.60 -23.15 -13.53
CA TRP D 133 -31.59 -24.60 -13.38
C TRP D 133 -32.56 -25.08 -12.33
N GLU D 134 -33.29 -24.18 -11.68
CA GLU D 134 -34.21 -24.55 -10.62
C GLU D 134 -35.62 -24.75 -11.16
N ASP D 135 -36.43 -25.46 -10.38
CA ASP D 135 -37.82 -25.72 -10.74
C ASP D 135 -38.75 -24.83 -9.91
N ASN D 136 -38.77 -23.53 -10.26
CA ASN D 136 -39.61 -22.57 -9.53
CA ASN D 136 -39.59 -22.55 -9.55
C ASN D 136 -40.83 -22.24 -10.37
N PRO D 137 -42.03 -22.71 -9.98
CA PRO D 137 -43.20 -22.52 -10.86
C PRO D 137 -43.50 -21.07 -11.17
N LEU D 138 -43.18 -20.14 -10.27
CA LEU D 138 -43.39 -18.73 -10.56
C LEU D 138 -42.53 -18.24 -11.70
N GLU D 139 -41.41 -18.89 -12.00
CA GLU D 139 -40.55 -18.40 -13.06
C GLU D 139 -40.66 -19.23 -14.34
N SER D 140 -41.64 -20.14 -14.39
CA SER D 140 -41.84 -21.00 -15.54
C SER D 140 -42.00 -20.17 -16.80
N GLY D 141 -41.26 -20.57 -17.85
CA GLY D 141 -41.23 -19.83 -19.09
C GLY D 141 -40.52 -18.49 -19.02
N ARG D 142 -39.96 -18.13 -17.85
CA ARG D 142 -39.37 -16.81 -17.66
C ARG D 142 -38.02 -16.86 -16.95
N ARG D 143 -37.37 -18.02 -16.88
CA ARG D 143 -36.20 -18.15 -15.99
C ARG D 143 -35.05 -17.24 -16.42
N HIS D 144 -34.75 -17.17 -17.72
CA HIS D 144 -33.64 -16.33 -18.16
C HIS D 144 -33.95 -14.86 -17.95
N GLN D 145 -35.21 -14.46 -18.24
CA GLN D 145 -35.63 -13.07 -18.10
C GLN D 145 -35.68 -12.64 -16.64
N ALA D 146 -36.21 -13.49 -15.76
CA ALA D 146 -36.29 -13.15 -14.35
C ALA D 146 -34.90 -12.95 -13.74
N ARG D 147 -33.97 -13.86 -14.05
CA ARG D 147 -32.61 -13.71 -13.58
C ARG D 147 -31.92 -12.50 -14.20
N ALA D 148 -32.17 -12.24 -15.49
CA ALA D 148 -31.49 -11.13 -16.16
C ALA D 148 -31.89 -9.79 -15.55
N ALA D 149 -33.17 -9.65 -15.17
CA ALA D 149 -33.62 -8.43 -14.51
C ALA D 149 -32.87 -8.19 -13.19
N ARG D 150 -32.66 -9.26 -12.41
CA ARG D 150 -31.92 -9.15 -11.16
C ARG D 150 -30.45 -8.84 -11.42
N PHE D 151 -29.88 -9.51 -12.41
CA PHE D 151 -28.49 -9.31 -12.79
C PHE D 151 -28.22 -7.87 -13.20
N TYR D 152 -29.09 -7.33 -14.05
CA TYR D 152 -29.04 -5.94 -14.47
C TYR D 152 -28.98 -4.98 -13.29
N LEU D 153 -29.81 -5.23 -12.27
CA LEU D 153 -29.81 -4.38 -11.08
C LEU D 153 -28.50 -4.54 -10.31
N THR D 154 -28.06 -5.78 -10.08
CA THR D 154 -26.85 -6.00 -9.29
C THR D 154 -25.63 -5.39 -9.98
N ALA D 155 -25.57 -5.48 -11.30
CA ALA D 155 -24.46 -4.91 -12.04
C ALA D 155 -24.36 -3.41 -11.82
N GLN D 156 -25.46 -2.75 -11.46
CA GLN D 156 -25.40 -1.33 -11.13
C GLN D 156 -24.71 -1.07 -9.80
N LEU D 157 -24.66 -2.08 -8.92
CA LEU D 157 -24.05 -1.93 -7.60
C LEU D 157 -22.58 -2.33 -7.63
N GLU D 158 -22.29 -3.56 -8.06
CA GLU D 158 -20.92 -4.07 -8.04
C GLU D 158 -20.84 -5.20 -9.07
N ALA D 159 -20.00 -5.04 -10.07
CA ALA D 159 -19.95 -5.97 -11.20
C ALA D 159 -18.92 -7.06 -11.05
N GLY D 160 -17.85 -6.82 -10.28
CA GLY D 160 -16.76 -7.78 -10.20
C GLY D 160 -17.19 -9.12 -9.62
N HIS D 161 -17.99 -9.10 -8.55
CA HIS D 161 -18.37 -10.37 -7.94
C HIS D 161 -19.36 -11.15 -8.79
N LEU D 162 -19.92 -10.54 -9.85
CA LEU D 162 -20.78 -11.31 -10.76
C LEU D 162 -20.04 -12.37 -11.55
N CYS D 163 -18.71 -12.20 -11.73
CA CYS D 163 -17.95 -13.13 -12.56
C CYS D 163 -18.08 -14.58 -12.10
N PRO D 164 -17.81 -14.93 -10.83
CA PRO D 164 -18.05 -16.33 -10.42
C PRO D 164 -19.50 -16.77 -10.56
N LEU D 165 -20.47 -15.87 -10.40
CA LEU D 165 -21.87 -16.29 -10.51
C LEU D 165 -22.23 -16.60 -11.96
N THR D 166 -21.73 -15.77 -12.90
CA THR D 166 -21.86 -16.03 -14.32
C THR D 166 -21.20 -17.35 -14.68
N MET D 167 -19.98 -17.58 -14.20
CA MET D 167 -19.26 -18.80 -14.54
C MET D 167 -19.94 -20.04 -13.96
N THR D 168 -20.46 -19.93 -12.74
CA THR D 168 -21.13 -21.07 -12.13
C THR D 168 -22.42 -21.43 -12.87
N SER D 169 -23.27 -20.43 -13.14
CA SER D 169 -24.52 -20.70 -13.84
C SER D 169 -24.25 -21.28 -15.24
N ALA D 170 -23.27 -20.72 -15.95
CA ALA D 170 -22.97 -21.19 -17.30
C ALA D 170 -22.29 -22.55 -17.31
N SER D 171 -21.45 -22.86 -16.32
CA SER D 171 -20.74 -24.14 -16.28
CA SER D 171 -20.74 -24.14 -16.28
C SER D 171 -21.71 -25.31 -16.24
N LEU D 172 -22.86 -25.17 -15.57
CA LEU D 172 -23.80 -26.27 -15.53
C LEU D 172 -24.31 -26.67 -16.92
N ALA D 173 -24.27 -25.76 -17.90
CA ALA D 173 -24.63 -26.16 -19.27
C ALA D 173 -23.57 -27.08 -19.89
N ALA D 174 -22.31 -26.92 -19.50
CA ALA D 174 -21.29 -27.88 -19.93
C ALA D 174 -21.46 -29.20 -19.18
N LEU D 175 -21.75 -29.14 -17.88
CA LEU D 175 -21.97 -30.39 -17.13
C LEU D 175 -23.14 -31.19 -17.70
N MET D 176 -24.09 -30.54 -18.39
CA MET D 176 -25.19 -31.28 -19.01
C MET D 176 -24.69 -32.30 -20.02
N ALA D 177 -23.51 -32.10 -20.60
CA ALA D 177 -22.96 -33.04 -21.57
C ALA D 177 -22.58 -34.39 -20.93
N SER D 178 -22.39 -34.42 -19.61
CA SER D 178 -22.15 -35.66 -18.87
C SER D 178 -23.20 -35.73 -17.77
N PRO D 179 -24.40 -36.23 -18.09
CA PRO D 179 -25.50 -36.16 -17.12
C PRO D 179 -25.19 -36.80 -15.78
N GLU D 180 -24.31 -37.80 -15.77
CA GLU D 180 -23.94 -38.41 -14.50
C GLU D 180 -23.12 -37.45 -13.64
N VAL D 181 -22.35 -36.56 -14.27
CA VAL D 181 -21.59 -35.57 -13.49
C VAL D 181 -22.50 -34.42 -13.07
N TYR D 182 -23.44 -34.03 -13.93
CA TYR D 182 -24.42 -33.01 -13.56
C TYR D 182 -25.23 -33.46 -12.35
N LYS D 183 -25.76 -34.69 -12.38
CA LYS D 183 -26.51 -35.19 -11.24
C LYS D 183 -25.66 -35.17 -9.97
N GLN D 184 -24.36 -35.41 -10.11
CA GLN D 184 -23.47 -35.50 -8.96
C GLN D 184 -23.18 -34.11 -8.37
N TRP D 185 -22.91 -33.11 -9.22
CA TRP D 185 -22.47 -31.79 -8.77
C TRP D 185 -23.58 -30.76 -8.59
N SER D 186 -24.68 -30.84 -9.34
CA SER D 186 -25.64 -29.75 -9.32
C SER D 186 -26.31 -29.52 -7.96
N PRO D 187 -26.58 -30.52 -7.10
CA PRO D 187 -27.18 -30.17 -5.81
C PRO D 187 -26.34 -29.21 -5.00
N ALA D 188 -25.02 -29.41 -4.96
CA ALA D 188 -24.14 -28.49 -4.23
C ALA D 188 -24.04 -27.16 -4.95
N VAL D 189 -23.98 -27.19 -6.28
CA VAL D 189 -23.85 -25.96 -7.07
C VAL D 189 -25.12 -25.13 -6.95
N LEU D 190 -26.30 -25.77 -7.05
CA LEU D 190 -27.57 -25.09 -7.01
C LEU D 190 -27.98 -24.68 -5.61
N SER D 191 -27.23 -25.12 -4.59
CA SER D 191 -27.46 -24.64 -3.23
C SER D 191 -27.34 -23.13 -3.18
N ARG D 192 -28.29 -22.50 -2.49
CA ARG D 192 -28.25 -21.06 -2.31
C ARG D 192 -27.48 -20.64 -1.06
N LYS D 193 -26.64 -21.53 -0.54
CA LYS D 193 -25.80 -21.24 0.62
C LYS D 193 -24.35 -21.04 0.14
N TYR D 194 -23.81 -19.85 0.38
CA TYR D 194 -22.44 -19.55 0.02
C TYR D 194 -21.47 -20.01 1.11
N ASP D 195 -20.37 -20.62 0.69
CA ASP D 195 -19.38 -21.20 1.61
C ASP D 195 -18.00 -20.91 1.03
N PHE D 196 -17.23 -20.03 1.68
CA PHE D 196 -15.91 -19.67 1.18
C PHE D 196 -14.79 -20.32 2.01
N SER D 197 -15.12 -21.32 2.81
CA SER D 197 -14.11 -22.04 3.60
C SER D 197 -13.25 -22.93 2.69
N GLN D 198 -12.14 -23.40 3.25
CA GLN D 198 -11.19 -24.27 2.53
C GLN D 198 -11.46 -25.76 2.77
N LYS D 199 -12.73 -26.15 2.88
CA LYS D 199 -13.12 -27.56 2.94
C LYS D 199 -13.10 -28.15 1.55
N PRO D 200 -12.89 -29.47 1.44
CA PRO D 200 -13.13 -30.15 0.15
C PRO D 200 -14.56 -29.89 -0.30
N ALA D 201 -14.76 -29.89 -1.62
CA ALA D 201 -16.05 -29.49 -2.19
C ALA D 201 -17.21 -30.27 -1.59
N PHE D 202 -17.02 -31.56 -1.33
CA PHE D 202 -18.13 -32.41 -0.94
C PHE D 202 -18.58 -32.16 0.50
N ARG D 203 -17.82 -31.43 1.29
CA ARG D 203 -18.23 -31.07 2.64
C ARG D 203 -18.74 -29.64 2.77
N LYS D 204 -18.85 -28.90 1.67
CA LYS D 204 -19.29 -27.53 1.74
C LYS D 204 -20.81 -27.41 1.61
N GLN D 205 -21.36 -26.30 2.14
CA GLN D 205 -22.78 -26.01 2.06
C GLN D 205 -23.24 -25.62 0.65
N GLY D 206 -22.32 -25.14 -0.18
CA GLY D 206 -22.60 -24.85 -1.57
C GLY D 206 -21.28 -24.62 -2.26
N VAL D 207 -21.27 -24.77 -3.59
CA VAL D 207 -20.02 -24.64 -4.34
C VAL D 207 -20.18 -23.71 -5.53
N THR D 208 -19.06 -23.13 -5.95
CA THR D 208 -18.95 -22.29 -7.13
C THR D 208 -17.96 -22.91 -8.10
N LEU D 209 -18.10 -22.56 -9.38
CA LEU D 209 -17.31 -23.13 -10.47
C LEU D 209 -16.73 -22.01 -11.32
N GLY D 210 -15.48 -22.17 -11.75
CA GLY D 210 -14.88 -21.21 -12.67
C GLY D 210 -14.50 -21.88 -13.98
N MET D 211 -13.69 -21.22 -14.79
CA MET D 211 -13.33 -21.83 -16.07
C MET D 211 -11.91 -21.40 -16.45
N GLY D 212 -11.09 -22.39 -16.79
CA GLY D 212 -9.72 -22.14 -17.15
C GLY D 212 -9.54 -22.56 -18.59
N MET D 213 -9.55 -21.59 -19.48
CA MET D 213 -9.53 -21.83 -20.92
CA MET D 213 -9.48 -21.90 -20.91
C MET D 213 -8.33 -21.22 -21.61
N THR D 214 -8.13 -19.92 -21.40
CA THR D 214 -7.11 -19.13 -22.07
C THR D 214 -5.70 -19.57 -21.68
N GLU D 215 -4.81 -19.63 -22.69
CA GLU D 215 -3.39 -19.82 -22.46
C GLU D 215 -2.58 -18.65 -23.05
N LYS D 216 -1.29 -18.60 -22.67
CA LYS D 216 -0.44 -17.48 -23.06
C LYS D 216 -0.39 -17.30 -24.57
N GLN D 217 -0.40 -18.41 -25.32
CA GLN D 217 -0.32 -18.31 -26.77
C GLN D 217 -1.68 -18.03 -27.42
N GLY D 218 -2.78 -18.01 -26.66
CA GLY D 218 -4.06 -17.65 -27.23
C GLY D 218 -5.30 -18.04 -26.42
N GLY D 219 -6.28 -17.13 -26.36
CA GLY D 219 -7.59 -17.39 -25.79
C GLY D 219 -8.66 -17.61 -26.84
N THR D 220 -8.50 -16.98 -28.01
CA THR D 220 -9.44 -17.22 -29.10
C THR D 220 -9.26 -18.60 -29.72
N ASP D 221 -8.01 -18.95 -30.05
CA ASP D 221 -7.66 -20.20 -30.71
C ASP D 221 -7.42 -21.28 -29.65
N VAL D 222 -8.54 -21.79 -29.09
CA VAL D 222 -8.43 -22.77 -28.01
C VAL D 222 -7.81 -24.08 -28.49
N ARG D 223 -7.89 -24.38 -29.79
CA ARG D 223 -7.23 -25.57 -30.30
C ARG D 223 -5.71 -25.47 -30.24
N ALA D 224 -5.15 -24.26 -30.07
CA ALA D 224 -3.72 -24.09 -29.81
C ALA D 224 -3.35 -24.30 -28.35
N ASN D 225 -4.32 -24.66 -27.49
CA ASN D 225 -4.02 -25.03 -26.10
C ASN D 225 -2.94 -26.11 -26.05
N ALA D 226 -2.02 -25.97 -25.09
CA ALA D 226 -0.97 -26.95 -24.87
C ALA D 226 -1.11 -27.71 -23.54
N THR D 227 -2.03 -27.31 -22.67
CA THR D 227 -2.33 -28.13 -21.49
C THR D 227 -2.71 -29.54 -21.93
N ARG D 228 -2.14 -30.55 -21.30
CA ARG D 228 -2.38 -31.92 -21.74
C ARG D 228 -3.00 -32.74 -20.62
N ALA D 229 -3.86 -33.68 -21.01
CA ALA D 229 -4.54 -34.59 -20.10
C ALA D 229 -4.17 -36.02 -20.48
N GLU D 230 -3.89 -36.82 -19.47
CA GLU D 230 -3.48 -38.21 -19.56
C GLU D 230 -4.46 -39.04 -18.74
N PRO D 231 -4.82 -40.24 -19.18
CA PRO D 231 -5.70 -41.06 -18.35
C PRO D 231 -5.01 -41.47 -17.06
N ALA D 232 -5.78 -41.55 -15.99
CA ALA D 232 -5.30 -41.86 -14.65
C ALA D 232 -6.12 -43.02 -14.08
N ILE D 233 -5.70 -43.49 -12.91
CA ILE D 233 -6.37 -44.62 -12.27
C ILE D 233 -7.81 -44.23 -11.95
N GLY D 234 -8.75 -45.15 -12.23
CA GLY D 234 -10.13 -44.93 -11.88
C GLY D 234 -10.94 -44.15 -12.90
N GLY D 235 -10.46 -44.05 -14.13
CA GLY D 235 -11.19 -43.32 -15.14
C GLY D 235 -11.05 -41.81 -15.05
N ALA D 236 -10.25 -41.31 -14.11
CA ALA D 236 -9.98 -39.88 -14.04
C ALA D 236 -8.87 -39.53 -15.03
N TRP D 237 -8.54 -38.25 -15.12
CA TRP D 237 -7.50 -37.75 -16.01
C TRP D 237 -6.59 -36.82 -15.22
N ARG D 238 -5.31 -36.84 -15.58
CA ARG D 238 -4.30 -35.97 -14.98
C ARG D 238 -3.90 -34.89 -15.97
N LEU D 239 -3.92 -33.64 -15.51
CA LEU D 239 -3.69 -32.49 -16.38
C LEU D 239 -2.41 -31.77 -15.95
N THR D 240 -1.60 -31.44 -16.94
CA THR D 240 -0.37 -30.68 -16.75
C THR D 240 -0.36 -29.56 -17.77
N GLY D 241 -0.09 -28.34 -17.29
CA GLY D 241 -0.05 -27.21 -18.19
C GLY D 241 -0.15 -25.89 -17.46
N HIS D 242 -0.89 -24.96 -18.05
CA HIS D 242 -1.05 -23.62 -17.51
C HIS D 242 -2.33 -23.01 -18.06
N LYS D 243 -2.88 -22.09 -17.29
CA LYS D 243 -3.96 -21.21 -17.74
C LYS D 243 -3.55 -19.80 -17.33
N TRP D 244 -3.60 -18.87 -18.30
CA TRP D 244 -2.99 -17.55 -18.19
C TRP D 244 -3.90 -16.54 -17.49
N PHE D 245 -5.19 -16.78 -17.49
CA PHE D 245 -6.22 -15.93 -16.87
C PHE D 245 -7.19 -16.92 -16.24
N MET D 246 -7.20 -17.07 -14.91
CA MET D 246 -8.24 -17.87 -14.27
C MET D 246 -8.88 -17.03 -13.15
N SER D 247 -10.09 -16.51 -13.40
CA SER D 247 -10.77 -15.65 -12.43
C SER D 247 -11.43 -16.50 -11.35
N ALA D 248 -11.79 -15.84 -10.24
CA ALA D 248 -12.36 -16.50 -9.08
C ALA D 248 -11.56 -17.75 -8.68
N PRO D 249 -10.27 -17.58 -8.37
CA PRO D 249 -9.42 -18.76 -8.12
C PRO D 249 -9.82 -19.59 -6.91
N MET D 250 -10.62 -19.05 -5.98
CA MET D 250 -11.10 -19.82 -4.85
C MET D 250 -12.41 -20.55 -5.16
N SER D 251 -12.86 -20.56 -6.42
CA SER D 251 -13.94 -21.45 -6.84
C SER D 251 -13.58 -22.87 -6.48
N ASP D 252 -14.58 -23.74 -6.33
CA ASP D 252 -14.29 -25.08 -5.83
C ASP D 252 -13.84 -26.01 -6.94
N ALA D 253 -14.24 -25.75 -8.18
CA ALA D 253 -13.74 -26.53 -9.32
C ALA D 253 -13.77 -25.65 -10.56
N PHE D 254 -13.07 -26.10 -11.60
CA PHE D 254 -12.89 -25.29 -12.80
C PHE D 254 -13.10 -26.15 -14.03
N LEU D 255 -13.86 -25.62 -14.99
CA LEU D 255 -13.98 -26.25 -16.30
C LEU D 255 -12.79 -25.84 -17.15
N THR D 256 -12.07 -26.83 -17.67
CA THR D 256 -10.77 -26.62 -18.30
C THR D 256 -10.72 -27.35 -19.63
N LEU D 257 -10.11 -26.73 -20.63
CA LEU D 257 -9.83 -27.41 -21.89
C LEU D 257 -8.40 -27.93 -21.84
N ALA D 258 -8.20 -29.16 -22.33
CA ALA D 258 -6.87 -29.76 -22.46
C ALA D 258 -6.84 -30.72 -23.64
N GLN D 259 -5.65 -30.91 -24.21
CA GLN D 259 -5.45 -31.83 -25.31
C GLN D 259 -5.33 -33.26 -24.81
N THR D 260 -5.97 -34.17 -25.53
CA THR D 260 -5.76 -35.60 -25.32
C THR D 260 -5.39 -36.24 -26.66
N LYS D 261 -5.14 -37.54 -26.60
CA LYS D 261 -4.86 -38.31 -27.80
C LYS D 261 -6.04 -38.23 -28.79
N GLU D 262 -7.25 -37.98 -28.30
CA GLU D 262 -8.46 -37.91 -29.11
C GLU D 262 -8.83 -36.50 -29.55
N GLY D 263 -8.03 -35.49 -29.21
CA GLY D 263 -8.32 -34.10 -29.53
C GLY D 263 -8.59 -33.27 -28.29
N LEU D 264 -9.10 -32.05 -28.51
CA LEU D 264 -9.36 -31.12 -27.42
C LEU D 264 -10.60 -31.57 -26.62
N SER D 265 -10.42 -31.73 -25.31
CA SER D 265 -11.46 -32.22 -24.43
C SER D 265 -11.71 -31.25 -23.27
N CYS D 266 -12.89 -31.37 -22.66
CA CYS D 266 -13.28 -30.54 -21.54
C CYS D 266 -13.19 -31.38 -20.26
N PHE D 267 -12.79 -30.74 -19.16
CA PHE D 267 -12.62 -31.42 -17.88
C PHE D 267 -13.16 -30.56 -16.72
N LEU D 268 -13.64 -31.23 -15.68
CA LEU D 268 -14.02 -30.61 -14.43
C LEU D 268 -12.91 -30.87 -13.43
N LEU D 269 -12.25 -29.81 -13.00
CA LEU D 269 -11.01 -29.93 -12.23
C LEU D 269 -11.24 -29.33 -10.85
N PRO D 270 -11.39 -30.15 -9.80
CA PRO D 270 -11.58 -29.60 -8.45
C PRO D 270 -10.28 -28.96 -7.94
N ARG D 271 -10.42 -27.86 -7.20
CA ARG D 271 -9.22 -27.19 -6.69
C ARG D 271 -8.55 -28.00 -5.59
N LEU D 272 -9.34 -28.64 -4.73
CA LEU D 272 -8.81 -29.40 -3.61
C LEU D 272 -9.14 -30.89 -3.77
N GLY D 273 -8.26 -31.74 -3.21
CA GLY D 273 -8.53 -33.16 -3.13
C GLY D 273 -9.44 -33.47 -1.94
N GLU D 274 -9.71 -34.77 -1.77
CA GLU D 274 -10.70 -35.21 -0.79
C GLU D 274 -10.30 -34.88 0.65
N LYS D 275 -9.02 -34.71 0.92
CA LYS D 275 -8.54 -34.35 2.24
C LYS D 275 -8.26 -32.85 2.38
N GLY D 276 -8.57 -32.06 1.36
CA GLY D 276 -8.29 -30.64 1.44
C GLY D 276 -6.90 -30.26 1.00
N GLU D 277 -6.11 -31.23 0.53
CA GLU D 277 -4.79 -30.99 -0.01
C GLU D 277 -4.90 -30.41 -1.42
N SER D 278 -3.78 -29.86 -1.91
CA SER D 278 -3.76 -29.29 -3.26
C SER D 278 -3.96 -30.37 -4.32
N ASN D 279 -4.80 -30.08 -5.29
CA ASN D 279 -4.95 -30.99 -6.44
C ASN D 279 -4.10 -30.51 -7.60
N GLY D 280 -2.81 -30.27 -7.36
CA GLY D 280 -1.89 -29.90 -8.41
C GLY D 280 -2.07 -28.51 -9.01
N PHE D 281 -2.73 -27.60 -8.29
CA PHE D 281 -2.82 -26.19 -8.72
C PHE D 281 -1.65 -25.42 -8.14
N PHE D 282 -0.98 -24.64 -8.96
CA PHE D 282 0.11 -23.77 -8.48
C PHE D 282 -0.16 -22.35 -8.99
N PHE D 283 -0.77 -21.52 -8.14
CA PHE D 283 -1.02 -20.13 -8.50
C PHE D 283 0.29 -19.34 -8.49
N GLN D 284 0.53 -18.60 -9.57
CA GLN D 284 1.77 -17.85 -9.72
C GLN D 284 1.61 -16.40 -9.24
N ARG D 285 0.60 -15.70 -9.74
CA ARG D 285 0.41 -14.29 -9.47
C ARG D 285 -1.06 -13.95 -9.63
N LEU D 286 -1.46 -12.83 -9.05
CA LEU D 286 -2.72 -12.21 -9.43
C LEU D 286 -2.44 -11.11 -10.47
N LYS D 287 -3.32 -10.97 -11.43
CA LYS D 287 -3.24 -9.85 -12.36
C LYS D 287 -3.46 -8.54 -11.61
N ASP D 288 -2.71 -7.52 -12.00
CA ASP D 288 -2.98 -6.14 -11.60
C ASP D 288 -3.83 -5.50 -12.70
N LYS D 289 -5.15 -5.44 -12.49
CA LYS D 289 -6.09 -5.17 -13.57
C LYS D 289 -6.51 -3.71 -13.62
N LEU D 290 -6.81 -3.26 -14.85
CA LEU D 290 -7.38 -1.95 -15.05
C LEU D 290 -8.65 -1.76 -14.22
N GLY D 291 -9.56 -2.72 -14.28
CA GLY D 291 -10.80 -2.62 -13.52
C GLY D 291 -11.19 -4.02 -13.12
N ASN D 292 -12.44 -4.26 -12.72
CA ASN D 292 -12.87 -5.61 -12.32
C ASN D 292 -12.01 -6.12 -11.15
N ARG D 293 -11.49 -5.17 -10.33
CA ARG D 293 -10.43 -5.51 -9.38
CA ARG D 293 -10.44 -5.45 -9.36
C ARG D 293 -10.94 -6.23 -8.14
N SER D 294 -12.23 -6.14 -7.83
CA SER D 294 -12.80 -6.92 -6.74
C SER D 294 -12.76 -8.43 -7.04
N ASN D 295 -12.70 -8.78 -8.33
CA ASN D 295 -12.64 -10.17 -8.81
C ASN D 295 -11.16 -10.52 -9.02
N ALA D 296 -10.64 -11.44 -8.22
CA ALA D 296 -9.25 -11.85 -8.41
C ALA D 296 -9.11 -12.65 -9.70
N SER D 297 -8.10 -12.31 -10.52
CA SER D 297 -7.74 -13.10 -11.70
C SER D 297 -6.29 -13.56 -11.54
N SER D 298 -6.09 -14.88 -11.63
CA SER D 298 -4.83 -15.55 -11.32
C SER D 298 -4.15 -16.11 -12.57
N GLU D 299 -2.84 -16.31 -12.45
CA GLU D 299 -2.08 -17.15 -13.36
C GLU D 299 -1.79 -18.46 -12.64
N VAL D 300 -2.10 -19.58 -13.29
CA VAL D 300 -2.01 -20.87 -12.62
C VAL D 300 -1.25 -21.84 -13.50
N GLU D 301 -0.55 -22.77 -12.85
CA GLU D 301 0.03 -23.90 -13.54
C GLU D 301 -0.48 -25.20 -12.92
N PHE D 302 -0.73 -26.19 -13.77
CA PHE D 302 -1.23 -27.49 -13.35
C PHE D 302 -0.09 -28.49 -13.45
N ASP D 303 0.09 -29.30 -12.41
CA ASP D 303 1.02 -30.43 -12.49
C ASP D 303 0.34 -31.64 -11.86
N GLY D 304 -0.15 -32.55 -12.71
CA GLY D 304 -0.84 -33.72 -12.20
C GLY D 304 -2.19 -33.46 -11.58
N ALA D 305 -2.90 -32.43 -12.03
CA ALA D 305 -4.23 -32.16 -11.49
C ALA D 305 -5.23 -33.21 -11.96
N LEU D 306 -5.96 -33.81 -11.01
CA LEU D 306 -6.93 -34.85 -11.30
C LEU D 306 -8.30 -34.24 -11.59
N GLY D 307 -8.95 -34.71 -12.66
CA GLY D 307 -10.28 -34.24 -12.98
C GLY D 307 -11.10 -35.26 -13.76
N GLN D 308 -12.38 -34.93 -13.94
CA GLN D 308 -13.30 -35.76 -14.70
C GLN D 308 -13.46 -35.17 -16.09
N MET D 309 -13.49 -36.03 -17.10
CA MET D 309 -13.83 -35.54 -18.42
C MET D 309 -15.31 -35.18 -18.49
N ILE D 310 -15.60 -34.06 -19.17
CA ILE D 310 -16.95 -33.58 -19.41
C ILE D 310 -17.22 -33.69 -20.90
N GLY D 311 -18.25 -34.45 -21.27
CA GLY D 311 -18.50 -34.69 -22.67
C GLY D 311 -17.54 -35.75 -23.20
N SER D 312 -17.60 -35.94 -24.51
CA SER D 312 -16.83 -37.00 -25.15
C SER D 312 -15.37 -36.58 -25.39
N PRO D 313 -14.45 -37.55 -25.38
CA PRO D 313 -13.05 -37.25 -25.76
C PRO D 313 -12.99 -36.61 -27.15
N GLY D 314 -12.27 -35.49 -27.25
CA GLY D 314 -12.12 -34.75 -28.49
C GLY D 314 -13.28 -33.83 -28.87
N GLU D 315 -14.33 -33.78 -28.06
CA GLU D 315 -15.48 -32.91 -28.31
C GLU D 315 -15.55 -31.75 -27.31
N GLY D 316 -14.38 -31.28 -26.84
CA GLY D 316 -14.38 -30.20 -25.86
C GLY D 316 -15.03 -28.91 -26.37
N VAL D 317 -14.79 -28.58 -27.65
CA VAL D 317 -15.34 -27.35 -28.23
C VAL D 317 -16.87 -27.38 -28.21
N LYS D 318 -17.48 -28.45 -28.74
CA LYS D 318 -18.93 -28.58 -28.69
C LYS D 318 -19.44 -28.60 -27.27
N THR D 319 -18.72 -29.25 -26.37
CA THR D 319 -19.16 -29.41 -24.99
C THR D 319 -19.39 -28.07 -24.29
N ILE D 320 -18.58 -27.05 -24.59
CA ILE D 320 -18.68 -25.76 -23.90
C ILE D 320 -19.48 -24.72 -24.70
N MET D 321 -20.08 -25.12 -25.83
CA MET D 321 -20.74 -24.14 -26.69
C MET D 321 -21.85 -23.40 -25.95
N ASP D 322 -22.74 -24.13 -25.27
CA ASP D 322 -23.85 -23.46 -24.60
C ASP D 322 -23.39 -22.67 -23.39
N MET D 323 -22.39 -23.19 -22.68
CA MET D 323 -21.76 -22.46 -21.58
C MET D 323 -21.31 -21.06 -22.02
N VAL D 324 -20.56 -20.98 -23.12
CA VAL D 324 -20.08 -19.70 -23.64
C VAL D 324 -21.26 -18.79 -23.98
N THR D 325 -22.26 -19.34 -24.68
CA THR D 325 -23.45 -18.57 -25.03
C THR D 325 -24.13 -17.96 -23.79
N LEU D 326 -24.23 -18.72 -22.70
CA LEU D 326 -24.82 -18.19 -21.48
C LEU D 326 -23.99 -17.04 -20.92
N THR D 327 -22.65 -17.17 -20.94
CA THR D 327 -21.83 -16.07 -20.42
C THR D 327 -21.95 -14.83 -21.30
N ARG D 328 -22.21 -15.00 -22.59
CA ARG D 328 -22.30 -13.84 -23.47
C ARG D 328 -23.52 -12.99 -23.16
N LEU D 329 -24.66 -13.64 -22.87
CA LEU D 329 -25.83 -12.89 -22.45
C LEU D 329 -25.53 -12.06 -21.20
N ASP D 330 -24.87 -12.68 -20.20
CA ASP D 330 -24.53 -11.97 -18.97
C ASP D 330 -23.66 -10.75 -19.23
N CYS D 331 -22.68 -10.87 -20.13
CA CYS D 331 -21.82 -9.73 -20.44
C CYS D 331 -22.65 -8.56 -20.94
N ALA D 332 -23.64 -8.84 -21.80
CA ALA D 332 -24.48 -7.78 -22.33
C ALA D 332 -25.36 -7.18 -21.23
N VAL D 333 -26.05 -8.03 -20.46
CA VAL D 333 -26.94 -7.52 -19.42
C VAL D 333 -26.16 -6.69 -18.41
N ALA D 334 -24.99 -7.15 -18.02
CA ALA D 334 -24.20 -6.40 -17.05
C ALA D 334 -23.69 -5.08 -17.63
N SER D 335 -23.25 -5.09 -18.91
CA SER D 335 -22.81 -3.83 -19.53
C SER D 335 -23.96 -2.84 -19.63
N ALA D 336 -25.16 -3.33 -19.97
CA ALA D 336 -26.33 -2.45 -19.97
C ALA D 336 -26.57 -1.85 -18.59
N GLY D 337 -26.46 -2.65 -17.53
CA GLY D 337 -26.66 -2.14 -16.18
C GLY D 337 -25.59 -1.12 -15.77
N LEU D 338 -24.32 -1.40 -16.09
CA LEU D 338 -23.25 -0.43 -15.87
C LEU D 338 -23.61 0.90 -16.52
N MET D 339 -24.02 0.87 -17.79
CA MET D 339 -24.37 2.10 -18.48
C MET D 339 -25.57 2.79 -17.83
N ARG D 340 -26.60 2.02 -17.48
CA ARG D 340 -27.78 2.60 -16.84
C ARG D 340 -27.41 3.36 -15.57
N SER D 341 -26.57 2.73 -14.73
CA SER D 341 -26.21 3.30 -13.43
C SER D 341 -25.37 4.57 -13.59
N GLY D 342 -24.37 4.55 -14.48
CA GLY D 342 -23.57 5.74 -14.69
C GLY D 342 -24.37 6.89 -15.26
N LEU D 343 -25.25 6.62 -16.22
CA LEU D 343 -26.05 7.72 -16.79
C LEU D 343 -27.05 8.27 -15.78
N ALA D 344 -27.65 7.40 -14.97
CA ALA D 344 -28.56 7.87 -13.93
C ALA D 344 -27.87 8.86 -13.00
N GLU D 345 -26.60 8.61 -12.69
CA GLU D 345 -25.85 9.54 -11.86
C GLU D 345 -25.64 10.85 -12.57
N ALA D 346 -25.35 10.79 -13.88
CA ALA D 346 -25.20 12.01 -14.66
C ALA D 346 -26.51 12.79 -14.71
N VAL D 347 -27.63 12.11 -14.94
CA VAL D 347 -28.92 12.81 -14.99
C VAL D 347 -29.25 13.42 -13.64
N HIS D 348 -29.08 12.64 -12.56
CA HIS D 348 -29.38 13.13 -11.21
C HIS D 348 -28.51 14.33 -10.85
N HIS D 349 -27.21 14.26 -11.14
CA HIS D 349 -26.32 15.39 -10.92
C HIS D 349 -26.81 16.65 -11.65
N SER D 350 -27.26 16.49 -12.90
CA SER D 350 -27.72 17.61 -13.71
C SER D 350 -28.92 18.30 -13.10
N ARG D 351 -29.80 17.54 -12.45
CA ARG D 351 -31.00 18.11 -11.86
C ARG D 351 -30.67 18.98 -10.64
N HIS D 352 -29.56 18.70 -9.96
CA HIS D 352 -29.22 19.45 -8.75
C HIS D 352 -28.10 20.48 -8.91
N ARG D 353 -27.04 20.16 -9.64
CA ARG D 353 -25.88 21.05 -9.74
C ARG D 353 -26.24 22.30 -10.54
N HIS D 354 -26.03 23.47 -9.92
CA HIS D 354 -26.29 24.73 -10.59
C HIS D 354 -25.03 25.25 -11.27
N VAL D 355 -25.21 25.82 -12.46
CA VAL D 355 -24.19 26.57 -13.20
C VAL D 355 -24.89 27.80 -13.77
N PHE D 356 -24.32 28.98 -13.55
CA PHE D 356 -24.94 30.25 -13.98
C PHE D 356 -26.36 30.39 -13.41
N GLY D 357 -26.59 29.88 -12.21
CA GLY D 357 -27.83 30.15 -11.50
C GLY D 357 -28.96 29.16 -11.71
N LYS D 358 -28.80 28.16 -12.57
CA LYS D 358 -29.89 27.21 -12.75
C LYS D 358 -29.35 25.79 -12.85
N PRO D 359 -30.21 24.78 -12.62
CA PRO D 359 -29.76 23.39 -12.77
C PRO D 359 -29.22 23.12 -14.17
N LEU D 360 -28.18 22.28 -14.24
CA LEU D 360 -27.62 21.91 -15.52
C LEU D 360 -28.64 21.24 -16.43
N VAL D 361 -29.64 20.55 -15.85
CA VAL D 361 -30.62 19.85 -16.68
C VAL D 361 -31.48 20.82 -17.49
N GLU D 362 -31.49 22.10 -17.14
CA GLU D 362 -32.23 23.09 -17.91
C GLU D 362 -31.44 23.66 -19.09
N GLN D 363 -30.17 23.28 -19.25
CA GLN D 363 -29.38 23.72 -20.39
C GLN D 363 -29.70 22.88 -21.62
N PRO D 364 -30.10 23.49 -22.74
CA PRO D 364 -30.43 22.69 -23.94
C PRO D 364 -29.31 21.74 -24.36
N LEU D 365 -28.06 22.18 -24.26
CA LEU D 365 -26.96 21.34 -24.71
C LEU D 365 -26.78 20.13 -23.78
N MET D 366 -26.89 20.34 -22.47
CA MET D 366 -26.80 19.21 -21.55
C MET D 366 -27.96 18.23 -21.78
N GLN D 367 -29.16 18.76 -22.03
CA GLN D 367 -30.31 17.91 -22.38
C GLN D 367 -30.02 17.02 -23.58
N ARG D 368 -29.41 17.57 -24.64
CA ARG D 368 -29.15 16.74 -25.83
C ARG D 368 -28.14 15.65 -25.53
N VAL D 369 -27.10 15.97 -24.76
CA VAL D 369 -26.09 14.97 -24.44
C VAL D 369 -26.69 13.84 -23.61
N LEU D 370 -27.42 14.20 -22.55
CA LEU D 370 -28.01 13.19 -21.66
C LEU D 370 -29.03 12.33 -22.41
N ALA D 371 -29.90 12.97 -23.21
CA ALA D 371 -30.91 12.22 -23.95
C ALA D 371 -30.28 11.32 -25.01
N ASP D 372 -29.23 11.80 -25.68
CA ASP D 372 -28.56 10.99 -26.70
C ASP D 372 -27.98 9.72 -26.09
N MET D 373 -27.33 9.84 -24.93
CA MET D 373 -26.87 8.66 -24.21
C MET D 373 -28.04 7.79 -23.76
N ALA D 374 -29.14 8.41 -23.33
CA ALA D 374 -30.30 7.64 -22.86
C ALA D 374 -30.86 6.73 -23.95
N LEU D 375 -30.83 7.20 -25.21
CA LEU D 375 -31.31 6.39 -26.31
C LEU D 375 -30.49 5.10 -26.46
N ASP D 376 -29.16 5.19 -26.35
CA ASP D 376 -28.34 3.99 -26.47
C ASP D 376 -28.51 3.08 -25.26
N VAL D 377 -28.62 3.65 -24.04
CA VAL D 377 -28.86 2.81 -22.87
C VAL D 377 -30.22 2.11 -22.99
N ALA D 378 -31.23 2.83 -23.49
CA ALA D 378 -32.54 2.20 -23.65
C ALA D 378 -32.49 1.09 -24.69
N GLY D 379 -31.90 1.38 -25.85
CA GLY D 379 -31.78 0.35 -26.87
C GLY D 379 -30.98 -0.85 -26.41
N ALA D 380 -29.89 -0.59 -25.67
CA ALA D 380 -29.07 -1.70 -25.18
C ALA D 380 -29.82 -2.53 -24.13
N THR D 381 -30.57 -1.87 -23.26
CA THR D 381 -31.32 -2.61 -22.25
C THR D 381 -32.42 -3.44 -22.89
N ALA D 382 -33.20 -2.83 -23.79
CA ALA D 382 -34.27 -3.53 -24.48
C ALA D 382 -33.74 -4.73 -25.26
N LEU D 383 -32.63 -4.54 -25.97
CA LEU D 383 -32.08 -5.61 -26.79
C LEU D 383 -31.53 -6.75 -25.93
N SER D 384 -30.83 -6.43 -24.83
CA SER D 384 -30.30 -7.48 -23.95
C SER D 384 -31.41 -8.35 -23.35
N MET D 385 -32.48 -7.72 -22.87
CA MET D 385 -33.60 -8.46 -22.30
C MET D 385 -34.39 -9.20 -23.37
N ARG D 386 -34.47 -8.64 -24.57
CA ARG D 386 -35.12 -9.36 -25.66
C ARG D 386 -34.35 -10.65 -25.95
N LEU D 387 -33.02 -10.61 -25.82
CA LEU D 387 -32.25 -11.84 -25.99
C LEU D 387 -32.57 -12.84 -24.88
N ALA D 388 -32.67 -12.38 -23.63
CA ALA D 388 -33.12 -13.26 -22.55
C ALA D 388 -34.49 -13.88 -22.89
N ARG D 389 -35.40 -13.10 -23.44
CA ARG D 389 -36.71 -13.62 -23.81
C ARG D 389 -36.59 -14.72 -24.86
N ALA D 390 -35.71 -14.53 -25.85
CA ALA D 390 -35.47 -15.55 -26.86
C ALA D 390 -34.90 -16.83 -26.24
N PHE D 391 -34.04 -16.69 -25.24
CA PHE D 391 -33.54 -17.87 -24.52
C PHE D 391 -34.68 -18.63 -23.83
N ASP D 392 -35.63 -17.91 -23.21
CA ASP D 392 -36.77 -18.55 -22.57
C ASP D 392 -37.70 -19.21 -23.59
N MET D 393 -37.85 -18.62 -24.77
CA MET D 393 -38.78 -19.12 -25.75
C MET D 393 -38.16 -20.10 -26.73
N ALA D 394 -36.84 -20.31 -26.64
CA ALA D 394 -36.12 -21.08 -27.64
C ALA D 394 -36.58 -22.53 -27.70
N ALA D 395 -36.80 -23.17 -26.54
CA ALA D 395 -37.14 -24.59 -26.54
C ALA D 395 -38.49 -24.85 -27.21
N SER D 396 -39.38 -23.86 -27.22
CA SER D 396 -40.74 -24.06 -27.70
C SER D 396 -41.08 -23.23 -28.93
N ASP D 397 -40.14 -22.46 -29.47
CA ASP D 397 -40.43 -21.57 -30.59
C ASP D 397 -39.20 -21.52 -31.47
N ARG D 398 -39.30 -22.14 -32.66
CA ARG D 398 -38.15 -22.25 -33.55
C ARG D 398 -37.66 -20.88 -34.02
N ALA D 399 -38.58 -19.94 -34.23
CA ALA D 399 -38.15 -18.58 -34.59
C ALA D 399 -37.34 -17.92 -33.47
N GLU D 400 -37.76 -18.12 -32.21
CA GLU D 400 -36.98 -17.55 -31.09
C GLU D 400 -35.67 -18.29 -30.91
N ALA D 401 -35.65 -19.61 -31.14
CA ALA D 401 -34.38 -20.33 -31.10
C ALA D 401 -33.43 -19.79 -32.17
N ALA D 402 -33.96 -19.48 -33.36
CA ALA D 402 -33.16 -18.89 -34.42
C ALA D 402 -32.61 -17.53 -34.01
N PHE D 403 -33.45 -16.68 -33.41
CA PHE D 403 -32.98 -15.39 -32.89
C PHE D 403 -31.90 -15.61 -31.85
N ALA D 404 -32.13 -16.54 -30.93
CA ALA D 404 -31.17 -16.77 -29.86
C ALA D 404 -29.82 -17.21 -30.41
N ARG D 405 -29.81 -18.13 -31.38
CA ARG D 405 -28.53 -18.64 -31.89
C ARG D 405 -27.75 -17.57 -32.65
N SER D 406 -28.42 -16.84 -33.52
CA SER D 406 -27.69 -15.95 -34.43
C SER D 406 -27.39 -14.60 -33.81
N MET D 407 -28.19 -14.16 -32.83
CA MET D 407 -28.09 -12.79 -32.33
C MET D 407 -27.33 -12.67 -31.02
N THR D 408 -27.00 -13.78 -30.35
CA THR D 408 -26.18 -13.66 -29.14
C THR D 408 -24.87 -12.92 -29.42
N PRO D 409 -24.09 -13.24 -30.45
CA PRO D 409 -22.85 -12.45 -30.68
C PRO D 409 -23.14 -11.03 -31.10
N VAL D 410 -24.27 -10.78 -31.78
CA VAL D 410 -24.67 -9.42 -32.15
C VAL D 410 -24.89 -8.56 -30.91
N VAL D 411 -25.65 -9.09 -29.93
CA VAL D 411 -25.96 -8.34 -28.72
C VAL D 411 -24.71 -8.14 -27.87
N LYS D 412 -23.90 -9.18 -27.71
CA LYS D 412 -22.66 -9.03 -26.96
C LYS D 412 -21.71 -8.02 -27.61
N TYR D 413 -21.58 -8.09 -28.95
CA TYR D 413 -20.78 -7.10 -29.66
C TYR D 413 -21.22 -5.68 -29.30
N TRP D 414 -22.50 -5.37 -29.54
CA TRP D 414 -22.87 -3.97 -29.51
C TRP D 414 -23.03 -3.43 -28.10
N VAL D 415 -23.75 -4.16 -27.24
CA VAL D 415 -24.03 -3.64 -25.90
C VAL D 415 -22.73 -3.43 -25.12
N CYS D 416 -21.83 -4.40 -25.18
CA CYS D 416 -20.60 -4.32 -24.40
C CYS D 416 -19.63 -3.29 -24.97
N LYS D 417 -19.57 -3.15 -26.30
CA LYS D 417 -18.53 -2.30 -26.86
C LYS D 417 -18.89 -0.82 -26.88
N ILE D 418 -20.18 -0.45 -26.73
CA ILE D 418 -20.50 0.97 -26.67
C ILE D 418 -20.32 1.55 -25.27
N ALA D 419 -20.18 0.70 -24.26
CA ALA D 419 -20.14 1.16 -22.88
C ALA D 419 -18.95 2.06 -22.54
N PRO D 420 -17.71 1.78 -22.97
CA PRO D 420 -16.62 2.70 -22.60
C PRO D 420 -16.85 4.13 -23.03
N ALA D 421 -17.29 4.35 -24.28
CA ALA D 421 -17.49 5.71 -24.78
C ALA D 421 -18.64 6.40 -24.04
N LEU D 422 -19.72 5.66 -23.76
CA LEU D 422 -20.85 6.29 -23.09
C LEU D 422 -20.53 6.59 -21.64
N LEU D 423 -19.84 5.68 -20.94
CA LEU D 423 -19.48 5.95 -19.54
C LEU D 423 -18.48 7.10 -19.41
N TYR D 424 -17.57 7.25 -20.37
CA TYR D 424 -16.70 8.43 -20.36
C TYR D 424 -17.53 9.72 -20.43
N GLU D 425 -18.50 9.79 -21.35
CA GLU D 425 -19.31 11.01 -21.46
C GLU D 425 -20.17 11.23 -20.20
N ALA D 426 -20.74 10.15 -19.65
CA ALA D 426 -21.46 10.30 -18.37
C ALA D 426 -20.54 10.84 -17.29
N MET D 427 -19.31 10.32 -17.22
CA MET D 427 -18.32 10.83 -16.28
CA MET D 427 -18.32 10.83 -16.28
C MET D 427 -18.10 12.32 -16.49
N GLU D 428 -17.86 12.73 -17.74
CA GLU D 428 -17.61 14.14 -18.02
C GLU D 428 -18.78 15.03 -17.57
N CYS D 429 -20.01 14.51 -17.60
CA CYS D 429 -21.14 15.29 -17.13
C CYS D 429 -21.05 15.63 -15.65
N LEU D 430 -20.26 14.90 -14.87
CA LEU D 430 -20.06 15.21 -13.46
C LEU D 430 -18.97 16.23 -13.20
N GLY D 431 -18.21 16.66 -14.23
CA GLY D 431 -17.11 17.57 -14.00
C GLY D 431 -15.93 16.86 -13.33
N GLY D 432 -15.09 17.67 -12.65
CA GLY D 432 -13.85 17.14 -12.11
C GLY D 432 -14.05 16.00 -11.13
N ASN D 433 -15.06 16.09 -10.27
CA ASN D 433 -15.31 15.00 -9.33
C ASN D 433 -15.55 13.67 -10.03
N GLY D 434 -16.01 13.68 -11.29
CA GLY D 434 -16.23 12.43 -12.02
C GLY D 434 -14.96 11.62 -12.21
N TYR D 435 -13.82 12.28 -12.26
CA TYR D 435 -12.53 11.67 -12.51
C TYR D 435 -11.88 11.11 -11.25
N ILE D 436 -12.54 11.23 -10.10
CA ILE D 436 -11.93 10.91 -8.81
C ILE D 436 -12.47 9.59 -8.32
N GLU D 437 -11.59 8.74 -7.78
CA GLU D 437 -11.93 7.36 -7.44
C GLU D 437 -12.85 7.21 -6.22
N ASP D 438 -13.09 8.27 -5.43
CA ASP D 438 -14.08 8.18 -4.36
C ASP D 438 -15.53 8.27 -4.87
N GLY D 439 -15.75 8.37 -6.19
CA GLY D 439 -17.06 8.22 -6.77
C GLY D 439 -17.23 6.88 -7.49
N ASN D 440 -18.32 6.77 -8.26
CA ASN D 440 -18.67 5.54 -8.96
C ASN D 440 -18.34 5.53 -10.45
N LEU D 441 -18.34 6.69 -11.10
CA LEU D 441 -18.14 6.72 -12.55
C LEU D 441 -16.73 6.29 -12.95
N ALA D 442 -15.70 6.65 -12.18
CA ALA D 442 -14.36 6.21 -12.55
C ALA D 442 -14.28 4.68 -12.57
N ARG D 443 -14.83 4.05 -11.52
CA ARG D 443 -14.82 2.60 -11.40
CA ARG D 443 -14.81 2.59 -11.41
C ARG D 443 -15.57 1.92 -12.56
N ALA D 444 -16.71 2.48 -12.95
CA ALA D 444 -17.50 1.87 -14.02
C ALA D 444 -16.80 2.02 -15.36
N TYR D 445 -16.19 3.18 -15.59
CA TYR D 445 -15.39 3.38 -16.79
C TYR D 445 -14.24 2.38 -16.87
N ARG D 446 -13.54 2.13 -15.76
CA ARG D 446 -12.51 1.10 -15.77
C ARG D 446 -13.10 -0.29 -15.93
N GLU D 447 -14.36 -0.48 -15.51
CA GLU D 447 -14.99 -1.80 -15.59
C GLU D 447 -15.40 -2.13 -17.01
N ALA D 448 -15.92 -1.13 -17.73
CA ALA D 448 -16.60 -1.35 -19.00
C ALA D 448 -15.83 -2.20 -20.01
N PRO D 449 -14.53 -2.02 -20.26
CA PRO D 449 -13.86 -2.86 -21.28
C PRO D 449 -13.87 -4.36 -20.98
N VAL D 450 -14.04 -4.76 -19.72
CA VAL D 450 -13.83 -6.16 -19.39
C VAL D 450 -14.93 -7.05 -19.98
N ASN D 451 -16.17 -6.56 -20.07
CA ASN D 451 -17.24 -7.37 -20.64
C ASN D 451 -17.06 -7.56 -22.13
N ALA D 452 -16.50 -6.56 -22.82
CA ALA D 452 -16.21 -6.66 -24.24
C ALA D 452 -15.04 -7.60 -24.51
N ILE D 453 -14.05 -7.64 -23.61
CA ILE D 453 -12.83 -8.38 -23.84
C ILE D 453 -12.91 -9.82 -23.29
N TRP D 454 -13.75 -10.06 -22.30
N TRP D 454 -13.69 -10.02 -22.22
CA TRP D 454 -13.95 -11.42 -21.80
CA TRP D 454 -13.53 -11.17 -21.32
C TRP D 454 -14.48 -12.34 -22.90
C TRP D 454 -13.62 -12.50 -22.06
N GLU D 455 -13.87 -13.52 -23.02
N GLU D 455 -14.71 -12.68 -22.81
CA GLU D 455 -14.27 -14.58 -23.94
CA GLU D 455 -14.85 -13.76 -23.75
C GLU D 455 -13.93 -14.25 -25.39
C GLU D 455 -15.24 -13.07 -25.03
N GLY D 456 -14.90 -13.70 -26.13
CA GLY D 456 -14.76 -13.17 -27.47
C GLY D 456 -14.96 -11.68 -27.64
N SER D 457 -13.92 -10.98 -28.07
CA SER D 457 -14.02 -9.54 -28.27
C SER D 457 -14.74 -9.26 -29.60
N GLY D 458 -14.71 -8.00 -30.03
CA GLY D 458 -15.52 -7.56 -31.16
C GLY D 458 -15.29 -8.37 -32.42
N ASN D 459 -14.03 -8.58 -32.80
CA ASN D 459 -13.79 -9.30 -34.05
C ASN D 459 -14.30 -10.73 -33.97
N VAL D 460 -14.23 -11.35 -32.78
CA VAL D 460 -14.71 -12.73 -32.63
C VAL D 460 -16.22 -12.78 -32.75
N MET D 461 -16.93 -11.83 -32.12
CA MET D 461 -18.38 -11.79 -32.27
C MET D 461 -18.79 -11.61 -33.73
N ALA D 462 -18.15 -10.65 -34.42
CA ALA D 462 -18.52 -10.37 -35.81
C ALA D 462 -18.21 -11.54 -36.72
N LEU D 463 -17.09 -12.24 -36.47
CA LEU D 463 -16.80 -13.44 -37.25
C LEU D 463 -17.77 -14.56 -36.92
N ASP D 464 -18.25 -14.64 -35.68
CA ASP D 464 -19.31 -15.57 -35.33
C ASP D 464 -20.55 -15.29 -36.16
N VAL D 465 -20.93 -14.01 -36.25
CA VAL D 465 -22.10 -13.63 -37.05
C VAL D 465 -21.89 -14.05 -38.49
N ALA D 466 -20.67 -13.87 -39.02
CA ALA D 466 -20.39 -14.27 -40.40
C ALA D 466 -20.42 -15.79 -40.57
N ARG D 467 -19.94 -16.55 -39.57
CA ARG D 467 -20.02 -18.01 -39.67
C ARG D 467 -21.48 -18.47 -39.67
N VAL D 468 -22.32 -17.87 -38.82
CA VAL D 468 -23.73 -18.27 -38.80
C VAL D 468 -24.40 -17.92 -40.12
N LEU D 469 -24.00 -16.81 -40.73
CA LEU D 469 -24.51 -16.45 -42.05
C LEU D 469 -24.09 -17.48 -43.11
N SER D 470 -22.86 -18.00 -43.00
CA SER D 470 -22.38 -18.95 -43.99
C SER D 470 -23.01 -20.33 -43.81
N ARG D 471 -23.21 -20.77 -42.56
CA ARG D 471 -23.68 -22.12 -42.28
C ARG D 471 -25.20 -22.24 -42.14
N ALA D 472 -25.90 -21.15 -41.79
CA ALA D 472 -27.35 -21.19 -41.57
C ALA D 472 -27.97 -19.86 -41.99
N PRO D 473 -28.00 -19.58 -43.29
CA PRO D 473 -28.58 -18.30 -43.74
C PRO D 473 -30.03 -18.09 -43.33
N ALA D 474 -30.83 -19.17 -43.24
CA ALA D 474 -32.25 -19.04 -42.93
C ALA D 474 -32.50 -18.41 -41.57
N LEU D 475 -31.53 -18.49 -40.66
CA LEU D 475 -31.73 -17.90 -39.33
C LEU D 475 -31.94 -16.40 -39.43
N PHE D 476 -31.21 -15.74 -40.32
CA PHE D 476 -31.30 -14.28 -40.41
C PHE D 476 -32.57 -13.84 -41.13
N ASP D 477 -33.14 -14.68 -42.00
CA ASP D 477 -34.46 -14.38 -42.54
C ASP D 477 -35.48 -14.24 -41.42
N GLY D 478 -35.45 -15.15 -40.44
CA GLY D 478 -36.34 -15.06 -39.30
C GLY D 478 -36.09 -13.82 -38.45
N VAL D 479 -34.82 -13.47 -38.23
CA VAL D 479 -34.52 -12.26 -37.48
C VAL D 479 -35.08 -11.05 -38.22
N LEU D 480 -34.87 -11.00 -39.53
CA LEU D 480 -35.34 -9.86 -40.31
C LEU D 480 -36.85 -9.79 -40.30
N ASP D 481 -37.53 -10.94 -40.37
CA ASP D 481 -38.98 -10.95 -40.26
C ASP D 481 -39.45 -10.45 -38.89
N TRP D 482 -38.76 -10.85 -37.82
CA TRP D 482 -39.15 -10.34 -36.50
C TRP D 482 -38.93 -8.83 -36.43
N ILE D 483 -37.79 -8.35 -36.92
CA ILE D 483 -37.52 -6.91 -36.95
C ILE D 483 -38.57 -6.19 -37.79
N SER D 484 -38.83 -6.72 -38.98
CA SER D 484 -39.82 -6.09 -39.87
C SER D 484 -41.20 -6.07 -39.24
N GLY D 485 -41.59 -7.15 -38.56
CA GLY D 485 -42.88 -7.15 -37.89
C GLY D 485 -43.02 -6.04 -36.86
N GLN D 486 -41.93 -5.74 -36.15
CA GLN D 486 -42.01 -4.69 -35.13
C GLN D 486 -41.92 -3.30 -35.72
N LEU D 487 -41.08 -3.09 -36.75
CA LEU D 487 -40.92 -1.74 -37.31
C LEU D 487 -42.09 -1.34 -38.19
N GLY D 488 -42.79 -2.30 -38.78
CA GLY D 488 -43.87 -2.00 -39.67
C GLY D 488 -43.36 -1.55 -41.03
N PRO D 489 -44.29 -1.20 -41.92
CA PRO D 489 -43.88 -0.85 -43.30
C PRO D 489 -42.87 0.29 -43.38
N ARG D 490 -42.86 1.20 -42.41
CA ARG D 490 -41.90 2.29 -42.41
C ARG D 490 -40.46 1.79 -42.21
N GLY D 491 -40.28 0.53 -41.85
CA GLY D 491 -38.98 -0.07 -41.65
C GLY D 491 -38.40 -0.81 -42.84
N GLN D 492 -39.05 -0.74 -44.01
CA GLN D 492 -38.59 -1.52 -45.16
C GLN D 492 -37.19 -1.09 -45.60
N GLY D 493 -36.87 0.20 -45.50
CA GLY D 493 -35.53 0.65 -45.84
C GLY D 493 -34.46 0.02 -44.97
N THR D 494 -34.76 -0.15 -43.68
CA THR D 494 -33.80 -0.80 -42.79
C THR D 494 -33.65 -2.29 -43.12
N ILE D 495 -34.75 -2.96 -43.47
CA ILE D 495 -34.64 -4.36 -43.90
C ILE D 495 -33.73 -4.49 -45.11
N ASP D 496 -33.84 -3.54 -46.06
CA ASP D 496 -32.98 -3.56 -47.25
C ASP D 496 -31.52 -3.31 -46.91
N VAL D 497 -31.24 -2.40 -45.98
CA VAL D 497 -29.88 -2.15 -45.52
C VAL D 497 -29.26 -3.44 -44.98
N LEU D 498 -30.03 -4.16 -44.15
CA LEU D 498 -29.52 -5.37 -43.53
C LEU D 498 -29.25 -6.46 -44.57
N ARG D 499 -30.15 -6.58 -45.55
CA ARG D 499 -29.96 -7.51 -46.65
C ARG D 499 -28.70 -7.23 -47.43
N ALA D 500 -28.50 -5.96 -47.80
CA ALA D 500 -27.32 -5.59 -48.56
C ALA D 500 -26.05 -5.89 -47.76
N ALA D 501 -26.11 -5.63 -46.43
CA ALA D 501 -24.97 -5.91 -45.55
C ALA D 501 -24.70 -7.41 -45.43
N LEU D 502 -25.76 -8.22 -45.34
CA LEU D 502 -25.61 -9.67 -45.31
C LEU D 502 -24.95 -10.19 -46.59
N GLN D 503 -25.47 -9.77 -47.76
CA GLN D 503 -24.90 -10.22 -49.04
C GLN D 503 -23.46 -9.78 -49.21
N LEU D 504 -23.16 -8.52 -48.85
CA LEU D 504 -21.79 -8.02 -48.98
C LEU D 504 -20.84 -8.80 -48.06
N THR D 505 -21.30 -9.19 -46.86
CA THR D 505 -20.44 -9.93 -45.93
C THR D 505 -20.06 -11.30 -46.48
N GLU D 506 -20.96 -11.94 -47.25
CA GLU D 506 -20.63 -13.19 -47.93
C GLU D 506 -19.47 -13.00 -48.90
N THR D 507 -19.37 -11.82 -49.51
CA THR D 507 -18.29 -11.48 -50.42
C THR D 507 -17.00 -11.13 -49.66
N ASP D 508 -17.14 -10.42 -48.53
CA ASP D 508 -16.02 -9.77 -47.85
C ASP D 508 -16.28 -9.85 -46.35
N GLN D 509 -15.54 -10.72 -45.67
CA GLN D 509 -15.69 -10.84 -44.24
C GLN D 509 -15.24 -9.59 -43.50
N GLY D 510 -14.46 -8.72 -44.16
CA GLY D 510 -14.08 -7.46 -43.56
C GLY D 510 -15.24 -6.55 -43.19
N VAL D 511 -16.43 -6.77 -43.76
CA VAL D 511 -17.58 -5.93 -43.42
C VAL D 511 -18.44 -6.56 -42.32
N ALA D 512 -17.97 -7.64 -41.70
CA ALA D 512 -18.77 -8.29 -40.66
C ALA D 512 -19.09 -7.37 -39.48
N ARG D 513 -18.19 -6.43 -39.13
CA ARG D 513 -18.52 -5.53 -38.04
C ARG D 513 -19.64 -4.58 -38.42
N LEU D 514 -19.65 -4.09 -39.67
CA LEU D 514 -20.76 -3.27 -40.13
C LEU D 514 -22.09 -4.02 -40.03
N LEU D 515 -22.12 -5.26 -40.55
CA LEU D 515 -23.32 -6.10 -40.46
C LEU D 515 -23.80 -6.26 -39.01
N THR D 516 -22.86 -6.56 -38.12
CA THR D 516 -23.21 -6.84 -36.72
C THR D 516 -23.81 -5.60 -36.07
N GLU D 517 -23.21 -4.44 -36.28
CA GLU D 517 -23.70 -3.23 -35.63
C GLU D 517 -25.05 -2.79 -36.22
N GLN D 518 -25.22 -2.91 -37.53
CA GLN D 518 -26.50 -2.58 -38.14
C GLN D 518 -27.60 -3.53 -37.66
N LEU D 519 -27.28 -4.82 -37.50
CA LEU D 519 -28.25 -5.75 -36.92
C LEU D 519 -28.63 -5.34 -35.50
N ALA D 520 -27.66 -4.89 -34.71
CA ALA D 520 -27.95 -4.50 -33.34
C ALA D 520 -28.82 -3.26 -33.31
N PHE D 521 -28.49 -2.23 -34.14
CA PHE D 521 -29.33 -1.04 -34.25
C PHE D 521 -30.76 -1.41 -34.60
N ALA D 522 -30.93 -2.23 -35.65
CA ALA D 522 -32.27 -2.53 -36.13
C ALA D 522 -33.08 -3.31 -35.10
N ALA D 523 -32.45 -4.29 -34.44
CA ALA D 523 -33.16 -5.10 -33.44
C ALA D 523 -33.46 -4.33 -32.16
N ALA D 524 -32.56 -3.43 -31.75
CA ALA D 524 -32.84 -2.57 -30.62
C ALA D 524 -34.04 -1.69 -30.92
N ALA D 525 -34.05 -1.09 -32.12
CA ALA D 525 -35.18 -0.26 -32.52
C ALA D 525 -36.47 -1.06 -32.51
N ALA D 526 -36.44 -2.26 -33.08
CA ALA D 526 -37.62 -3.11 -33.13
C ALA D 526 -38.15 -3.44 -31.73
N GLU D 527 -37.25 -3.73 -30.78
CA GLU D 527 -37.71 -4.05 -29.43
C GLU D 527 -38.24 -2.82 -28.69
N LEU D 528 -37.69 -1.64 -28.94
CA LEU D 528 -38.27 -0.44 -28.32
C LEU D 528 -39.69 -0.22 -28.82
N ARG D 529 -39.95 -0.51 -30.10
CA ARG D 529 -41.33 -0.51 -30.60
C ARG D 529 -42.17 -1.58 -29.91
N GLN D 530 -41.63 -2.80 -29.76
CA GLN D 530 -42.39 -3.87 -29.12
C GLN D 530 -42.79 -3.49 -27.70
N LEU D 531 -41.90 -2.82 -26.97
CA LEU D 531 -42.16 -2.40 -25.61
C LEU D 531 -43.13 -1.23 -25.52
N GLY D 532 -43.49 -0.61 -26.64
CA GLY D 532 -44.36 0.56 -26.63
C GLY D 532 -43.66 1.86 -26.29
N ALA D 533 -42.33 1.88 -26.29
CA ALA D 533 -41.58 3.12 -26.03
C ALA D 533 -41.42 3.89 -27.33
N ASP D 534 -42.55 4.38 -27.85
CA ASP D 534 -42.57 4.87 -29.23
C ASP D 534 -41.80 6.18 -29.41
N ASP D 535 -41.80 7.05 -28.40
CA ASP D 535 -40.99 8.26 -28.52
C ASP D 535 -39.51 7.93 -28.53
N ILE D 536 -39.10 7.03 -27.64
CA ILE D 536 -37.70 6.59 -27.62
C ILE D 536 -37.36 5.92 -28.95
N ALA D 537 -38.25 5.06 -29.45
CA ALA D 537 -38.02 4.36 -30.70
C ALA D 537 -37.88 5.35 -31.86
N ASP D 538 -38.82 6.31 -31.94
CA ASP D 538 -38.77 7.33 -32.98
C ASP D 538 -37.39 8.00 -33.02
N ALA D 539 -36.92 8.48 -31.87
CA ALA D 539 -35.66 9.22 -31.86
C ALA D 539 -34.48 8.30 -32.14
N PHE D 540 -34.51 7.08 -31.60
CA PHE D 540 -33.44 6.11 -31.83
C PHE D 540 -33.31 5.76 -33.30
N ILE D 541 -34.44 5.53 -33.98
CA ILE D 541 -34.44 5.14 -35.38
C ILE D 541 -33.92 6.28 -36.26
N GLU D 542 -34.38 7.51 -35.99
CA GLU D 542 -33.97 8.63 -36.82
C GLU D 542 -32.46 8.86 -36.76
N THR D 543 -31.84 8.56 -35.62
CA THR D 543 -30.40 8.75 -35.48
C THR D 543 -29.61 7.50 -35.86
N ARG D 544 -29.79 6.39 -35.12
CA ARG D 544 -28.95 5.22 -35.34
C ARG D 544 -29.19 4.58 -36.70
N LEU D 545 -30.42 4.65 -37.22
CA LEU D 545 -30.74 4.08 -38.53
C LEU D 545 -30.78 5.10 -39.66
N GLY D 546 -30.90 6.40 -39.36
CA GLY D 546 -30.99 7.37 -40.41
C GLY D 546 -29.97 8.50 -40.35
N GLY D 547 -29.15 8.55 -39.30
CA GLY D 547 -28.25 9.66 -39.10
C GLY D 547 -26.88 9.47 -39.75
N LEU D 548 -26.04 10.48 -39.57
CA LEU D 548 -24.71 10.54 -40.17
C LEU D 548 -23.63 10.12 -39.18
N TRP D 549 -22.46 9.81 -39.73
CA TRP D 549 -21.28 9.48 -38.94
C TRP D 549 -21.10 10.47 -37.78
N ARG D 550 -20.87 9.95 -36.57
CA ARG D 550 -20.62 10.80 -35.40
C ARG D 550 -19.61 10.11 -34.48
N THR D 551 -18.96 10.90 -33.63
CA THR D 551 -18.00 10.33 -32.68
C THR D 551 -18.27 10.73 -31.24
N THR D 552 -19.18 11.67 -30.97
CA THR D 552 -19.50 12.07 -29.62
C THR D 552 -21.01 12.18 -29.47
N TYR D 553 -21.46 12.14 -28.22
CA TYR D 553 -22.89 12.26 -27.91
C TYR D 553 -23.34 13.70 -27.97
N GLY D 554 -24.65 13.89 -28.13
CA GLY D 554 -25.28 15.19 -28.24
C GLY D 554 -25.78 15.56 -29.64
N MET D 555 -25.93 14.60 -30.55
CA MET D 555 -26.27 14.89 -31.94
C MET D 555 -27.78 14.74 -32.16
N LEU D 556 -28.54 15.51 -31.38
CA LEU D 556 -29.99 15.56 -31.46
C LEU D 556 -30.43 16.99 -31.73
N ASP D 557 -31.43 17.16 -32.59
CA ASP D 557 -32.00 18.48 -32.79
C ASP D 557 -33.31 18.59 -32.00
N ALA D 558 -33.96 19.75 -32.15
CA ALA D 558 -35.06 20.10 -31.26
C ALA D 558 -36.28 19.22 -31.45
N ARG D 559 -36.38 18.51 -32.58
CA ARG D 559 -37.58 17.74 -32.87
C ARG D 559 -37.68 16.49 -32.01
N HIS D 560 -36.57 16.06 -31.40
CA HIS D 560 -36.54 14.83 -30.64
C HIS D 560 -36.91 15.01 -29.18
N ASN D 561 -37.29 16.22 -28.75
CA ASN D 561 -37.70 16.55 -27.39
C ASN D 561 -36.86 15.87 -26.32
N ALA D 562 -35.65 16.40 -26.08
CA ALA D 562 -34.68 15.71 -25.25
C ALA D 562 -35.13 15.62 -23.81
N MET D 563 -35.74 16.69 -23.27
CA MET D 563 -36.17 16.69 -21.88
C MET D 563 -37.21 15.60 -21.62
N ARG D 564 -38.14 15.39 -22.57
CA ARG D 564 -39.13 14.33 -22.40
C ARG D 564 -38.47 12.96 -22.38
N ILE D 565 -37.47 12.75 -23.24
CA ILE D 565 -36.71 11.50 -23.24
C ILE D 565 -36.10 11.29 -21.86
N ILE D 566 -35.50 12.32 -21.29
CA ILE D 566 -34.83 12.19 -20.00
C ILE D 566 -35.86 11.88 -18.91
N ASP D 567 -36.98 12.61 -18.90
CA ASP D 567 -37.98 12.39 -17.86
C ASP D 567 -38.69 11.05 -18.01
N GLN D 568 -38.85 10.55 -19.24
CA GLN D 568 -39.47 9.25 -19.44
C GLN D 568 -38.59 8.13 -18.91
N LEU D 569 -37.27 8.24 -19.11
CA LEU D 569 -36.37 7.15 -18.78
C LEU D 569 -35.66 7.33 -17.45
N TYR D 570 -35.52 8.57 -16.97
CA TYR D 570 -34.85 8.86 -15.69
C TYR D 570 -35.70 9.80 -14.85
N PRO D 571 -36.94 9.40 -14.51
CA PRO D 571 -37.81 10.31 -13.77
C PRO D 571 -37.18 10.75 -12.46
N ALA D 572 -37.40 12.01 -12.11
CA ALA D 572 -36.74 12.60 -10.94
C ALA D 572 -37.13 11.88 -9.66
N SER D 573 -36.11 11.53 -8.87
CA SER D 573 -36.25 10.74 -7.65
C SER D 573 -35.66 11.46 -6.44
PA FAD E . 8.18 14.15 27.96
O1A FAD E . 7.18 14.70 28.88
O2A FAD E . 8.83 15.23 27.10
O5B FAD E . 9.33 13.19 28.64
C5B FAD E . 10.27 12.47 27.83
C4B FAD E . 11.05 11.51 28.71
O4B FAD E . 11.51 12.19 29.91
C3B FAD E . 10.31 10.26 29.20
O3B FAD E . 11.28 9.23 29.41
C2B FAD E . 9.85 10.68 30.59
O2B FAD E . 9.65 9.60 31.49
C1B FAD E . 11.08 11.48 31.04
N9A FAD E . 10.80 12.41 32.12
C8A FAD E . 9.71 13.24 32.23
N7A FAD E . 9.69 13.96 33.32
C5A FAD E . 10.85 13.57 33.98
C6A FAD E . 11.42 14.00 35.20
N6A FAD E . 10.87 14.91 36.01
N1A FAD E . 12.60 13.44 35.55
C2A FAD E . 13.16 12.54 34.74
N3A FAD E . 12.72 12.06 33.58
C4A FAD E . 11.54 12.63 33.26
N1 FAD E . -1.58 10.89 25.47
C2 FAD E . -2.86 11.33 25.65
O2 FAD E . -3.10 12.44 26.13
N3 FAD E . -3.92 10.56 25.17
C4 FAD E . -3.82 9.39 24.46
O4 FAD E . -4.85 8.85 24.02
C4X FAD E . -2.44 8.95 24.25
N5 FAD E . -2.23 7.88 23.55
C5X FAD E . -0.91 7.51 23.32
C6 FAD E . -0.65 6.40 22.51
C7 FAD E . 0.65 6.01 22.23
C7M FAD E . 0.88 4.87 21.26
C8 FAD E . 1.73 6.72 22.79
C8M FAD E . 3.16 6.28 22.55
C9 FAD E . 1.47 7.82 23.59
C9A FAD E . 0.17 8.24 23.84
N10 FAD E . -0.11 9.39 24.59
C10 FAD E . -1.40 9.77 24.80
C1' FAD E . 0.97 10.36 24.84
C2' FAD E . 1.80 9.95 26.06
O2' FAD E . 0.97 9.95 27.23
C3' FAD E . 3.02 10.85 26.23
O3' FAD E . 4.04 10.43 25.33
C4' FAD E . 3.59 10.80 27.65
O4' FAD E . 2.65 11.41 28.53
C5' FAD E . 4.94 11.46 27.72
O5' FAD E . 4.83 12.79 27.19
P FAD E . 6.01 13.31 26.19
O1P FAD E . 6.13 12.57 24.91
O2P FAD E . 5.72 14.79 25.99
O3P FAD E . 7.44 13.21 26.92
C1 MRD F . -3.02 -2.58 26.69
C2 MRD F . -3.51 -1.31 27.36
O2 MRD F . -4.73 -0.91 26.73
CM MRD F . -3.79 -1.54 28.84
C3 MRD F . -2.49 -0.21 27.20
C4 MRD F . -3.10 0.98 26.48
O4 MRD F . -2.13 1.57 25.61
C5 MRD F . -3.57 2.00 27.51
C1 MPD G . -8.59 2.67 42.51
C2 MPD G . -8.66 2.13 43.94
O2 MPD G . -9.52 2.99 44.73
CM MPD G . -9.28 0.73 43.94
C3 MPD G . -7.27 2.11 44.56
C4 MPD G . -6.60 3.47 44.42
O4 MPD G . -7.41 4.48 44.98
C5 MPD G . -5.24 3.47 45.10
AS CAC H . 2.09 -24.05 40.35
O1 CAC H . 3.34 -24.54 41.45
O2 CAC H . 1.11 -25.42 39.91
C1 CAC H . 0.96 -22.66 41.17
C2 CAC H . 2.91 -23.25 38.76
PA FAD I . 16.94 -23.16 14.53
O1A FAD I . 18.09 -23.90 13.95
O2A FAD I . 15.67 -24.02 14.43
O5B FAD I . 17.18 -22.70 16.10
C5B FAD I . 16.08 -22.17 16.87
C4B FAD I . 16.61 -21.63 18.18
O4B FAD I . 17.26 -22.69 18.92
C3B FAD I . 17.64 -20.50 18.08
O3B FAD I . 17.48 -19.56 19.15
C2B FAD I . 18.96 -21.23 18.23
O2B FAD I . 20.01 -20.45 18.80
C1B FAD I . 18.58 -22.31 19.23
N9A FAD I . 19.46 -23.47 19.15
C8A FAD I . 20.00 -24.02 18.01
N7A FAD I . 20.82 -25.02 18.23
C5A FAD I . 20.81 -25.15 19.61
C6A FAD I . 21.45 -26.05 20.48
N6A FAD I . 22.30 -27.01 20.07
N1A FAD I . 21.19 -25.94 21.81
C2A FAD I . 20.37 -24.98 22.22
N3A FAD I . 19.71 -24.06 21.50
C4A FAD I . 19.98 -24.21 20.19
N1 FAD I . 20.44 -17.50 6.27
C2 FAD I . 21.17 -17.71 5.12
O2 FAD I . 21.57 -18.84 4.80
N3 FAD I . 21.46 -16.65 4.26
C4 FAD I . 21.04 -15.34 4.42
O4 FAD I . 21.35 -14.49 3.60
C4X FAD I . 20.22 -15.13 5.64
N5 FAD I . 19.73 -13.94 5.85
C5X FAD I . 18.94 -13.76 6.98
C6 FAD I . 18.32 -12.52 7.16
C7 FAD I . 17.47 -12.30 8.24
C7M FAD I . 16.74 -10.98 8.34
C8 FAD I . 17.23 -13.33 9.17
C8M FAD I . 16.33 -13.12 10.35
C9 FAD I . 17.85 -14.56 8.99
C9A FAD I . 18.68 -14.79 7.90
N10 FAD I . 19.24 -16.07 7.64
C10 FAD I . 20.00 -16.28 6.50
C1' FAD I . 18.73 -17.23 8.38
C2' FAD I . 19.42 -17.41 9.73
O2' FAD I . 20.82 -17.64 9.56
C3' FAD I . 18.79 -18.56 10.52
O3' FAD I . 17.54 -18.14 11.06
C4' FAD I . 19.70 -19.06 11.65
O4' FAD I . 20.77 -19.77 11.05
C5' FAD I . 18.94 -19.94 12.63
O5' FAD I . 18.40 -21.04 11.89
P FAD I . 16.84 -21.42 12.16
O1P FAD I . 15.90 -20.32 11.82
O2P FAD I . 16.54 -22.68 11.33
O3P FAD I . 16.71 -21.79 13.71
C1 MRD J . 24.61 -5.18 9.81
C2 MRD J . 25.21 -6.45 9.25
O2 MRD J . 25.23 -6.38 7.82
CM MRD J . 26.63 -6.62 9.75
C3 MRD J . 24.38 -7.64 9.67
C4 MRD J . 23.76 -8.28 8.44
O4 MRD J . 22.51 -8.86 8.81
C5 MRD J . 24.69 -9.34 7.88
C1 MPD K . 39.50 -14.35 10.11
C2 MPD K . 40.87 -14.01 10.65
O2 MPD K . 41.85 -14.82 9.95
CM MPD K . 41.20 -12.54 10.42
C3 MPD K . 40.94 -14.31 12.14
C4 MPD K . 40.50 -15.75 12.41
O4 MPD K . 41.43 -16.64 11.82
C5 MPD K . 40.38 -16.03 13.90
AS CAC L . 37.78 9.41 27.10
O1 CAC L . 37.93 10.96 27.89
O2 CAC L . 37.83 9.62 25.37
C1 CAC L . 36.07 8.58 27.60
C2 CAC L . 39.30 8.28 27.58
AS CAC M . 34.09 -13.28 -13.45
O1 CAC M . 35.32 -12.17 -14.01
O2 CAC M . 33.46 -14.25 -14.75
C1 CAC M . 32.67 -12.24 -12.59
C2 CAC M . 34.88 -14.50 -12.14
PA FAD N . -19.23 22.04 -13.54
O1A FAD N . -18.84 23.46 -13.68
O2A FAD N . -20.20 21.82 -12.34
O5B FAD N . -19.83 21.35 -14.90
C5B FAD N . -20.32 20.00 -14.89
C4B FAD N . -20.70 19.57 -16.29
O4B FAD N . -21.68 20.49 -16.85
C3B FAD N . -19.56 19.51 -17.33
O3B FAD N . -19.89 18.52 -18.32
C2B FAD N . -19.69 20.85 -18.03
O2B FAD N . -19.17 20.86 -19.36
C1B FAD N . -21.21 20.97 -18.10
N9A FAD N . -21.65 22.34 -18.27
C8A FAD N . -21.15 23.44 -17.62
N7A FAD N . -21.72 24.57 -17.97
C5A FAD N . -22.67 24.18 -18.91
C6A FAD N . -23.63 24.91 -19.62
N6A FAD N . -23.81 26.23 -19.50
N1A FAD N . -24.44 24.23 -20.46
C2A FAD N . -24.28 22.90 -20.56
N3A FAD N . -23.41 22.11 -19.93
C4A FAD N . -22.63 22.81 -19.11
N1 FAD N . -8.80 23.31 -11.94
C2 FAD N . -7.95 24.32 -11.60
O2 FAD N . -8.37 25.44 -11.24
N3 FAD N . -6.58 24.07 -11.56
C4 FAD N . -5.95 22.85 -11.78
O4 FAD N . -4.74 22.74 -11.71
C4X FAD N . -6.87 21.78 -12.09
N5 FAD N . -6.40 20.58 -12.26
C5X FAD N . -7.30 19.55 -12.55
C6 FAD N . -6.81 18.26 -12.72
C7 FAD N . -7.67 17.20 -13.01
C7M FAD N . -7.12 15.79 -13.10
C8 FAD N . -9.06 17.45 -13.15
C8M FAD N . -10.01 16.36 -13.55
C9 FAD N . -9.55 18.74 -12.96
C9A FAD N . -8.69 19.78 -12.65
N10 FAD N . -9.16 21.10 -12.44
C10 FAD N . -8.29 22.12 -12.17
C1' FAD N . -10.60 21.30 -12.24
C2' FAD N . -11.34 21.46 -13.57
O2' FAD N . -10.86 22.62 -14.26
C3' FAD N . -12.85 21.60 -13.34
O3' FAD N . -13.38 20.31 -13.03
C4' FAD N . -13.58 22.12 -14.57
O4' FAD N . -13.34 23.52 -14.67
C5' FAD N . -15.06 21.83 -14.48
O5' FAD N . -15.54 22.35 -13.23
P FAD N . -16.62 21.47 -12.39
O1P FAD N . -16.09 20.16 -11.97
O2P FAD N . -17.05 22.33 -11.23
O3P FAD N . -17.93 21.20 -13.26
C1 MRD O . -1.52 16.80 -21.15
C2 MRD O . -1.90 18.22 -20.77
O2 MRD O . -0.84 18.80 -20.01
CM MRD O . -2.10 19.06 -22.01
C3 MRD O . -3.17 18.16 -19.95
C4 MRD O . -3.02 18.80 -18.58
O4 MRD O . -4.13 18.36 -17.78
C5 MRD O . -3.01 20.33 -18.65
C1 MPD P . -2.51 33.12 -28.16
C2 MPD P . -2.29 33.22 -29.67
O2 MPD P . -1.86 34.56 -30.01
CM MPD P . -1.21 32.26 -30.13
C3 MPD P . -3.59 32.91 -30.42
C4 MPD P . -4.83 33.43 -29.72
O4 MPD P . -4.77 34.82 -29.59
C5 MPD P . -6.10 33.05 -30.49
AS CAC Q . 1.73 10.26 -46.18
O1 CAC Q . 1.12 11.29 -47.44
O2 CAC Q . 3.14 9.39 -46.73
C1 CAC Q . 2.24 11.38 -44.65
C2 CAC Q . 0.32 9.00 -45.64
AS CAC R . 11.29 36.49 -8.43
O1 CAC R . 13.01 36.34 -8.64
O2 CAC R . 10.88 37.11 -6.84
C1 CAC R . 10.48 34.73 -8.72
C2 CAC R . 10.56 37.66 -9.80
PA FAD S . -6.04 -13.17 -28.92
O1A FAD S . -6.57 -14.54 -29.11
O2A FAD S . -4.49 -13.21 -29.10
O5B FAD S . -6.71 -12.00 -29.88
C5B FAD S . -6.24 -10.63 -29.85
C4B FAD S . -7.18 -9.73 -30.61
O4B FAD S . -7.36 -10.24 -31.96
C3B FAD S . -8.61 -9.58 -30.04
O3B FAD S . -9.11 -8.28 -30.36
C2B FAD S . -9.39 -10.61 -30.85
O2B FAD S . -10.78 -10.33 -30.99
C1B FAD S . -8.74 -10.43 -32.21
N9A FAD S . -8.91 -11.59 -33.08
C8A FAD S . -8.82 -12.91 -32.73
N7A FAD S . -9.01 -13.74 -33.73
C5A FAD S . -9.24 -12.91 -34.81
C6A FAD S . -9.51 -13.16 -36.16
N6A FAD S . -9.59 -14.39 -36.68
N1A FAD S . -9.68 -12.10 -36.99
C2A FAD S . -9.58 -10.87 -36.48
N3A FAD S . -9.33 -10.50 -35.21
C4A FAD S . -9.17 -11.57 -34.42
N1 FAD S . -10.03 -16.55 -19.68
C2 FAD S . -10.31 -17.76 -19.08
O2 FAD S . -10.03 -18.83 -19.65
N3 FAD S . -10.83 -17.79 -17.78
C4 FAD S . -11.11 -16.70 -16.98
O4 FAD S . -11.56 -16.86 -15.83
C4X FAD S . -10.78 -15.40 -17.64
N5 FAD S . -10.93 -14.29 -16.95
C5X FAD S . -10.58 -13.08 -17.57
C6 FAD S . -10.65 -11.89 -16.84
C7 FAD S . -10.26 -10.68 -17.39
C7M FAD S . -10.19 -9.45 -16.51
C8 FAD S . -9.83 -10.63 -18.74
C8M FAD S . -9.47 -9.32 -19.40
C9 FAD S . -9.76 -11.81 -19.47
C9A FAD S . -10.11 -13.03 -18.90
N10 FAD S . -9.96 -14.25 -19.59
C10 FAD S . -10.26 -15.45 -18.99
C1' FAD S . -9.12 -14.28 -20.80
C2' FAD S . -9.90 -13.89 -22.05
O2' FAD S . -11.01 -14.78 -22.23
C3' FAD S . -8.99 -13.85 -23.28
O3' FAD S . -8.24 -12.64 -23.25
C4' FAD S . -9.73 -13.90 -24.61
O4' FAD S . -10.15 -15.24 -24.84
C5' FAD S . -8.87 -13.38 -25.73
O5' FAD S . -7.67 -14.17 -25.80
P FAD S . -6.24 -13.41 -26.02
O1P FAD S . -5.87 -12.43 -24.98
O2P FAD S . -5.19 -14.54 -26.15
O3P FAD S . -6.34 -12.67 -27.44
C1 MRD T . -19.49 -9.20 -15.99
C2 MRD T . -20.00 -10.62 -16.03
O2 MRD T . -19.84 -11.18 -14.73
CM MRD T . -21.44 -10.65 -16.46
C3 MRD T . -19.17 -11.42 -17.01
C4 MRD T . -18.06 -12.09 -16.23
O4 MRD T . -16.89 -11.28 -16.27
C5 MRD T . -17.78 -13.46 -16.80
C1 MPD U . -28.48 -21.84 -24.12
C2 MPD U . -29.85 -21.54 -24.72
O2 MPD U . -30.46 -22.78 -25.15
CM MPD U . -30.73 -20.89 -23.66
C3 MPD U . -29.73 -20.61 -25.93
C4 MPD U . -28.90 -21.29 -27.00
O4 MPD U . -29.51 -22.52 -27.29
C5 MPD U . -28.80 -20.44 -28.26
AS CAC V . -41.89 4.20 -21.41
O2 CAC V . -43.14 4.42 -22.62
C1 CAC V . -41.45 2.29 -21.25
C2 CAC V . -40.29 5.19 -21.98
AS CAC W . -19.29 -33.24 -4.88
O1 CAC W . -20.17 -33.47 -3.40
O2 CAC W . -17.69 -33.97 -4.81
C1 CAC W . -19.18 -31.32 -5.25
C2 CAC W . -20.28 -34.07 -6.34
#